data_7E4I
#
_entry.id   7E4I
#
_cell.length_a   1.00
_cell.length_b   1.00
_cell.length_c   1.00
_cell.angle_alpha   90.00
_cell.angle_beta   90.00
_cell.angle_gamma   90.00
#
_symmetry.space_group_name_H-M   'P 1'
#
loop_
_entity.id
_entity.type
_entity.pdbx_description
1 polymer 'Sorting assembly machinery 50 kDa subunit'
2 polymer 'Sorting assembly machinery 35 kDa subunit'
3 polymer 'Sorting assembly machinery 37 kDa subunit'
4 polymer 'Mitochondrial import receptor subunit TOM40'
5 polymer 'Mitochondrial import receptor subunit TOM5'
6 polymer 'Mitochondrial import receptor subunit TOM6'
#
loop_
_entity_poly.entity_id
_entity_poly.type
_entity_poly.pdbx_seq_one_letter_code
_entity_poly.pdbx_strand_id
1 'polypeptide(L)'
;MATSSSGVDNEISLDSPMPIFNESSTLKPIRVAGVVTTGTDHIDPSVLQAYLDDTIMKSITLGQLVKNADVLNKRLCQHH
IALNAKQSFHFQGNTYISDEKETHDVVPLMEVVSQLDILPPKTFTAKTGTNFGNDNDAEAYLQFEKLIDKKYLKLPTRVN
LEILRGTKIHSSFLFNSYSSLSPQSILNLKVFSQFYNWNTNKGLDIGQRGARLSLRYEPLFLHKLLHNPHSNESPTLFHE
WFLETCWRSTKICSQGTSAPYMYSGTMLSQAGDQLRTILGHTFVLDKRDHIMCPTKGSMLKWSNELSPGKHLKTQLELNS
VKSWMNDDFITFSTTIKTGYLKNLSSQQSLPVHICDKFQSGGPSDIRGFQTFGLGPRDLYDAVGGDAFVSYGLSVFSRLP
WKKVEKSNFRLHWFFNGGKLVNHDNTSLGNCIGQLSKEHSTSTGIGLVLRHPMARFELNFTLPITAHENDLIRKGFQFGL
GLAFL
;
A
2 'polypeptide(L)'
;MVSSFSVPMPVKRIFDTFPLQTYAAQTDKDEAVALEIQRRSYTFTERGGGSSELTVEGTYKLGVYNVFLEANTGAALATD
PWCLFVQLALCQKNGLVLPTHSQEQTPSHTCNHEMLVLSRLSNPDEALPILVEGYKKRIIRSTVAISEIMRSRILDDAEQ
LMYYTLLDTVLYDCWITQIIFCASDAQFMELYSCQKLSGSIVTPLDVENSLLQKLSAKSLKISLTKRNKFQFRHREIVKS
MQGVYHNHHNSVNQEQVLNVLFENSKQVLLGLKDMLKSDGQPTYLHLKIASYILCITNVKEPIKLKTFVENECKELVQFA
QDTLKNFVQ
;
B
3 'polypeptide(L)'
;MVKGSVHLWGKDGKASLISVDSIALVWFIKLCTSEEAKSMVAGLQIVFSNNTDLSSDGKLPVLILDNGTKVSGYVNIVQF
LHKNICTSKYEKGTDYEEDLAIVRKKDRLLEYSLLNYVDVEISRLTDYQLFLNTKNYNEYTKKLFSKLLYFPMWYNTPLQ
LRSQARENCEEIIGSLTLEDDEEFVESKAMESASQLAQSKTFKIAHKNKIKGKQELQQVKYNLQFDNRLQSCVSNWLAAR
KKLDDSVILSSDLLFLANLYVQLGLPDGNRIRSKLEQTFGSELLNSMSNKIDDFVHRPSNNLEQRDPQFREQGNVVMSLY
NLACKYILEDYKDHDGDYKDHDIDYKDDDDK
;
C
4 'polypeptide(L)'
;MASAPTPLAEASQIPTIPALSPLTAKQSKGNFFSSNPISSFVVDTYKQLHSHRQSLELVNPGTVENLNKEVSRDVFLSQY
FFTGLRADLNKAFSMNPAFQTSHTFSIGSQALPKYAFSALFANDNLFAQGNIDNDLSVSGRLNYGWDKKNISKVNLQISD
GQPTMCQLEQDYQASDFSVNVKTLNPSFSEKGEFTGVAVASFLQSVTPQLALGLETLYSRTDGSAPGDAGVSYLTRYVSK
KQDWIFSGQLQANGALIASLWRKVAQNVEAGIETTLQAGMVPITDPLMGTPIGIQPTVEGSTTIGAKYEYRQSVYRGTLD
SNGKVACFLERKVLPTLSVLFCGEIDHFKNDTKIGCGLQFETAGNQELLMLQQGLDADGNPLQALPQLLESAGKPIPNPL
LGLDST
;
D
5 'polypeptide(L)' MAMFGLPQQEVSEEEKRAHQEQTEKTLKQAAYVAAFLWVSPMIWHLVKKQWK E
6 'polypeptide(L)' MADGMFAMPGAAAGAASPQQPKSRFQAFKESPLYTIALNGAFFVAGVAFIQSPLMDMLAPQL F
#
# COMPACT_ATOMS: atom_id res chain seq x y z
N THR A 26 -34.95 -44.43 32.09
CA THR A 26 -34.74 -45.18 33.32
C THR A 26 -35.06 -44.32 34.54
N LEU A 27 -35.50 -44.97 35.62
CA LEU A 27 -35.85 -44.28 36.85
C LEU A 27 -35.28 -45.03 38.05
N LYS A 28 -34.03 -45.46 37.95
CA LYS A 28 -33.38 -46.18 39.03
C LYS A 28 -32.76 -45.18 40.01
N PRO A 29 -33.14 -45.20 41.29
CA PRO A 29 -32.55 -44.25 42.25
C PRO A 29 -31.09 -44.54 42.50
N ILE A 30 -30.21 -43.62 42.07
CA ILE A 30 -28.77 -43.79 42.17
C ILE A 30 -28.16 -42.53 42.77
N ARG A 31 -27.29 -42.70 43.75
CA ARG A 31 -26.49 -41.61 44.29
C ARG A 31 -25.07 -41.72 43.77
N VAL A 32 -24.39 -40.58 43.69
CA VAL A 32 -23.03 -40.49 43.16
C VAL A 32 -22.11 -40.04 44.27
N ALA A 33 -21.06 -40.83 44.52
CA ALA A 33 -20.07 -40.48 45.54
C ALA A 33 -18.73 -41.08 45.10
N GLY A 34 -17.89 -40.25 44.49
CA GLY A 34 -16.59 -40.70 44.05
C GLY A 34 -16.31 -40.48 42.58
N VAL A 35 -15.26 -39.72 42.28
CA VAL A 35 -14.83 -39.46 40.92
C VAL A 35 -13.35 -39.76 40.83
N VAL A 36 -12.97 -40.63 39.89
CA VAL A 36 -11.58 -40.99 39.66
C VAL A 36 -11.13 -40.23 38.42
N THR A 37 -10.28 -39.22 38.62
CA THR A 37 -9.84 -38.35 37.54
C THR A 37 -8.44 -38.73 37.07
N THR A 38 -8.25 -38.72 35.76
CA THR A 38 -6.95 -39.02 35.16
C THR A 38 -6.63 -37.94 34.13
N GLY A 39 -5.36 -37.54 34.09
CA GLY A 39 -4.92 -36.48 33.21
C GLY A 39 -5.44 -35.11 33.59
N THR A 40 -5.50 -34.82 34.89
CA THR A 40 -5.96 -33.51 35.38
C THR A 40 -4.89 -32.82 36.20
N ASP A 41 -3.62 -33.01 35.83
CA ASP A 41 -2.51 -32.39 36.54
C ASP A 41 -2.28 -30.93 36.13
N HIS A 42 -2.93 -30.46 35.07
CA HIS A 42 -2.79 -29.09 34.63
C HIS A 42 -3.84 -28.16 35.22
N ILE A 43 -4.80 -28.68 35.97
CA ILE A 43 -5.87 -27.90 36.56
C ILE A 43 -5.90 -28.13 38.06
N ASP A 44 -6.17 -27.07 38.81
CA ASP A 44 -6.25 -27.17 40.25
C ASP A 44 -7.42 -28.07 40.66
N PRO A 45 -7.20 -29.01 41.57
CA PRO A 45 -8.33 -29.83 42.04
C PRO A 45 -9.45 -29.01 42.66
N SER A 46 -9.12 -27.92 43.34
CA SER A 46 -10.16 -27.05 43.89
C SER A 46 -10.98 -26.39 42.79
N VAL A 47 -10.41 -26.24 41.59
CA VAL A 47 -11.17 -25.70 40.46
C VAL A 47 -11.99 -26.79 39.78
N LEU A 48 -11.40 -27.97 39.56
CA LEU A 48 -12.14 -29.07 38.94
C LEU A 48 -13.28 -29.56 39.81
N GLN A 49 -13.17 -29.41 41.14
CA GLN A 49 -14.23 -29.87 42.03
C GLN A 49 -15.51 -29.10 41.81
N ALA A 50 -15.41 -27.80 41.54
CA ALA A 50 -16.61 -27.02 41.27
C ALA A 50 -17.33 -27.51 40.03
N TYR A 51 -16.56 -27.74 38.94
CA TYR A 51 -17.14 -28.32 37.74
C TYR A 51 -17.83 -29.64 38.04
N LEU A 52 -17.12 -30.55 38.69
CA LEU A 52 -17.66 -31.89 38.96
C LEU A 52 -18.92 -31.82 39.79
N ASP A 53 -18.88 -31.09 40.91
CA ASP A 53 -20.06 -30.93 41.75
C ASP A 53 -21.23 -30.39 40.93
N ASP A 54 -21.08 -29.19 40.39
CA ASP A 54 -22.21 -28.49 39.79
C ASP A 54 -22.74 -29.20 38.55
N THR A 55 -21.93 -30.05 37.92
CA THR A 55 -22.47 -30.70 36.73
C THR A 55 -22.99 -32.11 37.00
N ILE A 56 -22.35 -32.89 37.85
CA ILE A 56 -22.67 -34.31 37.95
C ILE A 56 -23.00 -34.76 39.37
N MET A 57 -22.60 -34.04 40.42
CA MET A 57 -22.82 -34.52 41.78
C MET A 57 -24.16 -34.06 42.33
N LYS A 58 -25.12 -33.75 41.45
CA LYS A 58 -26.49 -33.49 41.84
C LYS A 58 -27.46 -34.46 41.17
N SER A 59 -26.96 -35.44 40.43
CA SER A 59 -27.83 -36.37 39.73
C SER A 59 -28.51 -37.32 40.71
N ILE A 60 -29.73 -37.74 40.36
CA ILE A 60 -30.51 -38.66 41.18
C ILE A 60 -31.02 -39.86 40.39
N THR A 61 -30.74 -39.94 39.10
CA THR A 61 -31.17 -41.07 38.28
C THR A 61 -30.17 -41.24 37.13
N LEU A 62 -30.27 -42.38 36.45
CA LEU A 62 -29.32 -42.75 35.41
C LEU A 62 -29.40 -41.86 34.18
N GLY A 63 -30.62 -41.52 33.74
CA GLY A 63 -30.75 -40.61 32.61
C GLY A 63 -30.20 -39.24 32.92
N GLN A 64 -30.46 -38.72 34.12
CA GLN A 64 -29.87 -37.46 34.54
C GLN A 64 -28.35 -37.57 34.58
N LEU A 65 -27.83 -38.71 35.04
CA LEU A 65 -26.38 -38.88 35.09
C LEU A 65 -25.77 -38.85 33.69
N VAL A 66 -26.43 -39.50 32.73
CA VAL A 66 -25.93 -39.49 31.35
C VAL A 66 -25.97 -38.08 30.78
N LYS A 67 -27.08 -37.38 30.98
CA LYS A 67 -27.19 -36.01 30.48
C LYS A 67 -26.13 -35.11 31.12
N ASN A 68 -25.91 -35.26 32.41
CA ASN A 68 -24.90 -34.47 33.11
C ASN A 68 -23.50 -34.78 32.62
N ALA A 69 -23.21 -36.06 32.32
CA ALA A 69 -21.92 -36.40 31.76
C ALA A 69 -21.72 -35.74 30.40
N ASP A 70 -22.75 -35.74 29.56
CA ASP A 70 -22.65 -35.06 28.28
C ASP A 70 -22.43 -33.56 28.46
N VAL A 71 -23.15 -32.95 29.40
CA VAL A 71 -22.99 -31.52 29.66
C VAL A 71 -21.58 -31.22 30.14
N LEU A 72 -21.04 -32.06 31.03
CA LEU A 72 -19.68 -31.86 31.52
C LEU A 72 -18.66 -31.98 30.40
N ASN A 73 -18.82 -32.98 29.52
CA ASN A 73 -17.89 -33.12 28.40
C ASN A 73 -17.94 -31.88 27.50
N LYS A 74 -19.15 -31.42 27.17
CA LYS A 74 -19.26 -30.24 26.31
C LYS A 74 -18.66 -29.01 26.97
N ARG A 75 -18.91 -28.82 28.26
CA ARG A 75 -18.39 -27.66 28.96
C ARG A 75 -16.86 -27.69 29.03
N LEU A 76 -16.29 -28.86 29.33
CA LEU A 76 -14.83 -28.96 29.39
C LEU A 76 -14.21 -28.76 28.02
N CYS A 77 -14.89 -29.17 26.95
CA CYS A 77 -14.40 -28.86 25.62
C CYS A 77 -14.47 -27.37 25.34
N GLN A 78 -15.54 -26.71 25.77
CA GLN A 78 -15.70 -25.28 25.50
C GLN A 78 -14.66 -24.45 26.26
N HIS A 79 -14.42 -24.76 27.53
CA HIS A 79 -13.53 -23.95 28.36
C HIS A 79 -12.05 -24.27 28.15
N HIS A 80 -11.72 -25.06 27.14
CA HIS A 80 -10.33 -25.43 26.83
C HIS A 80 -9.63 -26.03 28.04
N ILE A 81 -10.33 -26.92 28.74
CA ILE A 81 -9.71 -27.69 29.81
C ILE A 81 -9.18 -29.02 29.29
N ALA A 82 -9.80 -29.56 28.25
CA ALA A 82 -9.33 -30.79 27.63
C ALA A 82 -9.85 -30.84 26.20
N LEU A 83 -9.01 -31.31 25.27
CA LEU A 83 -9.41 -31.43 23.88
C LEU A 83 -10.29 -32.65 23.63
N ASN A 84 -10.32 -33.59 24.57
CA ASN A 84 -11.15 -34.79 24.45
C ASN A 84 -11.33 -35.42 25.83
N ALA A 85 -12.58 -35.64 26.23
CA ALA A 85 -12.89 -36.16 27.56
C ALA A 85 -13.60 -37.49 27.44
N LYS A 86 -13.17 -38.46 28.24
CA LYS A 86 -13.79 -39.78 28.29
C LYS A 86 -14.40 -39.98 29.67
N GLN A 87 -15.59 -40.58 29.70
CA GLN A 87 -16.31 -40.76 30.95
C GLN A 87 -16.80 -42.20 31.06
N SER A 88 -16.69 -42.75 32.27
CA SER A 88 -17.08 -44.12 32.56
C SER A 88 -18.03 -44.14 33.74
N PHE A 89 -19.15 -44.84 33.58
CA PHE A 89 -20.19 -44.93 34.59
C PHE A 89 -20.51 -46.35 35.02
N HIS A 90 -20.02 -47.36 34.28
CA HIS A 90 -20.40 -48.74 34.56
C HIS A 90 -19.91 -49.23 35.92
N PHE A 91 -18.95 -48.54 36.53
CA PHE A 91 -18.43 -48.94 37.83
C PHE A 91 -19.49 -48.71 38.89
N GLN A 92 -19.70 -49.71 39.75
CA GLN A 92 -20.69 -49.59 40.83
C GLN A 92 -20.00 -49.39 42.17
N LEU A 109 -28.88 -46.72 45.43
CA LEU A 109 -27.60 -47.33 45.13
C LEU A 109 -26.47 -46.31 45.25
N MET A 110 -25.27 -46.72 44.82
CA MET A 110 -24.11 -45.85 44.87
C MET A 110 -23.09 -46.35 43.85
N GLU A 111 -22.39 -45.41 43.22
CA GLU A 111 -21.43 -45.75 42.18
C GLU A 111 -20.35 -44.68 42.10
N VAL A 112 -19.28 -45.02 41.40
CA VAL A 112 -18.11 -44.15 41.23
C VAL A 112 -17.93 -43.87 39.74
N VAL A 113 -17.75 -42.60 39.39
CA VAL A 113 -17.60 -42.18 38.00
C VAL A 113 -16.12 -41.98 37.70
N SER A 114 -15.72 -42.29 36.48
CA SER A 114 -14.35 -42.13 36.03
C SER A 114 -14.27 -41.08 34.94
N GLN A 115 -13.31 -40.17 35.06
CA GLN A 115 -13.10 -39.08 34.10
C GLN A 115 -11.67 -39.12 33.60
N LEU A 116 -11.50 -39.01 32.28
CA LEU A 116 -10.19 -39.03 31.65
C LEU A 116 -10.06 -37.81 30.75
N ASP A 117 -8.99 -37.05 30.92
CA ASP A 117 -8.70 -35.89 30.08
C ASP A 117 -7.53 -36.20 29.15
N ILE A 118 -7.29 -35.29 28.21
CA ILE A 118 -6.30 -35.51 27.17
C ILE A 118 -5.10 -34.57 27.29
N LEU A 119 -5.08 -33.71 28.31
CA LEU A 119 -3.95 -32.82 28.59
C LEU A 119 -3.65 -31.91 27.40
N PRO A 120 -4.47 -30.90 27.16
CA PRO A 120 -4.23 -30.02 26.02
C PRO A 120 -2.87 -29.35 26.15
N PRO A 121 -2.24 -28.99 25.02
CA PRO A 121 -0.84 -28.54 25.06
C PRO A 121 -0.64 -27.22 25.78
N LYS A 122 0.01 -27.28 26.94
CA LYS A 122 0.33 -26.08 27.70
C LYS A 122 1.39 -25.21 27.01
N THR A 123 2.10 -25.74 26.03
CA THR A 123 3.15 -24.99 25.35
C THR A 123 2.53 -24.10 24.26
N PHE A 124 3.40 -23.50 23.45
CA PHE A 124 2.93 -22.61 22.39
C PHE A 124 2.15 -23.38 21.34
N THR A 125 1.16 -22.71 20.76
CA THR A 125 0.36 -23.29 19.67
C THR A 125 0.29 -22.27 18.54
N ALA A 126 0.94 -22.57 17.42
CA ALA A 126 0.93 -21.70 16.26
C ALA A 126 -0.07 -22.22 15.24
N LYS A 127 -0.93 -21.34 14.74
CA LYS A 127 -1.95 -21.73 13.77
C LYS A 127 -2.09 -20.67 12.70
N THR A 128 -2.57 -21.10 11.54
CA THR A 128 -2.97 -20.20 10.47
C THR A 128 -4.41 -20.53 10.09
N GLY A 129 -5.14 -19.51 9.65
CA GLY A 129 -6.56 -19.73 9.40
C GLY A 129 -7.14 -18.70 8.47
N THR A 130 -8.34 -19.01 8.00
CA THR A 130 -9.10 -18.16 7.10
C THR A 130 -10.51 -17.99 7.64
N ASN A 131 -11.05 -16.78 7.49
CA ASN A 131 -12.37 -16.44 7.98
C ASN A 131 -13.15 -15.73 6.88
N PHE A 132 -14.47 -15.87 6.92
CA PHE A 132 -15.36 -15.33 5.90
C PHE A 132 -16.07 -14.09 6.44
N GLY A 133 -15.67 -12.93 5.98
CA GLY A 133 -16.42 -11.72 6.27
C GLY A 133 -17.72 -11.69 5.50
N ASN A 134 -18.73 -11.06 6.11
CA ASN A 134 -20.06 -11.07 5.52
C ASN A 134 -20.12 -10.27 4.23
N ASP A 135 -19.36 -9.17 4.15
CA ASP A 135 -19.43 -8.28 2.98
C ASP A 135 -18.42 -8.69 1.91
N ASN A 136 -18.51 -9.97 1.52
CA ASN A 136 -17.73 -10.52 0.41
C ASN A 136 -16.23 -10.32 0.58
N ASP A 137 -15.74 -10.42 1.82
CA ASP A 137 -14.32 -10.28 2.10
C ASP A 137 -13.83 -11.51 2.86
N ALA A 138 -12.71 -12.07 2.42
CA ALA A 138 -12.10 -13.23 3.05
C ALA A 138 -10.82 -12.81 3.74
N GLU A 139 -10.75 -13.02 5.05
CA GLU A 139 -9.61 -12.61 5.85
C GLU A 139 -8.72 -13.81 6.15
N ALA A 140 -7.43 -13.57 6.26
CA ALA A 140 -6.46 -14.57 6.67
C ALA A 140 -5.77 -14.11 7.95
N TYR A 141 -5.37 -15.06 8.78
CA TYR A 141 -4.80 -14.69 10.06
C TYR A 141 -3.79 -15.74 10.52
N LEU A 142 -2.83 -15.27 11.32
CA LEU A 142 -1.85 -16.09 12.01
C LEU A 142 -2.01 -15.87 13.51
N GLN A 143 -1.94 -16.95 14.28
CA GLN A 143 -2.34 -16.93 15.68
C GLN A 143 -1.34 -17.71 16.52
N PHE A 144 -1.02 -17.16 17.69
CA PHE A 144 -0.12 -17.82 18.66
C PHE A 144 -0.85 -17.89 20.00
N GLU A 145 -0.99 -19.10 20.53
CA GLU A 145 -1.69 -19.37 21.78
C GLU A 145 -0.72 -19.86 22.83
N LYS A 146 -1.00 -19.50 24.09
CA LYS A 146 -0.16 -19.90 25.21
C LYS A 146 -1.04 -20.07 26.44
N LEU A 147 -0.95 -21.23 27.08
CA LEU A 147 -1.67 -21.48 28.32
C LEU A 147 -0.76 -21.21 29.52
N ILE A 148 -1.31 -20.57 30.53
CA ILE A 148 -0.55 -20.16 31.71
C ILE A 148 -0.63 -21.26 32.75
N ASP A 149 0.52 -21.62 33.32
CA ASP A 149 0.59 -22.73 34.28
C ASP A 149 -0.17 -22.38 35.56
N LYS A 150 -0.64 -23.43 36.23
CA LYS A 150 -1.49 -23.25 37.41
C LYS A 150 -0.75 -22.65 38.59
N LYS A 151 0.58 -22.68 38.61
CA LYS A 151 1.31 -22.12 39.74
C LYS A 151 1.32 -20.60 39.71
N TYR A 152 1.00 -19.99 38.58
CA TYR A 152 0.87 -18.53 38.51
C TYR A 152 -0.56 -18.08 38.75
N LEU A 153 -1.49 -18.56 37.93
CA LEU A 153 -2.92 -18.26 38.08
C LEU A 153 -3.67 -19.56 38.34
N LYS A 154 -4.41 -19.60 39.44
CA LYS A 154 -5.15 -20.81 39.80
C LYS A 154 -6.40 -21.01 38.95
N LEU A 155 -6.83 -19.99 38.22
CA LEU A 155 -7.94 -20.00 37.27
C LEU A 155 -7.43 -20.25 35.86
N PRO A 156 -8.04 -21.19 35.14
CA PRO A 156 -7.59 -21.50 33.77
C PRO A 156 -7.51 -20.26 32.88
N THR A 157 -6.31 -19.91 32.47
CA THR A 157 -6.06 -18.68 31.71
C THR A 157 -5.36 -19.01 30.41
N ARG A 158 -5.63 -18.19 29.40
CA ARG A 158 -5.10 -18.40 28.06
C ARG A 158 -4.82 -17.06 27.42
N VAL A 159 -3.74 -16.97 26.64
CA VAL A 159 -3.33 -15.72 26.01
C VAL A 159 -3.04 -16.00 24.54
N ASN A 160 -3.63 -15.23 23.64
CA ASN A 160 -3.37 -15.40 22.22
C ASN A 160 -3.07 -14.06 21.57
N LEU A 161 -2.23 -14.11 20.55
CA LEU A 161 -1.84 -12.97 19.74
C LEU A 161 -2.14 -13.29 18.28
N GLU A 162 -2.80 -12.37 17.59
CA GLU A 162 -3.27 -12.62 16.24
C GLU A 162 -2.88 -11.47 15.31
N ILE A 163 -2.39 -11.83 14.14
CA ILE A 163 -2.08 -10.88 13.07
C ILE A 163 -2.94 -11.23 11.87
N LEU A 164 -3.72 -10.27 11.39
CA LEU A 164 -4.74 -10.54 10.39
C LEU A 164 -4.65 -9.56 9.23
N ARG A 165 -4.83 -10.10 8.03
CA ARG A 165 -4.93 -9.31 6.80
C ARG A 165 -6.19 -9.75 6.06
N GLY A 166 -6.56 -9.00 5.04
CA GLY A 166 -7.78 -9.33 4.33
C GLY A 166 -7.98 -8.46 3.11
N THR A 167 -9.14 -8.65 2.49
CA THR A 167 -9.49 -7.89 1.29
C THR A 167 -9.57 -6.39 1.59
N LYS A 168 -10.49 -6.00 2.46
CA LYS A 168 -10.60 -4.60 2.87
C LYS A 168 -9.80 -4.30 4.13
N ILE A 169 -9.48 -5.32 4.93
CA ILE A 169 -8.72 -5.12 6.15
C ILE A 169 -7.27 -4.82 5.76
N HIS A 170 -6.86 -3.55 5.92
CA HIS A 170 -5.46 -3.21 5.69
C HIS A 170 -4.55 -3.97 6.64
N SER A 171 -4.89 -3.99 7.93
CA SER A 171 -4.11 -4.73 8.90
C SER A 171 -4.91 -4.84 10.19
N SER A 172 -4.61 -5.88 10.97
CA SER A 172 -5.20 -6.01 12.30
C SER A 172 -4.23 -6.71 13.23
N PHE A 173 -4.01 -6.13 14.41
CA PHE A 173 -3.27 -6.77 15.49
C PHE A 173 -4.20 -6.92 16.68
N LEU A 174 -4.33 -8.15 17.18
CA LEU A 174 -5.24 -8.48 18.27
C LEU A 174 -4.48 -9.17 19.38
N PHE A 175 -4.76 -8.81 20.62
CA PHE A 175 -4.23 -9.51 21.79
C PHE A 175 -5.41 -9.86 22.69
N ASN A 176 -5.66 -11.16 22.86
CA ASN A 176 -6.80 -11.64 23.64
C ASN A 176 -6.30 -12.40 24.86
N SER A 177 -6.97 -12.21 25.99
CA SER A 177 -6.69 -12.94 27.22
C SER A 177 -8.01 -13.46 27.78
N TYR A 178 -8.11 -14.78 27.93
CA TYR A 178 -9.31 -15.43 28.43
C TYR A 178 -9.06 -16.03 29.80
N SER A 179 -10.04 -15.90 30.69
CA SER A 179 -9.95 -16.42 32.04
C SER A 179 -11.27 -17.07 32.42
N SER A 180 -11.23 -18.32 32.88
CA SER A 180 -12.43 -19.07 33.22
C SER A 180 -12.70 -18.86 34.71
N LEU A 181 -13.44 -17.78 35.01
CA LEU A 181 -13.73 -17.44 36.40
C LEU A 181 -14.66 -18.45 37.08
N SER A 182 -15.43 -19.21 36.30
CA SER A 182 -16.43 -20.11 36.85
C SER A 182 -16.77 -21.15 35.78
N PRO A 183 -17.36 -22.28 36.18
CA PRO A 183 -17.83 -23.24 35.16
C PRO A 183 -18.93 -22.71 34.25
N GLN A 184 -19.53 -21.57 34.58
CA GLN A 184 -20.59 -20.99 33.76
C GLN A 184 -20.36 -19.49 33.59
N SER A 185 -19.11 -19.08 33.44
CA SER A 185 -18.77 -17.67 33.31
C SER A 185 -17.34 -17.56 32.81
N ILE A 186 -17.11 -16.60 31.91
CA ILE A 186 -15.77 -16.39 31.35
C ILE A 186 -15.52 -14.90 31.19
N LEU A 187 -14.24 -14.51 31.26
CA LEU A 187 -13.84 -13.12 31.19
C LEU A 187 -12.80 -12.96 30.09
N ASN A 188 -12.98 -11.96 29.23
CA ASN A 188 -12.09 -11.73 28.10
C ASN A 188 -11.58 -10.30 28.14
N LEU A 189 -10.30 -10.13 27.85
CA LEU A 189 -9.69 -8.81 27.69
C LEU A 189 -9.06 -8.74 26.31
N LYS A 190 -9.50 -7.79 25.50
CA LYS A 190 -9.03 -7.67 24.12
C LYS A 190 -8.40 -6.31 23.90
N VAL A 191 -7.23 -6.30 23.26
CA VAL A 191 -6.54 -5.07 22.87
C VAL A 191 -6.33 -5.13 21.37
N PHE A 192 -6.85 -4.13 20.66
CA PHE A 192 -6.92 -4.19 19.21
C PHE A 192 -6.36 -2.94 18.57
N SER A 193 -5.76 -3.13 17.39
CA SER A 193 -5.35 -2.03 16.52
C SER A 193 -5.56 -2.48 15.09
N GLN A 194 -6.52 -1.87 14.39
CA GLN A 194 -6.89 -2.35 13.07
C GLN A 194 -7.22 -1.20 12.12
N PHE A 195 -6.77 -1.33 10.89
CA PHE A 195 -7.00 -0.35 9.83
C PHE A 195 -7.63 -1.04 8.64
N TYR A 196 -8.65 -0.42 8.05
CA TYR A 196 -9.39 -1.03 6.96
C TYR A 196 -10.11 0.05 6.15
N ASN A 197 -10.79 -0.38 5.09
CA ASN A 197 -11.63 0.47 4.26
C ASN A 197 -13.09 0.07 4.41
N TRP A 198 -13.98 1.06 4.43
CA TRP A 198 -15.36 0.82 4.85
C TRP A 198 -16.38 1.02 3.74
N ASN A 199 -16.44 2.20 3.11
CA ASN A 199 -17.61 2.56 2.34
C ASN A 199 -17.48 2.09 0.88
N THR A 200 -18.37 2.57 0.02
CA THR A 200 -18.40 2.14 -1.37
C THR A 200 -17.11 2.52 -2.09
N ASN A 201 -16.65 1.63 -2.97
CA ASN A 201 -15.39 1.78 -3.69
C ASN A 201 -14.21 1.99 -2.75
N LYS A 202 -14.33 1.52 -1.50
CA LYS A 202 -13.34 1.77 -0.47
C LYS A 202 -13.05 3.26 -0.33
N GLY A 203 -14.12 4.06 -0.33
CA GLY A 203 -13.95 5.50 -0.29
C GLY A 203 -13.37 6.00 1.02
N LEU A 204 -13.78 5.40 2.14
CA LEU A 204 -13.32 5.81 3.45
C LEU A 204 -12.19 4.91 3.94
N ASP A 205 -11.50 5.38 4.97
CA ASP A 205 -10.41 4.65 5.59
C ASP A 205 -10.55 4.81 7.10
N ILE A 206 -10.78 3.70 7.80
CA ILE A 206 -11.07 3.72 9.22
C ILE A 206 -9.95 3.02 9.97
N GLY A 207 -9.41 3.69 10.98
CA GLY A 207 -8.43 3.09 11.86
C GLY A 207 -8.84 3.16 13.31
N GLN A 208 -8.83 2.03 14.01
CA GLN A 208 -9.31 1.94 15.38
C GLN A 208 -8.20 1.38 16.26
N ARG A 209 -8.03 1.98 17.44
CA ARG A 209 -7.08 1.50 18.42
C ARG A 209 -7.72 1.57 19.80
N GLY A 210 -7.66 0.48 20.56
CA GLY A 210 -8.20 0.54 21.90
C GLY A 210 -8.29 -0.82 22.55
N ALA A 211 -9.19 -0.91 23.53
CA ALA A 211 -9.28 -2.11 24.35
C ALA A 211 -10.68 -2.26 24.93
N ARG A 212 -11.10 -3.51 25.08
CA ARG A 212 -12.38 -3.81 25.69
C ARG A 212 -12.26 -4.96 26.69
N LEU A 213 -13.18 -4.98 27.64
CA LEU A 213 -13.27 -6.01 28.66
C LEU A 213 -14.70 -6.55 28.65
N SER A 214 -14.81 -7.87 28.52
CA SER A 214 -16.11 -8.52 28.34
C SER A 214 -16.26 -9.66 29.32
N LEU A 215 -17.51 -9.91 29.71
CA LEU A 215 -17.87 -11.02 30.60
C LEU A 215 -19.04 -11.75 29.98
N ARG A 216 -18.86 -13.05 29.74
CA ARG A 216 -19.89 -13.90 29.14
C ARG A 216 -20.42 -14.88 30.18
N TYR A 217 -21.74 -14.93 30.30
CA TYR A 217 -22.42 -15.81 31.24
C TYR A 217 -23.30 -16.78 30.46
N GLU A 218 -23.15 -18.08 30.75
CA GLU A 218 -23.90 -19.11 30.05
C GLU A 218 -24.33 -20.19 31.03
N PRO A 219 -25.62 -20.23 31.39
CA PRO A 219 -26.08 -21.21 32.38
C PRO A 219 -25.91 -22.65 31.89
N LEU A 220 -25.68 -23.54 32.84
CA LEU A 220 -25.50 -24.96 32.51
C LEU A 220 -26.82 -25.60 32.09
N PHE A 221 -27.89 -25.33 32.84
CA PHE A 221 -29.19 -25.93 32.58
C PHE A 221 -30.25 -24.85 32.50
N LEU A 222 -31.16 -24.98 31.55
CA LEU A 222 -32.29 -24.06 31.43
C LEU A 222 -33.42 -24.48 32.37
N HIS A 223 -34.29 -23.52 32.66
CA HIS A 223 -35.29 -23.70 33.71
C HIS A 223 -36.64 -24.16 33.15
N LYS A 224 -36.63 -25.38 32.61
CA LYS A 224 -37.81 -26.20 32.32
C LYS A 224 -38.73 -25.61 31.25
N LEU A 225 -38.42 -24.45 30.70
CA LEU A 225 -39.28 -23.80 29.72
C LEU A 225 -38.62 -23.56 28.38
N LEU A 226 -37.35 -23.17 28.38
CA LEU A 226 -36.65 -22.83 27.15
C LEU A 226 -35.96 -24.05 26.56
N ASN A 232 -35.39 -33.64 24.65
CA ASN A 232 -34.17 -34.21 24.09
C ASN A 232 -33.52 -33.24 23.12
N GLU A 233 -33.25 -32.03 23.60
CA GLU A 233 -32.63 -30.98 22.80
C GLU A 233 -31.67 -30.20 23.69
N SER A 234 -30.81 -29.41 23.05
CA SER A 234 -29.79 -28.61 23.74
C SER A 234 -29.87 -27.17 23.25
N PRO A 235 -30.85 -26.40 23.71
CA PRO A 235 -30.91 -24.99 23.34
C PRO A 235 -29.72 -24.22 23.89
N THR A 236 -29.32 -23.17 23.17
CA THR A 236 -28.20 -22.33 23.56
C THR A 236 -28.73 -21.01 24.09
N LEU A 237 -28.19 -20.56 25.23
CA LEU A 237 -28.60 -19.28 25.79
C LEU A 237 -27.40 -18.65 26.47
N PHE A 238 -27.12 -17.39 26.14
CA PHE A 238 -26.05 -16.70 26.85
C PHE A 238 -26.26 -15.19 26.86
N HIS A 239 -25.61 -14.56 27.86
CA HIS A 239 -25.54 -13.12 28.02
C HIS A 239 -24.09 -12.68 27.93
N GLU A 240 -23.88 -11.46 27.48
CA GLU A 240 -22.53 -10.90 27.41
C GLU A 240 -22.59 -9.41 27.72
N TRP A 241 -21.76 -8.98 28.67
CA TRP A 241 -21.64 -7.57 29.03
C TRP A 241 -20.23 -7.09 28.72
N PHE A 242 -20.10 -6.01 27.97
CA PHE A 242 -18.79 -5.53 27.59
C PHE A 242 -18.67 -4.02 27.81
N LEU A 243 -17.43 -3.59 28.04
CA LEU A 243 -17.07 -2.18 28.18
C LEU A 243 -15.85 -1.92 27.32
N GLU A 244 -15.95 -0.96 26.40
CA GLU A 244 -14.93 -0.74 25.39
C GLU A 244 -14.52 0.72 25.34
N THR A 245 -13.23 0.96 25.10
CA THR A 245 -12.70 2.30 24.84
C THR A 245 -11.92 2.25 23.54
N CYS A 246 -12.14 3.25 22.69
CA CYS A 246 -11.57 3.22 21.35
C CYS A 246 -11.29 4.63 20.83
N TRP A 247 -10.15 4.79 20.18
CA TRP A 247 -9.78 5.99 19.44
C TRP A 247 -9.84 5.65 17.95
N ARG A 248 -10.65 6.39 17.21
CA ARG A 248 -10.95 6.09 15.82
C ARG A 248 -10.65 7.28 14.93
N SER A 249 -9.97 7.02 13.82
CA SER A 249 -9.62 8.01 12.82
C SER A 249 -10.29 7.66 11.51
N THR A 250 -10.96 8.64 10.91
CA THR A 250 -11.67 8.49 9.65
C THR A 250 -11.08 9.41 8.61
N LYS A 251 -10.68 8.84 7.48
CA LYS A 251 -10.05 9.60 6.39
C LYS A 251 -10.80 9.35 5.10
N ILE A 252 -10.85 10.36 4.24
CA ILE A 252 -11.47 10.23 2.93
C ILE A 252 -10.38 9.81 1.95
N CYS A 253 -10.29 8.50 1.69
CA CYS A 253 -9.28 7.95 0.80
C CYS A 253 -9.85 7.77 -0.60
N SER A 254 -10.21 8.91 -1.20
CA SER A 254 -10.82 8.91 -2.52
C SER A 254 -10.35 10.15 -3.26
N GLN A 255 -9.89 9.97 -4.50
CA GLN A 255 -9.34 11.07 -5.27
C GLN A 255 -10.44 12.05 -5.66
N GLY A 256 -10.19 13.33 -5.42
CA GLY A 256 -11.16 14.35 -5.77
C GLY A 256 -11.31 14.58 -7.26
N THR A 257 -10.29 14.23 -8.05
CA THR A 257 -10.40 14.33 -9.50
C THR A 257 -11.16 13.15 -10.08
N SER A 258 -11.29 12.06 -9.32
CA SER A 258 -11.93 10.85 -9.84
C SER A 258 -13.43 11.06 -10.04
N ALA A 259 -14.11 11.58 -9.03
CA ALA A 259 -15.57 11.68 -9.06
C ALA A 259 -16.01 12.57 -7.92
N PRO A 260 -17.26 13.06 -7.94
CA PRO A 260 -17.79 13.81 -6.80
C PRO A 260 -18.28 12.93 -5.66
N TYR A 261 -17.99 11.64 -5.68
CA TYR A 261 -18.38 10.75 -4.60
C TYR A 261 -17.45 10.91 -3.41
N MET A 262 -18.02 10.83 -2.21
CA MET A 262 -17.38 10.97 -0.89
C MET A 262 -17.02 12.41 -0.57
N TYR A 263 -17.46 13.39 -1.36
CA TYR A 263 -17.15 14.78 -1.11
C TYR A 263 -18.42 15.60 -0.90
N SER A 264 -19.46 14.98 -0.36
CA SER A 264 -20.66 15.71 0.02
C SER A 264 -20.40 16.49 1.31
N GLY A 265 -21.33 17.39 1.62
CA GLY A 265 -21.18 18.20 2.82
C GLY A 265 -21.21 17.37 4.09
N THR A 266 -21.99 16.31 4.10
CA THR A 266 -22.07 15.44 5.28
C THR A 266 -20.77 14.66 5.47
N MET A 267 -20.20 14.13 4.39
CA MET A 267 -19.02 13.28 4.50
C MET A 267 -17.75 14.06 4.78
N LEU A 268 -17.71 15.35 4.44
CA LEU A 268 -16.53 16.15 4.72
C LEU A 268 -16.37 16.41 6.22
N SER A 269 -17.48 16.52 6.94
CA SER A 269 -17.45 16.80 8.38
C SER A 269 -17.32 15.53 9.22
N GLN A 270 -17.28 14.35 8.61
CA GLN A 270 -17.11 13.13 9.36
C GLN A 270 -15.65 12.75 9.55
N ALA A 271 -14.77 13.16 8.64
CA ALA A 271 -13.36 12.80 8.74
C ALA A 271 -12.72 13.48 9.94
N GLY A 272 -11.87 12.74 10.65
CA GLY A 272 -11.19 13.29 11.80
C GLY A 272 -10.93 12.21 12.83
N ASP A 273 -10.59 12.66 14.04
CA ASP A 273 -10.25 11.77 15.15
C ASP A 273 -11.29 11.91 16.24
N GLN A 274 -11.63 10.79 16.88
CA GLN A 274 -12.53 10.85 18.03
C GLN A 274 -12.27 9.68 18.98
N LEU A 275 -12.40 9.95 20.27
CA LEU A 275 -12.24 8.96 21.31
C LEU A 275 -13.57 8.74 22.00
N ARG A 276 -13.90 7.47 22.27
CA ARG A 276 -15.20 7.16 22.86
C ARG A 276 -15.09 5.95 23.76
N THR A 277 -16.09 5.82 24.63
CA THR A 277 -16.23 4.68 25.52
C THR A 277 -17.70 4.25 25.51
N ILE A 278 -17.92 2.94 25.42
CA ILE A 278 -19.27 2.41 25.27
C ILE A 278 -19.47 1.21 26.19
N LEU A 279 -20.67 1.11 26.76
CA LEU A 279 -21.14 -0.07 27.45
C LEU A 279 -22.09 -0.84 26.53
N GLY A 280 -22.12 -2.15 26.68
CA GLY A 280 -22.94 -2.94 25.77
C GLY A 280 -23.38 -4.24 26.40
N HIS A 281 -24.57 -4.70 25.98
CA HIS A 281 -25.16 -5.95 26.42
C HIS A 281 -25.66 -6.72 25.22
N THR A 282 -25.51 -8.04 25.26
CA THR A 282 -25.95 -8.92 24.19
C THR A 282 -26.60 -10.15 24.79
N PHE A 283 -27.76 -10.53 24.28
CA PHE A 283 -28.46 -11.74 24.70
C PHE A 283 -28.76 -12.58 23.48
N VAL A 284 -28.41 -13.86 23.53
CA VAL A 284 -28.66 -14.77 22.42
C VAL A 284 -29.36 -16.01 22.94
N LEU A 285 -30.46 -16.39 22.27
CA LEU A 285 -31.19 -17.62 22.57
C LEU A 285 -31.44 -18.35 21.26
N ASP A 286 -30.76 -19.48 21.08
CA ASP A 286 -30.78 -20.24 19.82
C ASP A 286 -31.36 -21.62 20.11
N LYS A 287 -32.64 -21.80 19.79
CA LYS A 287 -33.31 -23.10 19.86
C LYS A 287 -33.35 -23.76 18.48
N ARG A 288 -32.16 -23.97 17.90
CA ARG A 288 -32.04 -24.60 16.60
C ARG A 288 -31.18 -25.84 16.69
N ASP A 289 -31.38 -26.75 15.73
CA ASP A 289 -30.61 -27.98 15.67
C ASP A 289 -29.27 -27.84 14.98
N HIS A 290 -29.02 -26.70 14.31
CA HIS A 290 -27.74 -26.44 13.69
C HIS A 290 -27.60 -24.94 13.51
N ILE A 291 -26.35 -24.47 13.46
CA ILE A 291 -26.05 -23.04 13.39
C ILE A 291 -26.05 -22.60 11.93
N MET A 292 -25.44 -23.41 11.06
CA MET A 292 -25.29 -23.04 9.65
C MET A 292 -26.30 -23.71 8.74
N CYS A 293 -26.85 -24.87 9.14
CA CYS A 293 -27.84 -25.60 8.35
C CYS A 293 -29.05 -25.91 9.22
N PRO A 294 -29.87 -24.92 9.56
CA PRO A 294 -31.07 -25.19 10.35
C PRO A 294 -32.07 -26.00 9.56
N THR A 295 -32.85 -26.80 10.28
CA THR A 295 -33.93 -27.57 9.68
C THR A 295 -35.23 -27.33 10.42
N LYS A 296 -35.12 -26.80 11.64
CA LYS A 296 -36.29 -26.54 12.47
C LYS A 296 -35.88 -25.68 13.67
N GLY A 297 -36.74 -24.74 14.03
CA GLY A 297 -36.56 -24.02 15.26
C GLY A 297 -36.36 -22.52 15.03
N SER A 298 -36.23 -21.80 16.14
CA SER A 298 -36.16 -20.35 16.14
C SER A 298 -34.94 -19.85 16.89
N MET A 299 -34.53 -18.63 16.57
CA MET A 299 -33.38 -17.98 17.17
C MET A 299 -33.69 -16.51 17.39
N LEU A 300 -33.24 -15.97 18.53
CA LEU A 300 -33.47 -14.59 18.91
C LEU A 300 -32.17 -13.96 19.39
N LYS A 301 -31.89 -12.75 18.89
CA LYS A 301 -30.70 -12.01 19.28
C LYS A 301 -31.09 -10.58 19.64
N TRP A 302 -30.57 -10.08 20.76
CA TRP A 302 -30.88 -8.74 21.24
C TRP A 302 -29.57 -8.05 21.60
N SER A 303 -29.40 -6.81 21.12
CA SER A 303 -28.18 -6.05 21.37
C SER A 303 -28.54 -4.65 21.85
N ASN A 304 -27.87 -4.20 22.91
CA ASN A 304 -28.02 -2.84 23.42
C ASN A 304 -26.64 -2.22 23.57
N GLU A 305 -26.51 -0.96 23.17
CA GLU A 305 -25.27 -0.22 23.30
C GLU A 305 -25.56 1.18 23.82
N LEU A 306 -24.70 1.66 24.71
CA LEU A 306 -24.88 2.97 25.33
C LEU A 306 -23.54 3.70 25.34
N SER A 307 -23.50 4.86 24.70
CA SER A 307 -22.40 5.80 24.88
C SER A 307 -22.93 6.90 25.78
N PRO A 308 -22.50 6.97 27.04
CA PRO A 308 -23.20 7.80 28.03
C PRO A 308 -23.19 9.27 27.64
N GLY A 309 -24.38 9.86 27.61
CA GLY A 309 -24.54 11.23 27.17
C GLY A 309 -24.36 11.44 25.69
N LYS A 310 -24.15 10.38 24.92
CA LYS A 310 -23.96 10.50 23.48
C LYS A 310 -25.03 9.78 22.67
N HIS A 311 -25.24 8.48 22.89
CA HIS A 311 -26.27 7.80 22.09
C HIS A 311 -26.66 6.47 22.74
N LEU A 312 -27.79 5.96 22.28
CA LEU A 312 -28.33 4.68 22.74
C LEU A 312 -28.87 3.91 21.54
N LYS A 313 -28.35 2.69 21.33
CA LYS A 313 -28.72 1.87 20.19
C LYS A 313 -29.32 0.56 20.66
N THR A 314 -30.40 0.13 20.01
CA THR A 314 -31.05 -1.13 20.31
C THR A 314 -31.30 -1.87 19.00
N GLN A 315 -31.10 -3.19 19.02
CA GLN A 315 -31.22 -3.98 17.81
C GLN A 315 -31.77 -5.35 18.17
N LEU A 316 -32.72 -5.83 17.36
CA LEU A 316 -33.38 -7.11 17.60
C LEU A 316 -33.43 -7.90 16.31
N GLU A 317 -33.25 -9.22 16.42
CA GLU A 317 -33.26 -10.09 15.25
C GLU A 317 -33.92 -11.42 15.60
N LEU A 318 -34.90 -11.81 14.79
CA LEU A 318 -35.60 -13.09 14.97
C LEU A 318 -35.50 -13.91 13.69
N ASN A 319 -35.25 -15.21 13.85
CA ASN A 319 -35.19 -16.14 12.73
C ASN A 319 -35.99 -17.38 13.07
N SER A 320 -36.69 -17.93 12.08
CA SER A 320 -37.51 -19.12 12.27
C SER A 320 -37.44 -20.01 11.03
N VAL A 321 -37.12 -21.28 11.23
CA VAL A 321 -36.93 -22.23 10.15
C VAL A 321 -37.85 -23.42 10.37
N LYS A 322 -38.49 -23.90 9.30
CA LYS A 322 -39.38 -25.05 9.40
C LYS A 322 -39.28 -25.89 8.13
N SER A 323 -39.15 -27.21 8.30
CA SER A 323 -39.16 -28.15 7.18
C SER A 323 -40.46 -28.95 7.18
N TRP A 324 -40.86 -29.40 5.99
CA TRP A 324 -42.17 -30.02 5.85
C TRP A 324 -42.15 -31.44 5.29
N MET A 325 -41.30 -31.71 4.30
CA MET A 325 -41.37 -32.96 3.56
C MET A 325 -40.58 -34.07 4.27
N ASN A 326 -40.58 -35.25 3.64
CA ASN A 326 -40.04 -36.45 4.28
C ASN A 326 -38.57 -36.31 4.61
N ASP A 327 -37.77 -35.82 3.66
CA ASP A 327 -36.33 -35.72 3.82
C ASP A 327 -35.84 -34.29 3.75
N ASP A 328 -36.57 -33.37 4.40
CA ASP A 328 -36.23 -31.95 4.43
C ASP A 328 -36.15 -31.38 3.02
N PHE A 329 -37.08 -31.81 2.16
CA PHE A 329 -37.07 -31.38 0.77
C PHE A 329 -37.43 -29.91 0.63
N ILE A 330 -38.41 -29.44 1.41
CA ILE A 330 -38.88 -28.06 1.35
C ILE A 330 -38.64 -27.43 2.71
N THR A 331 -37.85 -26.36 2.74
CA THR A 331 -37.56 -25.62 3.97
C THR A 331 -38.01 -24.17 3.79
N PHE A 332 -38.60 -23.61 4.85
CA PHE A 332 -39.11 -22.25 4.84
C PHE A 332 -38.46 -21.49 5.99
N SER A 333 -37.77 -20.40 5.66
CA SER A 333 -37.03 -19.62 6.65
C SER A 333 -37.52 -18.18 6.61
N THR A 334 -37.79 -17.62 7.78
CA THR A 334 -38.27 -16.25 7.91
C THR A 334 -37.35 -15.50 8.86
N THR A 335 -36.88 -14.34 8.43
CA THR A 335 -35.98 -13.50 9.22
C THR A 335 -36.56 -12.11 9.32
N ILE A 336 -36.50 -11.51 10.50
CA ILE A 336 -36.98 -10.15 10.71
C ILE A 336 -36.04 -9.43 11.66
N LYS A 337 -35.52 -8.28 11.22
CA LYS A 337 -34.59 -7.50 12.02
C LYS A 337 -35.13 -6.08 12.18
N THR A 338 -34.94 -5.51 13.37
CA THR A 338 -35.33 -4.14 13.66
C THR A 338 -34.22 -3.45 14.45
N GLY A 339 -34.15 -2.13 14.31
CA GLY A 339 -33.14 -1.38 15.02
C GLY A 339 -33.53 0.07 15.20
N TYR A 340 -33.17 0.62 16.35
CA TYR A 340 -33.51 1.99 16.73
C TYR A 340 -32.34 2.66 17.42
N LEU A 341 -32.01 3.88 17.00
CA LEU A 341 -30.89 4.64 17.54
C LEU A 341 -31.39 6.01 17.99
N LYS A 342 -30.99 6.44 19.19
CA LYS A 342 -31.41 7.70 19.76
C LYS A 342 -30.19 8.52 20.18
N ASN A 343 -30.24 9.82 19.92
CA ASN A 343 -29.17 10.74 20.29
C ASN A 343 -29.49 11.35 21.64
N LEU A 344 -28.67 11.04 22.64
CA LEU A 344 -28.87 11.52 24.00
C LEU A 344 -28.26 12.89 24.25
N SER A 345 -27.55 13.45 23.28
CA SER A 345 -26.91 14.75 23.48
C SER A 345 -27.95 15.86 23.54
N SER A 346 -27.60 16.94 24.24
CA SER A 346 -28.53 18.05 24.43
C SER A 346 -28.66 18.86 23.15
N GLN A 347 -29.90 19.28 22.85
CA GLN A 347 -30.21 20.16 21.73
C GLN A 347 -29.71 19.61 20.40
N GLN A 348 -29.68 18.28 20.27
CA GLN A 348 -29.23 17.61 19.05
C GLN A 348 -27.79 18.00 18.70
N SER A 349 -26.98 18.27 19.72
CA SER A 349 -25.56 18.48 19.51
C SER A 349 -24.85 17.14 19.38
N LEU A 350 -23.53 17.18 19.22
CA LEU A 350 -22.69 15.98 19.17
C LEU A 350 -23.22 14.96 18.15
N PRO A 351 -23.06 15.21 16.86
CA PRO A 351 -23.63 14.30 15.85
C PRO A 351 -23.07 12.90 15.98
N VAL A 352 -23.91 11.92 15.68
CA VAL A 352 -23.50 10.52 15.70
C VAL A 352 -22.68 10.22 14.45
N HIS A 353 -21.58 9.50 14.63
CA HIS A 353 -20.68 9.23 13.52
C HIS A 353 -21.34 8.33 12.49
N ILE A 354 -20.85 8.44 11.24
CA ILE A 354 -21.43 7.67 10.14
C ILE A 354 -21.25 6.18 10.35
N CYS A 355 -20.22 5.77 11.10
CA CYS A 355 -19.96 4.36 11.34
C CYS A 355 -20.83 3.77 12.45
N ASP A 356 -21.55 4.60 13.20
CA ASP A 356 -22.44 4.13 14.24
C ASP A 356 -23.91 4.10 13.80
N LYS A 357 -24.20 4.47 12.56
CA LYS A 357 -25.55 4.46 12.06
C LYS A 357 -25.85 3.17 11.30
N PHE A 358 -27.14 2.92 11.08
CA PHE A 358 -27.56 1.71 10.39
C PHE A 358 -27.40 1.86 8.87
N GLN A 359 -27.14 0.73 8.22
CA GLN A 359 -27.03 0.68 6.77
C GLN A 359 -27.87 -0.47 6.24
N SER A 360 -28.50 -0.26 5.09
CA SER A 360 -29.34 -1.27 4.48
C SER A 360 -28.94 -1.48 3.03
N GLY A 361 -29.26 -2.65 2.50
CA GLY A 361 -28.89 -3.04 1.17
C GLY A 361 -27.59 -3.82 1.13
N GLY A 362 -27.45 -4.67 0.13
CA GLY A 362 -26.26 -5.46 -0.02
C GLY A 362 -26.56 -6.91 -0.36
N PRO A 363 -25.54 -7.65 -0.81
CA PRO A 363 -25.76 -9.07 -1.13
C PRO A 363 -26.20 -9.89 0.07
N SER A 364 -25.85 -9.47 1.27
CA SER A 364 -26.24 -10.20 2.48
C SER A 364 -27.52 -9.64 3.09
N ASP A 365 -27.63 -8.31 3.20
CA ASP A 365 -28.74 -7.71 3.92
C ASP A 365 -30.03 -7.79 3.10
N ILE A 366 -30.08 -7.14 1.95
CA ILE A 366 -31.26 -7.12 1.09
C ILE A 366 -30.77 -7.40 -0.32
N ARG A 367 -30.96 -8.64 -0.79
CA ARG A 367 -30.51 -9.01 -2.12
C ARG A 367 -31.27 -8.19 -3.17
N GLY A 368 -30.57 -7.86 -4.25
CA GLY A 368 -31.13 -7.03 -5.30
C GLY A 368 -30.73 -5.57 -5.25
N PHE A 369 -29.98 -5.17 -4.23
CA PHE A 369 -29.44 -3.82 -4.14
C PHE A 369 -27.97 -3.89 -3.80
N GLN A 370 -27.25 -2.81 -4.09
CA GLN A 370 -25.83 -2.76 -3.79
C GLN A 370 -25.61 -2.45 -2.31
N THR A 371 -24.41 -2.75 -1.83
CA THR A 371 -24.06 -2.44 -0.45
C THR A 371 -24.06 -0.93 -0.25
N PHE A 372 -24.58 -0.50 0.91
CA PHE A 372 -24.81 0.91 1.20
C PHE A 372 -25.69 1.55 0.14
N GLY A 373 -26.63 0.77 -0.39
CA GLY A 373 -27.47 1.19 -1.50
C GLY A 373 -28.87 1.61 -1.15
N LEU A 374 -29.20 1.78 0.13
CA LEU A 374 -30.52 2.19 0.55
C LEU A 374 -30.41 3.32 1.58
N GLY A 375 -31.54 3.96 1.84
CA GLY A 375 -31.59 5.04 2.80
C GLY A 375 -31.41 6.39 2.15
N PRO A 376 -31.54 7.46 2.93
CA PRO A 376 -31.35 8.81 2.38
C PRO A 376 -29.90 9.05 2.00
N ARG A 377 -29.71 9.93 1.02
CA ARG A 377 -28.39 10.29 0.51
C ARG A 377 -28.26 11.80 0.50
N ASP A 378 -27.04 12.28 0.74
CA ASP A 378 -26.80 13.73 0.71
C ASP A 378 -26.61 14.22 -0.72
N LEU A 379 -25.56 13.75 -1.39
CA LEU A 379 -25.35 14.00 -2.80
C LEU A 379 -25.35 12.71 -3.61
N TYR A 380 -24.48 11.77 -3.27
CA TYR A 380 -24.53 10.41 -3.79
C TYR A 380 -24.13 9.40 -2.73
N ASP A 381 -23.94 9.81 -1.48
CA ASP A 381 -23.40 8.97 -0.44
C ASP A 381 -24.49 8.60 0.55
N ALA A 382 -24.51 7.32 0.94
CA ALA A 382 -25.48 6.87 1.93
C ALA A 382 -25.09 7.41 3.30
N VAL A 383 -25.99 8.21 3.89
CA VAL A 383 -25.72 8.84 5.17
C VAL A 383 -26.32 8.04 6.33
N GLY A 384 -26.68 6.78 6.08
CA GLY A 384 -27.20 5.95 7.14
C GLY A 384 -28.61 6.35 7.55
N GLY A 385 -28.99 5.88 8.74
CA GLY A 385 -30.31 6.18 9.27
C GLY A 385 -30.34 5.90 10.76
N ASP A 386 -31.42 6.34 11.39
CA ASP A 386 -31.60 6.14 12.81
C ASP A 386 -32.55 5.01 13.16
N ALA A 387 -33.47 4.66 12.25
CA ALA A 387 -34.36 3.53 12.48
C ALA A 387 -34.37 2.65 11.25
N PHE A 388 -34.53 1.35 11.45
CA PHE A 388 -34.51 0.43 10.31
C PHE A 388 -35.30 -0.82 10.63
N VAL A 389 -35.89 -1.40 9.58
CA VAL A 389 -36.59 -2.68 9.65
C VAL A 389 -36.27 -3.44 8.37
N SER A 390 -36.17 -4.77 8.48
CA SER A 390 -35.86 -5.61 7.34
C SER A 390 -36.48 -6.98 7.54
N TYR A 391 -36.85 -7.63 6.43
CA TYR A 391 -37.51 -8.92 6.48
C TYR A 391 -37.13 -9.75 5.26
N GLY A 392 -37.01 -11.06 5.47
CA GLY A 392 -36.70 -11.99 4.41
C GLY A 392 -37.49 -13.27 4.56
N LEU A 393 -37.86 -13.84 3.41
CA LEU A 393 -38.87 -14.89 3.34
C LEU A 393 -38.39 -16.07 2.49
N SER A 394 -37.23 -16.61 2.82
CA SER A 394 -36.56 -17.55 1.92
C SER A 394 -37.23 -18.92 1.92
N VAL A 395 -37.14 -19.60 0.77
CA VAL A 395 -37.64 -20.96 0.60
C VAL A 395 -36.56 -21.77 -0.11
N PHE A 396 -36.22 -22.94 0.45
CA PHE A 396 -35.21 -23.82 -0.09
C PHE A 396 -35.84 -25.14 -0.53
N SER A 397 -35.38 -25.66 -1.67
CA SER A 397 -35.82 -26.94 -2.19
C SER A 397 -34.62 -27.78 -2.60
N ARG A 398 -34.74 -29.09 -2.46
CA ARG A 398 -33.65 -29.98 -2.81
C ARG A 398 -33.62 -30.23 -4.32
N LEU A 399 -32.51 -30.78 -4.78
CA LEU A 399 -32.36 -31.07 -6.20
C LEU A 399 -33.11 -32.35 -6.55
N PRO A 400 -34.03 -32.31 -7.51
CA PRO A 400 -34.84 -33.52 -7.80
C PRO A 400 -34.04 -34.69 -8.33
N TRP A 401 -32.84 -34.47 -8.87
CA TRP A 401 -32.07 -35.55 -9.46
C TRP A 401 -31.46 -36.41 -8.35
N LYS A 402 -31.89 -37.67 -8.27
CA LYS A 402 -31.42 -38.58 -7.23
C LYS A 402 -29.93 -38.83 -7.31
N LYS A 403 -29.31 -38.60 -8.48
CA LYS A 403 -27.86 -38.68 -8.57
C LYS A 403 -27.20 -37.66 -7.65
N VAL A 404 -27.70 -36.43 -7.65
CA VAL A 404 -27.21 -35.38 -6.77
C VAL A 404 -28.44 -34.79 -6.07
N GLU A 405 -28.79 -35.35 -4.91
CA GLU A 405 -29.88 -34.84 -4.10
C GLU A 405 -29.54 -34.71 -2.62
N LYS A 406 -28.57 -35.45 -2.11
CA LYS A 406 -28.11 -35.29 -0.74
C LYS A 406 -27.09 -34.17 -0.59
N SER A 407 -26.61 -33.60 -1.69
CA SER A 407 -25.65 -32.53 -1.62
C SER A 407 -26.28 -31.25 -1.07
N ASN A 408 -25.44 -30.43 -0.44
CA ASN A 408 -25.93 -29.21 0.19
C ASN A 408 -26.48 -28.21 -0.82
N PHE A 409 -26.13 -28.33 -2.10
CA PHE A 409 -26.65 -27.42 -3.12
C PHE A 409 -28.17 -27.53 -3.18
N ARG A 410 -28.86 -26.39 -3.14
CA ARG A 410 -30.31 -26.36 -3.14
C ARG A 410 -30.82 -25.18 -3.93
N LEU A 411 -32.00 -25.35 -4.52
CA LEU A 411 -32.69 -24.24 -5.17
C LEU A 411 -33.28 -23.31 -4.12
N HIS A 412 -33.29 -22.01 -4.45
CA HIS A 412 -33.65 -20.98 -3.47
C HIS A 412 -34.55 -19.97 -4.14
N TRP A 413 -35.70 -19.68 -3.52
CA TRP A 413 -36.56 -18.57 -3.92
C TRP A 413 -36.69 -17.63 -2.73
N PHE A 414 -36.34 -16.36 -2.94
CA PHE A 414 -36.32 -15.42 -1.83
C PHE A 414 -37.09 -14.15 -2.17
N PHE A 415 -37.69 -13.59 -1.12
CA PHE A 415 -38.33 -12.28 -1.17
C PHE A 415 -37.79 -11.48 0.00
N ASN A 416 -37.30 -10.27 -0.28
CA ASN A 416 -36.68 -9.41 0.72
C ASN A 416 -37.28 -8.02 0.64
N GLY A 417 -37.05 -7.24 1.69
CA GLY A 417 -37.52 -5.88 1.73
C GLY A 417 -37.01 -5.18 2.97
N GLY A 418 -37.54 -3.99 3.20
CA GLY A 418 -37.21 -3.26 4.40
C GLY A 418 -37.20 -1.76 4.14
N LYS A 419 -36.91 -1.02 5.21
CA LYS A 419 -36.84 0.42 5.13
C LYS A 419 -35.83 0.94 6.16
N LEU A 420 -35.23 2.08 5.82
CA LEU A 420 -34.22 2.72 6.67
C LEU A 420 -34.49 4.22 6.63
N VAL A 421 -34.76 4.82 7.79
CA VAL A 421 -35.17 6.21 7.86
C VAL A 421 -34.35 6.94 8.93
N ASN A 422 -34.24 8.26 8.74
CA ASN A 422 -33.71 9.17 9.75
C ASN A 422 -34.91 9.81 10.44
N HIS A 423 -35.36 9.19 11.52
CA HIS A 423 -36.53 9.68 12.22
C HIS A 423 -36.21 10.96 12.98
N ASP A 424 -37.23 11.79 13.15
CA ASP A 424 -37.11 12.91 14.07
C ASP A 424 -37.02 12.38 15.49
N ASN A 425 -36.27 13.08 16.33
CA ASN A 425 -36.03 12.58 17.68
C ASN A 425 -37.21 12.79 18.61
N THR A 426 -38.39 13.13 18.09
CA THR A 426 -39.51 13.50 18.95
C THR A 426 -40.26 12.28 19.50
N SER A 427 -40.85 11.48 18.61
CA SER A 427 -41.84 10.49 19.04
C SER A 427 -41.64 9.15 18.34
N LEU A 428 -41.72 8.07 19.13
CA LEU A 428 -41.76 6.73 18.56
C LEU A 428 -42.99 6.55 17.69
N GLY A 429 -44.09 7.21 18.01
CA GLY A 429 -45.27 7.13 17.16
C GLY A 429 -45.01 7.68 15.77
N ASN A 430 -44.37 8.84 15.69
CA ASN A 430 -43.99 9.40 14.40
C ASN A 430 -42.98 8.51 13.68
N CYS A 431 -42.03 7.94 14.43
CA CYS A 431 -41.05 7.05 13.82
C CYS A 431 -41.73 5.85 13.17
N ILE A 432 -42.66 5.21 13.89
CA ILE A 432 -43.37 4.06 13.34
C ILE A 432 -44.26 4.49 12.19
N GLY A 433 -44.86 5.68 12.27
CA GLY A 433 -45.70 6.15 11.18
C GLY A 433 -44.93 6.35 9.89
N GLN A 434 -43.73 6.92 9.99
CA GLN A 434 -42.92 7.13 8.80
C GLN A 434 -42.06 5.92 8.42
N LEU A 435 -42.04 4.88 9.24
CA LEU A 435 -41.31 3.66 8.95
C LEU A 435 -42.18 2.57 8.34
N SER A 436 -43.46 2.86 8.09
CA SER A 436 -44.41 1.85 7.64
C SER A 436 -45.02 2.16 6.28
N LYS A 437 -44.32 2.93 5.45
CA LYS A 437 -44.84 3.27 4.13
C LYS A 437 -43.68 3.38 3.15
N GLU A 438 -43.95 3.02 1.90
CA GLU A 438 -42.98 3.14 0.80
C GLU A 438 -41.69 2.37 1.10
N HIS A 439 -41.84 1.05 1.18
CA HIS A 439 -40.70 0.17 1.44
C HIS A 439 -39.89 0.00 0.15
N SER A 440 -38.91 -0.91 0.19
CA SER A 440 -38.03 -1.19 -0.94
C SER A 440 -37.81 -2.70 -0.99
N THR A 441 -38.63 -3.40 -1.77
CA THR A 441 -38.64 -4.84 -1.82
C THR A 441 -37.90 -5.36 -3.04
N SER A 442 -37.72 -6.69 -3.08
CA SER A 442 -37.01 -7.37 -4.15
C SER A 442 -37.32 -8.85 -4.07
N THR A 443 -37.13 -9.56 -5.19
CA THR A 443 -37.36 -11.00 -5.24
C THR A 443 -36.24 -11.63 -6.05
N GLY A 444 -36.15 -12.96 -6.00
CA GLY A 444 -35.15 -13.62 -6.81
C GLY A 444 -35.16 -15.12 -6.63
N ILE A 445 -34.40 -15.78 -7.51
CA ILE A 445 -34.25 -17.23 -7.52
C ILE A 445 -32.80 -17.58 -7.81
N GLY A 446 -32.31 -18.63 -7.19
CA GLY A 446 -30.91 -18.97 -7.37
C GLY A 446 -30.55 -20.30 -6.76
N LEU A 447 -29.23 -20.51 -6.62
CA LEU A 447 -28.65 -21.72 -6.09
C LEU A 447 -27.83 -21.40 -4.85
N VAL A 448 -27.94 -22.24 -3.83
CA VAL A 448 -27.25 -22.01 -2.56
C VAL A 448 -26.45 -23.26 -2.17
N LEU A 449 -25.29 -23.04 -1.57
CA LEU A 449 -24.47 -24.09 -1.00
C LEU A 449 -24.20 -23.72 0.46
N ARG A 450 -24.87 -24.43 1.37
CA ARG A 450 -24.82 -24.12 2.80
C ARG A 450 -23.84 -25.04 3.52
N HIS A 451 -22.55 -24.91 3.22
CA HIS A 451 -21.56 -25.73 3.88
C HIS A 451 -21.38 -25.25 5.32
N PRO A 452 -21.10 -26.16 6.25
CA PRO A 452 -20.91 -25.74 7.65
C PRO A 452 -19.85 -24.68 7.83
N MET A 453 -18.86 -24.62 6.93
CA MET A 453 -17.85 -23.57 7.00
C MET A 453 -18.40 -22.24 6.52
N ALA A 454 -19.21 -22.24 5.45
CA ALA A 454 -19.67 -20.98 4.87
C ALA A 454 -20.86 -21.24 3.97
N ARG A 455 -21.55 -20.16 3.62
CA ARG A 455 -22.73 -20.20 2.77
C ARG A 455 -22.46 -19.40 1.51
N PHE A 456 -22.66 -20.02 0.35
CA PHE A 456 -22.47 -19.39 -0.95
C PHE A 456 -23.82 -19.32 -1.67
N GLU A 457 -24.06 -18.20 -2.35
CA GLU A 457 -25.31 -18.01 -3.07
C GLU A 457 -25.03 -17.37 -4.42
N LEU A 458 -25.63 -17.92 -5.47
CA LEU A 458 -25.62 -17.31 -6.80
C LEU A 458 -27.07 -17.15 -7.22
N ASN A 459 -27.51 -15.90 -7.34
CA ASN A 459 -28.93 -15.60 -7.52
C ASN A 459 -29.16 -14.72 -8.74
N PHE A 460 -30.35 -14.82 -9.30
CA PHE A 460 -30.89 -13.86 -10.24
C PHE A 460 -31.96 -13.08 -9.48
N THR A 461 -31.74 -11.77 -9.35
CA THR A 461 -32.56 -10.90 -8.52
C THR A 461 -33.23 -9.83 -9.36
N LEU A 462 -34.42 -9.43 -8.92
CA LEU A 462 -35.26 -8.47 -9.64
C LEU A 462 -35.96 -7.60 -8.61
N PRO A 463 -35.77 -6.29 -8.66
CA PRO A 463 -36.48 -5.40 -7.74
C PRO A 463 -37.96 -5.32 -8.08
N ILE A 464 -38.78 -5.07 -7.06
CA ILE A 464 -40.20 -4.85 -7.25
C ILE A 464 -40.58 -3.40 -6.89
N THR A 465 -39.97 -2.85 -5.86
CA THR A 465 -40.17 -1.45 -5.50
C THR A 465 -38.83 -0.87 -5.06
N ALA A 466 -38.61 0.40 -5.39
CA ALA A 466 -37.35 1.07 -5.06
C ALA A 466 -37.59 2.58 -5.16
N HIS A 467 -36.56 3.34 -4.77
CA HIS A 467 -36.58 4.79 -4.88
C HIS A 467 -35.80 5.23 -6.10
N GLU A 468 -35.84 6.54 -6.38
CA GLU A 468 -35.14 7.08 -7.53
C GLU A 468 -33.63 6.91 -7.40
N ASN A 469 -33.09 7.17 -6.22
CA ASN A 469 -31.65 7.22 -6.00
C ASN A 469 -31.08 5.92 -5.44
N ASP A 470 -31.90 4.88 -5.31
CA ASP A 470 -31.40 3.60 -4.82
C ASP A 470 -30.45 2.97 -5.82
N LEU A 471 -29.46 2.25 -5.30
CA LEU A 471 -28.47 1.57 -6.13
C LEU A 471 -29.00 0.17 -6.45
N ILE A 472 -29.76 0.09 -7.55
CA ILE A 472 -30.37 -1.17 -7.94
C ILE A 472 -29.33 -2.08 -8.58
N ARG A 473 -29.43 -3.38 -8.30
CA ARG A 473 -28.53 -4.40 -8.82
C ARG A 473 -29.37 -5.51 -9.42
N LYS A 474 -29.76 -5.33 -10.69
CA LYS A 474 -30.58 -6.31 -11.38
C LYS A 474 -29.73 -7.48 -11.88
N GLY A 475 -30.37 -8.63 -12.08
CA GLY A 475 -29.70 -9.74 -12.71
C GLY A 475 -28.90 -10.61 -11.77
N PHE A 476 -27.72 -11.05 -12.20
CA PHE A 476 -26.94 -12.01 -11.43
C PHE A 476 -26.19 -11.33 -10.30
N GLN A 477 -26.20 -11.98 -9.13
CA GLN A 477 -25.51 -11.49 -7.95
C GLN A 477 -24.95 -12.67 -7.18
N PHE A 478 -23.70 -12.55 -6.76
CA PHE A 478 -23.00 -13.58 -6.00
C PHE A 478 -22.75 -13.09 -4.58
N GLY A 479 -22.90 -13.98 -3.60
CA GLY A 479 -22.65 -13.62 -2.22
C GLY A 479 -22.22 -14.78 -1.35
N LEU A 480 -21.10 -14.63 -0.65
CA LEU A 480 -20.60 -15.67 0.24
C LEU A 480 -20.39 -15.08 1.63
N GLY A 481 -20.58 -15.92 2.65
CA GLY A 481 -20.39 -15.45 4.01
C GLY A 481 -20.95 -16.40 5.04
N LEU A 482 -21.45 -15.82 6.13
CA LEU A 482 -22.03 -16.59 7.22
C LEU A 482 -23.39 -16.05 7.63
N ALA A 483 -23.60 -14.75 7.45
CA ALA A 483 -24.80 -14.08 7.90
C ALA A 483 -25.60 -13.61 6.69
N PHE A 484 -26.84 -14.10 6.57
CA PHE A 484 -27.76 -13.70 5.52
C PHE A 484 -29.12 -13.45 6.13
N LEU A 485 -29.92 -12.60 5.45
CA LEU A 485 -31.25 -12.28 5.92
C LEU A 485 -32.23 -13.40 5.58
N ARG B 13 -35.97 -5.80 -23.32
CA ARG B 13 -36.91 -6.90 -23.07
C ARG B 13 -37.96 -6.47 -22.06
N ILE B 14 -37.92 -7.10 -20.89
CA ILE B 14 -38.86 -6.78 -19.81
C ILE B 14 -38.17 -6.16 -18.60
N PHE B 15 -36.84 -6.10 -18.57
CA PHE B 15 -36.14 -5.49 -17.44
C PHE B 15 -36.61 -4.05 -17.22
N ASP B 16 -36.97 -3.35 -18.29
CA ASP B 16 -37.38 -1.96 -18.17
C ASP B 16 -38.66 -1.82 -17.35
N THR B 17 -39.44 -2.89 -17.21
CA THR B 17 -40.64 -2.82 -16.40
C THR B 17 -40.34 -2.94 -14.91
N PHE B 18 -39.12 -3.35 -14.54
CA PHE B 18 -38.72 -3.46 -13.15
C PHE B 18 -37.72 -2.38 -12.80
N PRO B 19 -37.90 -1.64 -11.69
CA PRO B 19 -38.91 -1.81 -10.63
C PRO B 19 -40.35 -1.58 -11.08
N LEU B 20 -41.28 -2.33 -10.46
CA LEU B 20 -42.69 -2.19 -10.81
C LEU B 20 -43.24 -0.84 -10.37
N GLN B 21 -42.67 -0.26 -9.32
CA GLN B 21 -43.05 1.06 -8.86
C GLN B 21 -41.81 1.78 -8.35
N THR B 22 -41.85 3.11 -8.40
CA THR B 22 -40.72 3.92 -7.96
C THR B 22 -41.24 5.13 -7.21
N TYR B 23 -40.66 5.38 -6.03
CA TYR B 23 -41.02 6.52 -5.21
C TYR B 23 -40.01 7.64 -5.38
N ALA B 24 -40.36 8.81 -4.85
CA ALA B 24 -39.46 9.94 -4.90
C ALA B 24 -38.27 9.71 -3.96
N ALA B 25 -37.24 10.53 -4.12
CA ALA B 25 -36.06 10.42 -3.28
C ALA B 25 -36.42 10.70 -1.83
N GLN B 26 -35.76 9.99 -0.92
CA GLN B 26 -36.06 10.11 0.50
C GLN B 26 -35.50 11.42 1.03
N THR B 27 -36.37 12.27 1.57
CA THR B 27 -35.99 13.63 1.94
C THR B 27 -35.70 13.80 3.43
N ASP B 28 -35.82 12.76 4.23
CA ASP B 28 -35.47 12.86 5.64
C ASP B 28 -33.96 12.90 5.81
N LYS B 29 -33.49 13.84 6.61
CA LYS B 29 -32.06 14.04 6.83
C LYS B 29 -31.80 14.32 8.29
N ASP B 30 -30.60 13.97 8.75
CA ASP B 30 -30.23 14.17 10.14
C ASP B 30 -30.06 15.65 10.43
N GLU B 31 -30.61 16.10 11.56
CA GLU B 31 -30.52 17.49 11.96
C GLU B 31 -29.35 17.78 12.89
N ALA B 32 -28.76 16.75 13.49
CA ALA B 32 -27.55 16.96 14.28
C ALA B 32 -26.35 17.24 13.38
N VAL B 33 -26.37 16.75 12.15
CA VAL B 33 -25.30 17.02 11.20
C VAL B 33 -25.44 18.41 10.61
N ALA B 34 -26.67 18.80 10.26
CA ALA B 34 -26.89 20.12 9.67
C ALA B 34 -26.49 21.24 10.61
N LEU B 35 -26.60 21.02 11.93
CA LEU B 35 -26.11 21.99 12.89
C LEU B 35 -24.59 21.99 13.01
N GLU B 36 -23.95 20.84 12.84
CA GLU B 36 -22.50 20.76 12.88
C GLU B 36 -21.87 21.53 11.71
N ILE B 37 -22.41 21.38 10.50
CA ILE B 37 -21.91 22.10 9.34
C ILE B 37 -22.28 23.57 9.38
N GLN B 38 -23.18 23.98 10.27
CA GLN B 38 -23.62 25.36 10.36
C GLN B 38 -22.80 26.18 11.33
N ARG B 39 -22.15 25.55 12.31
CA ARG B 39 -21.26 26.24 13.22
C ARG B 39 -19.81 26.22 12.77
N ARG B 40 -19.51 25.52 11.67
CA ARG B 40 -18.17 25.46 11.13
C ARG B 40 -18.05 26.14 9.77
N SER B 41 -19.04 26.92 9.37
CA SER B 41 -19.05 27.61 8.09
C SER B 41 -19.22 29.11 8.31
N TYR B 42 -18.46 29.90 7.56
CA TYR B 42 -18.48 31.36 7.65
C TYR B 42 -18.75 31.93 6.27
N THR B 43 -19.69 32.87 6.19
CA THR B 43 -20.21 33.32 4.89
C THR B 43 -19.49 34.57 4.41
N PHE B 44 -19.07 34.55 3.14
CA PHE B 44 -18.48 35.72 2.49
C PHE B 44 -19.61 36.56 1.88
N THR B 45 -19.70 37.82 2.30
CA THR B 45 -20.71 38.72 1.78
C THR B 45 -20.13 39.59 0.66
N GLU B 46 -21.02 40.16 -0.15
CA GLU B 46 -20.61 40.99 -1.27
C GLU B 46 -20.13 42.36 -0.78
N ARG B 47 -19.32 43.00 -1.62
CA ARG B 47 -18.70 44.27 -1.27
C ARG B 47 -19.71 45.39 -1.06
N GLY B 48 -20.44 45.75 -2.11
CA GLY B 48 -21.30 46.92 -2.06
C GLY B 48 -22.61 46.70 -1.34
N GLY B 49 -23.47 45.87 -1.91
CA GLY B 49 -24.78 45.62 -1.32
C GLY B 49 -25.44 44.43 -1.97
N GLY B 50 -26.49 43.95 -1.32
CA GLY B 50 -27.22 42.79 -1.75
C GLY B 50 -26.67 41.52 -1.15
N SER B 51 -27.34 40.41 -1.46
CA SER B 51 -26.89 39.10 -1.00
C SER B 51 -25.90 38.48 -1.99
N SER B 52 -26.37 38.20 -3.21
CA SER B 52 -25.55 37.66 -4.28
C SER B 52 -26.43 37.51 -5.52
N GLU B 53 -25.79 37.14 -6.63
CA GLU B 53 -26.46 36.76 -7.87
C GLU B 53 -25.93 35.42 -8.35
N LEU B 54 -25.83 34.46 -7.44
CA LEU B 54 -25.19 33.18 -7.70
C LEU B 54 -26.18 32.04 -7.49
N THR B 55 -26.05 31.00 -8.30
CA THR B 55 -26.79 29.77 -8.08
C THR B 55 -25.93 28.79 -7.27
N VAL B 56 -26.54 27.69 -6.85
CA VAL B 56 -25.84 26.71 -6.03
C VAL B 56 -24.70 26.04 -6.78
N GLU B 57 -24.66 26.17 -8.10
CA GLU B 57 -23.60 25.58 -8.91
C GLU B 57 -22.40 26.50 -9.10
N GLY B 58 -22.50 27.76 -8.68
CA GLY B 58 -21.42 28.71 -8.92
C GLY B 58 -20.64 29.10 -7.68
N THR B 59 -21.10 28.64 -6.52
CA THR B 59 -20.44 28.96 -5.26
C THR B 59 -19.33 27.96 -4.96
N TYR B 60 -18.42 28.36 -4.09
CA TYR B 60 -17.33 27.49 -3.66
C TYR B 60 -17.18 27.58 -2.15
N LYS B 61 -16.49 26.59 -1.60
CA LYS B 61 -16.20 26.50 -0.18
C LYS B 61 -14.71 26.29 0.02
N LEU B 62 -14.12 27.06 0.92
CA LEU B 62 -12.69 26.99 1.21
C LEU B 62 -12.50 26.20 2.50
N GLY B 63 -11.87 25.03 2.39
CA GLY B 63 -11.59 24.20 3.54
C GLY B 63 -10.27 24.58 4.17
N VAL B 64 -10.32 24.95 5.46
CA VAL B 64 -9.19 25.47 6.21
C VAL B 64 -9.09 24.71 7.54
N TYR B 65 -7.92 24.83 8.18
CA TYR B 65 -7.67 24.11 9.42
C TYR B 65 -8.56 24.60 10.55
N ASN B 66 -8.60 25.92 10.76
CA ASN B 66 -9.37 26.50 11.86
C ASN B 66 -9.55 27.99 11.57
N VAL B 67 -10.18 28.70 12.50
CA VAL B 67 -10.51 30.11 12.35
C VAL B 67 -10.30 30.83 13.67
N PHE B 68 -9.75 32.04 13.62
CA PHE B 68 -9.62 32.90 14.78
C PHE B 68 -10.18 34.28 14.44
N LEU B 69 -10.75 34.93 15.45
CA LEU B 69 -11.33 36.27 15.30
C LEU B 69 -10.31 37.29 15.80
N GLU B 70 -9.83 38.15 14.90
CA GLU B 70 -8.82 39.12 15.26
C GLU B 70 -9.42 40.25 16.11
N ALA B 71 -8.57 40.87 16.91
CA ALA B 71 -9.03 41.84 17.89
C ALA B 71 -9.42 43.16 17.23
N ASN B 72 -8.67 43.59 16.21
CA ASN B 72 -8.84 44.93 15.68
C ASN B 72 -10.13 45.04 14.87
N THR B 73 -10.20 44.33 13.74
CA THR B 73 -11.34 44.43 12.85
C THR B 73 -12.47 43.47 13.20
N GLY B 74 -12.20 42.44 14.00
CA GLY B 74 -13.22 41.49 14.38
C GLY B 74 -13.56 40.46 13.31
N ALA B 75 -12.85 40.45 12.19
CA ALA B 75 -13.12 39.51 11.13
C ALA B 75 -12.63 38.11 11.51
N ALA B 76 -13.09 37.12 10.76
CA ALA B 76 -12.71 35.73 10.97
C ALA B 76 -11.65 35.36 9.94
N LEU B 77 -10.45 35.04 10.41
CA LEU B 77 -9.32 34.72 9.56
C LEU B 77 -8.81 33.33 9.87
N ALA B 78 -8.33 32.63 8.85
CA ALA B 78 -7.75 31.31 9.06
C ALA B 78 -6.46 31.42 9.86
N THR B 79 -6.16 30.35 10.60
CA THR B 79 -5.02 30.33 11.51
C THR B 79 -3.71 29.90 10.83
N ASP B 80 -3.74 29.55 9.55
CA ASP B 80 -2.56 29.13 8.82
C ASP B 80 -2.20 30.17 7.77
N PRO B 81 -0.91 30.44 7.56
CA PRO B 81 -0.53 31.46 6.56
C PRO B 81 -1.03 31.15 5.16
N TRP B 82 -0.95 29.89 4.73
CA TRP B 82 -1.41 29.53 3.39
C TRP B 82 -2.92 29.70 3.27
N CYS B 83 -3.68 29.22 4.26
CA CYS B 83 -5.13 29.37 4.22
C CYS B 83 -5.54 30.83 4.22
N LEU B 84 -4.87 31.65 5.03
CA LEU B 84 -5.20 33.08 5.08
C LEU B 84 -4.84 33.78 3.77
N PHE B 85 -3.71 33.40 3.15
CA PHE B 85 -3.33 33.98 1.87
C PHE B 85 -4.34 33.62 0.79
N VAL B 86 -4.80 32.36 0.76
CA VAL B 86 -5.80 31.96 -0.22
C VAL B 86 -7.11 32.68 0.03
N GLN B 87 -7.49 32.84 1.29
CA GLN B 87 -8.72 33.57 1.63
C GLN B 87 -8.65 35.01 1.14
N LEU B 88 -7.53 35.69 1.41
CA LEU B 88 -7.39 37.08 0.96
C LEU B 88 -7.38 37.18 -0.55
N ALA B 89 -6.71 36.24 -1.23
CA ALA B 89 -6.69 36.27 -2.69
C ALA B 89 -8.08 36.07 -3.27
N LEU B 90 -8.86 35.14 -2.70
CA LEU B 90 -10.22 34.92 -3.17
C LEU B 90 -11.08 36.15 -2.91
N CYS B 91 -10.94 36.78 -1.74
CA CYS B 91 -11.72 37.99 -1.45
C CYS B 91 -11.35 39.11 -2.41
N GLN B 92 -10.07 39.24 -2.76
CA GLN B 92 -9.66 40.30 -3.67
C GLN B 92 -10.16 40.05 -5.09
N LYS B 93 -10.02 38.81 -5.58
CA LYS B 93 -10.39 38.52 -6.96
C LYS B 93 -11.88 38.68 -7.20
N ASN B 94 -12.70 38.19 -6.27
CA ASN B 94 -14.16 38.24 -6.42
C ASN B 94 -14.79 39.46 -5.76
N GLY B 95 -14.00 40.31 -5.10
CA GLY B 95 -14.57 41.47 -4.44
C GLY B 95 -15.39 41.17 -3.21
N LEU B 96 -15.14 40.04 -2.55
CA LEU B 96 -15.93 39.66 -1.39
C LEU B 96 -15.50 40.46 -0.17
N VAL B 97 -16.12 40.14 0.96
CA VAL B 97 -15.83 40.77 2.25
C VAL B 97 -15.64 39.68 3.29
N LEU B 98 -14.66 39.86 4.16
CA LEU B 98 -14.33 38.85 5.15
C LEU B 98 -15.51 38.60 6.08
N PRO B 99 -15.70 37.36 6.53
CA PRO B 99 -16.81 37.07 7.44
C PRO B 99 -16.58 37.68 8.82
N THR B 100 -17.59 37.53 9.67
CA THR B 100 -17.50 37.99 11.05
C THR B 100 -17.95 36.98 12.08
N HIS B 101 -18.78 36.00 11.73
CA HIS B 101 -19.22 34.97 12.66
C HIS B 101 -19.77 33.80 11.85
N SER B 102 -19.98 32.68 12.55
CA SER B 102 -20.44 31.46 11.90
C SER B 102 -21.92 31.55 11.57
N GLN B 103 -22.35 30.68 10.66
CA GLN B 103 -23.73 30.69 10.18
C GLN B 103 -24.74 30.36 11.26
N GLU B 104 -24.31 29.79 12.39
CA GLU B 104 -25.23 29.57 13.50
C GLU B 104 -25.74 30.88 14.08
N GLN B 105 -25.04 31.99 13.83
CA GLN B 105 -25.53 33.29 14.24
C GLN B 105 -26.57 33.84 13.27
N THR B 106 -26.67 33.28 12.06
CA THR B 106 -27.63 33.71 11.04
C THR B 106 -28.31 32.48 10.47
N PRO B 107 -29.40 32.02 11.10
CA PRO B 107 -30.09 30.82 10.58
C PRO B 107 -30.56 30.95 9.14
N SER B 108 -30.99 32.14 8.72
CA SER B 108 -31.38 32.35 7.33
C SER B 108 -30.16 32.22 6.42
N HIS B 109 -30.38 31.61 5.26
CA HIS B 109 -29.30 31.27 4.34
C HIS B 109 -29.65 31.70 2.93
N THR B 110 -28.61 31.90 2.13
CA THR B 110 -28.75 32.19 0.71
C THR B 110 -27.51 31.68 0.00
N CYS B 111 -27.49 31.84 -1.33
CA CYS B 111 -26.37 31.35 -2.12
C CYS B 111 -25.17 32.30 -2.05
N ASN B 112 -24.21 31.97 -1.19
CA ASN B 112 -22.99 32.75 -1.04
C ASN B 112 -21.79 31.82 -0.95
N HIS B 113 -20.62 32.36 -1.25
CA HIS B 113 -19.37 31.66 -0.99
C HIS B 113 -19.13 31.59 0.51
N GLU B 114 -18.34 30.62 0.94
CA GLU B 114 -18.12 30.45 2.36
C GLU B 114 -16.78 29.76 2.61
N MET B 115 -16.39 29.75 3.88
CA MET B 115 -15.18 29.11 4.36
C MET B 115 -15.58 28.06 5.39
N LEU B 116 -15.08 26.84 5.21
CA LEU B 116 -15.53 25.69 5.98
C LEU B 116 -14.35 25.11 6.75
N VAL B 117 -14.53 24.96 8.06
CA VAL B 117 -13.51 24.34 8.90
C VAL B 117 -13.56 22.83 8.73
N LEU B 118 -12.45 22.24 8.32
CA LEU B 118 -12.38 20.82 8.01
C LEU B 118 -11.17 20.19 8.68
N SER B 119 -11.26 18.88 8.90
CA SER B 119 -10.11 18.11 9.33
C SER B 119 -9.20 17.85 8.13
N ARG B 120 -7.89 17.75 8.41
CA ARG B 120 -6.94 17.49 7.34
C ARG B 120 -7.15 16.12 6.70
N LEU B 121 -7.85 15.22 7.38
CA LEU B 121 -8.17 13.90 6.85
C LEU B 121 -9.36 13.91 5.90
N SER B 122 -9.76 15.07 5.40
CA SER B 122 -10.88 15.19 4.47
C SER B 122 -10.44 15.10 3.02
N ASN B 123 -9.19 14.71 2.77
CA ASN B 123 -8.70 14.53 1.40
C ASN B 123 -7.49 13.61 1.46
N PRO B 124 -7.17 12.92 0.36
CA PRO B 124 -6.05 11.96 0.40
C PRO B 124 -4.71 12.58 0.74
N ASP B 125 -4.46 13.82 0.35
CA ASP B 125 -3.17 14.45 0.59
C ASP B 125 -2.97 14.88 2.04
N GLU B 126 -4.02 14.87 2.86
CA GLU B 126 -3.94 15.24 4.27
C GLU B 126 -3.38 16.66 4.44
N ALA B 127 -3.84 17.58 3.60
CA ALA B 127 -3.36 18.95 3.64
C ALA B 127 -4.50 19.91 3.33
N LEU B 128 -4.38 21.11 3.85
CA LEU B 128 -5.33 22.20 3.64
C LEU B 128 -4.54 23.45 3.31
N PRO B 129 -5.18 24.46 2.68
CA PRO B 129 -6.58 24.61 2.27
C PRO B 129 -6.97 23.80 1.03
N ILE B 130 -8.25 23.51 0.90
CA ILE B 130 -8.79 22.90 -0.31
C ILE B 130 -9.94 23.76 -0.80
N LEU B 131 -10.29 23.56 -2.08
CA LEU B 131 -11.39 24.30 -2.68
C LEU B 131 -12.44 23.32 -3.19
N VAL B 132 -13.68 23.54 -2.81
CA VAL B 132 -14.80 22.68 -3.23
C VAL B 132 -15.74 23.53 -4.07
N GLU B 133 -15.97 23.12 -5.32
CA GLU B 133 -16.74 23.92 -6.25
C GLU B 133 -17.92 23.13 -6.78
N GLY B 134 -19.07 23.78 -6.91
CA GLY B 134 -20.25 23.16 -7.47
C GLY B 134 -21.00 22.31 -6.46
N TYR B 135 -22.23 21.96 -6.82
CA TYR B 135 -23.09 21.13 -5.96
C TYR B 135 -23.38 19.78 -6.59
N LYS B 136 -23.97 19.74 -7.79
CA LYS B 136 -24.30 18.47 -8.42
C LYS B 136 -23.14 17.92 -9.23
N LYS B 137 -22.32 18.80 -9.80
CA LYS B 137 -21.07 18.43 -10.45
C LYS B 137 -19.96 19.12 -9.65
N ARG B 138 -19.35 18.37 -8.74
CA ARG B 138 -18.49 18.94 -7.71
C ARG B 138 -17.03 18.65 -8.02
N ILE B 139 -16.19 19.67 -7.90
CA ILE B 139 -14.77 19.59 -8.19
C ILE B 139 -14.00 19.91 -6.92
N ILE B 140 -12.94 19.15 -6.66
CA ILE B 140 -12.07 19.34 -5.50
C ILE B 140 -10.70 19.75 -5.99
N ARG B 141 -10.28 20.98 -5.65
CA ARG B 141 -8.94 21.46 -5.93
C ARG B 141 -8.12 21.32 -4.66
N SER B 142 -7.03 20.55 -4.74
CA SER B 142 -6.20 20.26 -3.58
C SER B 142 -5.21 21.40 -3.35
N THR B 143 -4.34 21.20 -2.35
CA THR B 143 -3.38 22.23 -1.98
C THR B 143 -2.36 22.46 -3.09
N VAL B 144 -1.90 21.39 -3.73
CA VAL B 144 -0.94 21.53 -4.82
C VAL B 144 -1.56 22.28 -5.99
N ALA B 145 -2.81 21.95 -6.32
CA ALA B 145 -3.50 22.65 -7.40
C ALA B 145 -3.71 24.12 -7.07
N ILE B 146 -4.08 24.43 -5.83
CA ILE B 146 -4.25 25.82 -5.44
C ILE B 146 -2.92 26.57 -5.52
N SER B 147 -1.84 25.92 -5.08
CA SER B 147 -0.52 26.56 -5.13
C SER B 147 -0.09 26.83 -6.56
N GLU B 148 -0.32 25.88 -7.47
CA GLU B 148 0.08 26.09 -8.85
C GLU B 148 -0.82 27.11 -9.55
N ILE B 149 -2.08 27.24 -9.10
CA ILE B 149 -2.94 28.29 -9.64
C ILE B 149 -2.48 29.66 -9.17
N MET B 150 -2.11 29.77 -7.88
CA MET B 150 -1.68 31.05 -7.34
C MET B 150 -0.32 31.47 -7.87
N ARG B 151 0.57 30.51 -8.13
CA ARG B 151 1.92 30.83 -8.57
C ARG B 151 1.99 31.24 -10.03
N SER B 152 0.96 30.94 -10.82
CA SER B 152 0.95 31.27 -12.24
C SER B 152 0.44 32.68 -12.52
N ARG B 153 0.09 33.45 -11.49
CA ARG B 153 -0.37 34.81 -11.66
C ARG B 153 0.71 35.84 -11.33
N ILE B 154 1.95 35.40 -11.10
CA ILE B 154 3.04 36.30 -10.77
C ILE B 154 4.20 36.06 -11.73
N LEU B 155 4.00 35.16 -12.69
CA LEU B 155 5.05 34.84 -13.66
C LEU B 155 5.33 36.00 -14.61
N ASP B 156 4.46 37.00 -14.66
CA ASP B 156 4.71 38.16 -15.53
C ASP B 156 5.95 38.92 -15.09
N ASP B 157 6.13 39.10 -13.79
CA ASP B 157 7.29 39.79 -13.24
C ASP B 157 8.25 38.76 -12.68
N ALA B 158 9.49 38.78 -13.16
CA ALA B 158 10.48 37.78 -12.75
C ALA B 158 11.16 38.14 -11.43
N GLU B 159 11.16 39.40 -11.05
CA GLU B 159 11.71 39.80 -9.76
C GLU B 159 10.77 39.46 -8.61
N GLN B 160 9.47 39.65 -8.82
CA GLN B 160 8.48 39.31 -7.80
C GLN B 160 8.40 37.80 -7.59
N LEU B 161 8.80 37.00 -8.57
CA LEU B 161 8.79 35.55 -8.40
C LEU B 161 9.93 35.10 -7.48
N MET B 162 11.04 35.83 -7.46
CA MET B 162 12.13 35.49 -6.56
C MET B 162 11.75 35.74 -5.11
N TYR B 163 11.10 36.88 -4.84
CA TYR B 163 10.64 37.17 -3.49
C TYR B 163 9.57 36.19 -3.04
N TYR B 164 8.65 35.83 -3.94
CA TYR B 164 7.56 34.93 -3.59
C TYR B 164 8.09 33.56 -3.18
N THR B 165 9.08 33.04 -3.89
CA THR B 165 9.63 31.74 -3.57
C THR B 165 10.51 31.77 -2.33
N LEU B 166 10.99 32.95 -1.92
CA LEU B 166 11.77 33.06 -0.70
C LEU B 166 10.88 33.01 0.54
N LEU B 167 9.67 33.56 0.46
CA LEU B 167 8.79 33.58 1.63
C LEU B 167 8.34 32.19 2.02
N ASP B 168 7.96 31.36 1.05
CA ASP B 168 7.42 30.04 1.34
C ASP B 168 8.48 28.94 1.29
N THR B 169 9.75 29.27 1.49
CA THR B 169 10.81 28.28 1.64
C THR B 169 11.66 28.52 2.86
N VAL B 170 11.93 29.77 3.22
CA VAL B 170 12.73 30.09 4.40
C VAL B 170 11.82 30.45 5.55
N LEU B 171 10.96 31.44 5.35
CA LEU B 171 10.03 31.86 6.40
C LEU B 171 9.02 30.75 6.71
N TYR B 172 8.57 30.03 5.68
CA TYR B 172 7.65 28.93 5.90
C TYR B 172 8.29 27.83 6.74
N ASP B 173 9.54 27.48 6.43
CA ASP B 173 10.24 26.46 7.21
C ASP B 173 10.45 26.92 8.65
N CYS B 174 10.81 28.19 8.83
CA CYS B 174 10.97 28.70 10.20
C CYS B 174 9.67 28.63 10.98
N TRP B 175 8.56 29.06 10.37
CA TRP B 175 7.27 29.01 11.04
C TRP B 175 6.88 27.59 11.39
N ILE B 176 7.06 26.65 10.46
CA ILE B 176 6.68 25.27 10.71
C ILE B 176 7.52 24.68 11.83
N THR B 177 8.85 24.87 11.78
CA THR B 177 9.70 24.31 12.82
C THR B 177 9.37 24.90 14.19
N GLN B 178 9.17 26.22 14.26
CA GLN B 178 8.86 26.84 15.54
C GLN B 178 7.53 26.33 16.09
N ILE B 179 6.48 26.32 15.26
CA ILE B 179 5.17 25.91 15.74
C ILE B 179 5.19 24.44 16.17
N ILE B 180 5.92 23.60 15.45
CA ILE B 180 5.92 22.18 15.78
C ILE B 180 6.74 21.91 17.04
N PHE B 181 7.90 22.55 17.17
CA PHE B 181 8.83 22.19 18.25
C PHE B 181 8.78 23.13 19.45
N CYS B 182 8.92 24.43 19.23
CA CYS B 182 9.06 25.37 20.33
C CYS B 182 7.74 25.71 21.00
N ALA B 183 6.62 25.23 20.48
CA ALA B 183 5.31 25.48 21.05
C ALA B 183 4.71 24.19 21.57
N SER B 184 3.90 24.31 22.63
CA SER B 184 3.31 23.16 23.27
C SER B 184 2.20 22.57 22.41
N ASP B 185 1.76 21.36 22.78
CA ASP B 185 0.65 20.72 22.08
C ASP B 185 -0.63 21.54 22.23
N ALA B 186 -0.83 22.16 23.39
CA ALA B 186 -2.00 23.00 23.59
C ALA B 186 -2.03 24.20 22.65
N GLN B 187 -0.87 24.65 22.18
CA GLN B 187 -0.82 25.73 21.21
C GLN B 187 -0.87 25.23 19.78
N PHE B 188 -0.27 24.06 19.51
CA PHE B 188 -0.36 23.49 18.17
C PHE B 188 -1.80 23.11 17.81
N MET B 189 -2.49 22.43 18.73
CA MET B 189 -3.84 21.96 18.45
C MET B 189 -4.85 23.10 18.41
N GLU B 190 -4.51 24.27 18.93
CA GLU B 190 -5.39 25.41 18.84
C GLU B 190 -5.44 26.01 17.44
N LEU B 191 -4.36 25.85 16.67
CA LEU B 191 -4.25 26.41 15.33
C LEU B 191 -4.49 25.40 14.22
N TYR B 192 -4.07 24.15 14.41
CA TYR B 192 -4.10 23.14 13.37
C TYR B 192 -5.00 21.97 13.74
N SER B 193 -6.14 22.24 14.38
CA SER B 193 -7.07 21.19 14.73
C SER B 193 -8.48 21.77 14.84
N CYS B 194 -9.47 20.98 14.41
CA CYS B 194 -10.87 21.36 14.51
C CYS B 194 -11.54 20.81 15.76
N GLN B 195 -10.80 20.11 16.62
CA GLN B 195 -11.38 19.55 17.83
C GLN B 195 -11.86 20.66 18.75
N LYS B 196 -12.97 20.39 19.44
CA LYS B 196 -13.57 21.38 20.32
C LYS B 196 -12.77 21.51 21.61
N LEU B 197 -12.95 22.65 22.29
CA LEU B 197 -12.30 22.90 23.56
C LEU B 197 -13.08 23.98 24.31
N SER B 198 -12.88 24.02 25.61
CA SER B 198 -13.50 25.03 26.46
C SER B 198 -12.52 25.76 27.37
N GLY B 199 -11.36 25.17 27.66
CA GLY B 199 -10.34 25.81 28.47
C GLY B 199 -10.40 25.46 29.94
N SER B 200 -11.52 24.93 30.43
CA SER B 200 -11.67 24.56 31.83
C SER B 200 -12.18 23.13 31.92
N ILE B 201 -11.52 22.33 32.75
CA ILE B 201 -11.92 20.94 32.97
C ILE B 201 -12.96 20.94 34.08
N VAL B 202 -14.24 20.87 33.70
CA VAL B 202 -15.33 20.83 34.68
C VAL B 202 -16.16 19.57 34.46
N THR B 203 -16.74 19.44 33.27
CA THR B 203 -17.58 18.29 32.96
C THR B 203 -16.72 17.07 32.65
N PRO B 204 -17.27 15.86 32.86
CA PRO B 204 -16.51 14.66 32.47
C PRO B 204 -16.24 14.58 30.97
N LEU B 205 -17.00 15.32 30.16
CA LEU B 205 -16.77 15.35 28.72
C LEU B 205 -15.59 16.23 28.34
N ASP B 206 -15.13 17.10 29.23
CA ASP B 206 -13.92 17.87 28.98
C ASP B 206 -12.65 17.11 29.34
N VAL B 207 -12.75 16.11 30.21
CA VAL B 207 -11.62 15.21 30.43
C VAL B 207 -11.40 14.35 29.19
N GLU B 208 -12.47 13.94 28.52
CA GLU B 208 -12.34 13.12 27.32
C GLU B 208 -11.72 13.91 26.16
N ASN B 209 -12.01 15.20 26.07
CA ASN B 209 -11.42 16.01 25.00
C ASN B 209 -9.96 16.30 25.26
N SER B 210 -9.52 16.26 26.53
CA SER B 210 -8.12 16.50 26.84
C SER B 210 -7.24 15.31 26.50
N LEU B 211 -7.75 14.09 26.67
CA LEU B 211 -6.96 12.91 26.31
C LEU B 211 -6.81 12.77 24.81
N LEU B 212 -7.83 13.16 24.04
CA LEU B 212 -7.75 13.06 22.59
C LEU B 212 -6.65 13.95 22.03
N GLN B 213 -6.51 15.16 22.59
CA GLN B 213 -5.45 16.05 22.15
C GLN B 213 -4.08 15.44 22.40
N LYS B 214 -3.88 14.87 23.59
CA LYS B 214 -2.60 14.25 23.91
C LYS B 214 -2.32 13.06 23.00
N LEU B 215 -3.34 12.25 22.72
CA LEU B 215 -3.13 11.07 21.88
C LEU B 215 -2.82 11.46 20.43
N SER B 216 -3.61 12.37 19.87
CA SER B 216 -3.52 12.67 18.44
C SER B 216 -2.64 13.86 18.12
N ALA B 217 -1.97 14.46 19.10
CA ALA B 217 -1.16 15.64 18.84
C ALA B 217 -0.01 15.33 17.88
N LYS B 218 0.67 14.20 18.09
CA LYS B 218 1.83 13.88 17.25
C LYS B 218 1.41 13.45 15.86
N SER B 219 0.25 12.82 15.71
CA SER B 219 -0.20 12.40 14.39
C SER B 219 -0.54 13.59 13.50
N LEU B 220 -0.99 14.70 14.09
CA LEU B 220 -1.27 15.89 13.29
C LEU B 220 0.00 16.60 12.87
N LYS B 221 1.06 16.52 13.70
CA LYS B 221 2.32 17.15 13.34
C LYS B 221 2.98 16.44 12.17
N ILE B 222 2.86 15.12 12.10
CA ILE B 222 3.46 14.36 11.00
C ILE B 222 2.77 14.68 9.68
N SER B 223 1.46 14.94 9.72
CA SER B 223 0.73 15.27 8.49
C SER B 223 1.05 16.69 8.01
N LEU B 224 1.46 17.58 8.91
CA LEU B 224 1.78 18.95 8.53
C LEU B 224 3.16 19.06 7.89
N THR B 225 4.05 18.10 8.12
CA THR B 225 5.38 18.11 7.56
C THR B 225 5.43 17.54 6.14
N LYS B 226 4.29 17.45 5.46
CA LYS B 226 4.24 16.93 4.10
C LYS B 226 3.51 17.86 3.14
N ARG B 227 3.27 19.11 3.52
CA ARG B 227 2.45 20.00 2.71
C ARG B 227 3.23 20.75 1.65
N ASN B 228 4.49 21.11 1.91
CA ASN B 228 5.25 21.93 0.99
C ASN B 228 6.67 21.38 0.84
N LYS B 229 6.78 20.06 0.69
CA LYS B 229 8.07 19.38 0.56
C LYS B 229 8.98 19.64 1.76
N PHE B 230 8.36 19.89 2.92
CA PHE B 230 9.13 20.07 4.15
C PHE B 230 9.89 18.80 4.50
N GLN B 231 9.24 17.64 4.34
CA GLN B 231 9.88 16.36 4.62
C GLN B 231 11.06 16.09 3.69
N PHE B 232 11.09 16.70 2.50
CA PHE B 232 12.21 16.53 1.58
C PHE B 232 13.31 17.54 1.85
N ARG B 233 12.97 18.79 2.15
CA ARG B 233 13.99 19.77 2.48
C ARG B 233 14.70 19.41 3.79
N HIS B 234 13.95 18.98 4.80
CA HIS B 234 14.52 18.63 6.09
C HIS B 234 14.16 17.17 6.37
N ARG B 235 14.99 16.26 5.87
CA ARG B 235 14.73 14.83 6.02
C ARG B 235 15.11 14.29 7.40
N GLU B 236 16.13 14.84 8.05
CA GLU B 236 16.66 14.27 9.28
C GLU B 236 15.95 14.77 10.54
N ILE B 237 15.10 15.79 10.44
CA ILE B 237 14.33 16.24 11.61
C ILE B 237 12.88 15.79 11.54
N VAL B 238 12.42 15.26 10.41
CA VAL B 238 11.10 14.67 10.31
C VAL B 238 11.12 13.17 10.53
N LYS B 239 12.31 12.56 10.59
CA LYS B 239 12.44 11.16 10.96
C LYS B 239 12.63 10.96 12.45
N SER B 240 13.12 11.98 13.16
CA SER B 240 13.25 11.90 14.61
C SER B 240 11.91 12.01 15.31
N MET B 241 10.89 12.55 14.65
CA MET B 241 9.54 12.62 15.21
C MET B 241 8.79 11.31 15.10
N GLN B 242 9.25 10.39 14.24
CA GLN B 242 8.59 9.11 14.03
C GLN B 242 9.22 7.98 14.83
N GLY B 243 9.74 8.29 16.01
CA GLY B 243 10.32 7.30 16.88
C GLY B 243 10.44 7.83 18.29
N VAL B 244 10.48 6.91 19.24
CA VAL B 244 10.55 7.25 20.66
C VAL B 244 11.88 6.70 21.18
N TYR B 245 12.90 7.54 21.15
CA TYR B 245 14.20 7.23 21.76
C TYR B 245 14.71 8.37 22.63
N HIS B 246 14.47 9.62 22.23
CA HIS B 246 14.91 10.80 22.98
C HIS B 246 16.42 10.80 23.21
N ASN B 247 17.16 10.28 22.22
CA ASN B 247 18.61 10.30 22.30
C ASN B 247 19.13 11.73 22.11
N HIS B 248 20.28 12.00 22.73
CA HIS B 248 20.88 13.33 22.67
C HIS B 248 21.73 13.55 21.42
N HIS B 249 21.91 12.52 20.59
CA HIS B 249 22.61 12.72 19.33
C HIS B 249 21.74 13.47 18.33
N ASN B 250 20.45 13.13 18.28
CA ASN B 250 19.49 13.83 17.43
C ASN B 250 18.87 15.04 18.12
N SER B 251 19.24 15.31 19.37
CA SER B 251 18.74 16.47 20.08
C SER B 251 19.68 17.67 20.03
N VAL B 252 20.95 17.45 19.67
CA VAL B 252 21.88 18.54 19.46
C VAL B 252 21.92 18.97 18.00
N ASN B 253 21.89 18.02 17.08
CA ASN B 253 21.84 18.35 15.66
C ASN B 253 20.55 19.08 15.30
N GLN B 254 19.48 18.86 16.07
CA GLN B 254 18.21 19.50 15.76
C GLN B 254 18.25 20.99 16.05
N GLU B 255 18.81 21.38 17.20
CA GLU B 255 18.86 22.79 17.55
C GLU B 255 19.82 23.57 16.65
N GLN B 256 20.77 22.89 16.00
CA GLN B 256 21.61 23.57 15.02
C GLN B 256 20.82 23.89 13.75
N VAL B 257 19.93 22.99 13.35
CA VAL B 257 19.10 23.24 12.18
C VAL B 257 18.07 24.32 12.49
N LEU B 258 17.46 24.27 13.67
CA LEU B 258 16.47 25.27 14.04
C LEU B 258 17.08 26.64 14.32
N ASN B 259 18.40 26.74 14.44
CA ASN B 259 19.03 28.02 14.72
C ASN B 259 19.43 28.76 13.45
N VAL B 260 19.81 28.04 12.40
CA VAL B 260 20.11 28.70 11.14
C VAL B 260 18.84 29.21 10.48
N LEU B 261 17.72 28.51 10.67
CA LEU B 261 16.45 28.97 10.10
C LEU B 261 16.02 30.29 10.71
N PHE B 262 16.16 30.44 12.02
CA PHE B 262 15.75 31.68 12.67
C PHE B 262 16.68 32.83 12.30
N GLU B 263 17.97 32.54 12.11
CA GLU B 263 18.90 33.59 11.70
C GLU B 263 18.65 34.02 10.26
N ASN B 264 18.31 33.07 9.39
CA ASN B 264 18.00 33.41 8.00
C ASN B 264 16.69 34.18 7.92
N SER B 265 15.70 33.81 8.72
CA SER B 265 14.40 34.46 8.64
C SER B 265 14.41 35.89 9.16
N LYS B 266 15.38 36.25 10.01
CA LYS B 266 15.49 37.63 10.44
C LYS B 266 15.98 38.51 9.30
N GLN B 267 16.87 38.00 8.46
CA GLN B 267 17.32 38.75 7.29
C GLN B 267 16.16 39.00 6.33
N VAL B 268 15.32 37.98 6.12
CA VAL B 268 14.18 38.13 5.22
C VAL B 268 13.23 39.19 5.74
N LEU B 269 12.93 39.17 7.04
CA LEU B 269 11.99 40.12 7.61
C LEU B 269 12.56 41.53 7.62
N LEU B 270 13.85 41.68 7.93
CA LEU B 270 14.46 43.00 7.91
C LEU B 270 14.56 43.56 6.50
N GLY B 271 14.75 42.70 5.50
CA GLY B 271 14.82 43.18 4.13
C GLY B 271 13.47 43.48 3.51
N LEU B 272 12.39 42.94 4.07
CA LEU B 272 11.06 43.21 3.55
C LEU B 272 10.57 44.61 3.89
N LYS B 273 11.03 45.18 5.00
CA LYS B 273 10.55 46.50 5.42
C LYS B 273 10.90 47.58 4.41
N ASP B 274 11.91 47.34 3.58
CA ASP B 274 12.37 48.37 2.65
C ASP B 274 11.45 48.54 1.44
N MET B 275 10.56 47.58 1.18
CA MET B 275 9.62 47.67 0.06
C MET B 275 8.23 47.28 0.55
N LEU B 276 7.50 48.27 1.08
CA LEU B 276 6.14 48.05 1.56
C LEU B 276 5.23 49.20 1.13
N LYS B 277 5.40 49.66 -0.11
CA LYS B 277 4.63 50.77 -0.65
C LYS B 277 3.61 50.21 -1.63
N SER B 278 2.33 50.24 -1.24
CA SER B 278 1.24 49.72 -2.06
C SER B 278 0.52 50.88 -2.71
N ASP B 279 0.78 51.09 -4.00
CA ASP B 279 0.14 52.16 -4.76
C ASP B 279 -1.19 51.66 -5.34
N GLY B 280 -2.12 51.38 -4.43
CA GLY B 280 -3.44 50.93 -4.82
C GLY B 280 -3.73 49.49 -4.46
N GLN B 281 -4.15 48.70 -5.44
CA GLN B 281 -4.53 47.32 -5.18
C GLN B 281 -3.29 46.50 -4.84
N PRO B 282 -3.28 45.80 -3.70
CA PRO B 282 -2.10 45.00 -3.34
C PRO B 282 -1.87 43.86 -4.32
N THR B 283 -0.59 43.53 -4.50
CA THR B 283 -0.19 42.39 -5.32
C THR B 283 -0.25 41.12 -4.48
N TYR B 284 0.12 39.99 -5.08
CA TYR B 284 0.13 38.73 -4.35
C TYR B 284 1.27 38.65 -3.36
N LEU B 285 2.31 39.47 -3.51
CA LEU B 285 3.39 39.48 -2.52
C LEU B 285 2.96 40.16 -1.24
N HIS B 286 2.23 41.28 -1.34
CA HIS B 286 1.75 41.99 -0.15
C HIS B 286 0.79 41.13 0.64
N LEU B 287 -0.13 40.42 -0.03
CA LEU B 287 -1.04 39.52 0.67
C LEU B 287 -0.30 38.40 1.39
N LYS B 288 0.74 37.84 0.77
CA LYS B 288 1.51 36.78 1.41
C LYS B 288 2.32 37.28 2.59
N ILE B 289 2.86 38.50 2.52
CA ILE B 289 3.53 39.07 3.68
C ILE B 289 2.53 39.30 4.81
N ALA B 290 1.36 39.87 4.48
CA ALA B 290 0.36 40.15 5.48
C ALA B 290 -0.15 38.87 6.15
N SER B 291 -0.30 37.79 5.38
CA SER B 291 -0.75 36.53 5.97
C SER B 291 0.21 36.04 7.05
N TYR B 292 1.51 36.04 6.73
CA TYR B 292 2.50 35.60 7.71
C TYR B 292 2.50 36.51 8.94
N ILE B 293 2.43 37.83 8.72
CA ILE B 293 2.46 38.75 9.86
C ILE B 293 1.25 38.53 10.77
N LEU B 294 0.07 38.41 10.16
CA LEU B 294 -1.15 38.24 10.94
C LEU B 294 -1.20 36.89 11.65
N CYS B 295 -0.64 35.84 11.05
CA CYS B 295 -0.63 34.55 11.73
C CYS B 295 0.43 34.47 12.82
N ILE B 296 1.55 35.17 12.65
CA ILE B 296 2.57 35.18 13.71
C ILE B 296 2.09 36.01 14.91
N THR B 297 1.48 37.16 14.64
CA THR B 297 1.00 37.98 15.76
C THR B 297 -0.25 37.43 16.42
N ASN B 298 -0.65 36.19 16.09
CA ASN B 298 -1.78 35.54 16.74
C ASN B 298 -1.37 34.54 17.80
N VAL B 299 -0.18 33.96 17.69
CA VAL B 299 0.27 32.97 18.66
C VAL B 299 0.38 33.61 20.03
N LYS B 300 -0.01 32.88 21.07
CA LYS B 300 0.01 33.39 22.43
C LYS B 300 1.31 33.08 23.15
N GLU B 301 1.85 31.87 22.99
CA GLU B 301 3.09 31.52 23.64
C GLU B 301 4.24 32.35 23.08
N PRO B 302 5.20 32.77 23.91
CA PRO B 302 6.25 33.67 23.43
C PRO B 302 7.31 32.94 22.60
N ILE B 303 7.02 32.69 21.33
CA ILE B 303 8.02 32.13 20.44
C ILE B 303 8.97 33.22 19.97
N LYS B 304 10.17 32.81 19.57
CA LYS B 304 11.20 33.76 19.17
C LYS B 304 10.77 34.57 17.96
N LEU B 305 10.08 33.95 17.01
CA LEU B 305 9.63 34.67 15.83
C LEU B 305 8.62 35.76 16.18
N LYS B 306 7.67 35.44 17.06
CA LYS B 306 6.70 36.44 17.51
C LYS B 306 7.40 37.57 18.26
N THR B 307 8.32 37.23 19.16
CA THR B 307 9.06 38.26 19.89
C THR B 307 9.81 39.17 18.94
N PHE B 308 10.47 38.61 17.93
CA PHE B 308 11.23 39.42 16.98
C PHE B 308 10.30 40.32 16.18
N VAL B 309 9.20 39.78 15.66
CA VAL B 309 8.34 40.60 14.82
C VAL B 309 7.55 41.61 15.62
N GLU B 310 7.45 41.44 16.94
CA GLU B 310 6.77 42.43 17.76
C GLU B 310 7.70 43.46 18.38
N ASN B 311 9.00 43.18 18.49
CA ASN B 311 9.92 44.13 19.08
C ASN B 311 10.78 44.86 18.03
N GLU B 312 11.25 44.16 17.00
CA GLU B 312 12.15 44.73 16.01
C GLU B 312 11.46 45.05 14.69
N CYS B 313 10.21 44.64 14.50
CA CYS B 313 9.52 44.79 13.22
C CYS B 313 8.15 45.44 13.43
N LYS B 314 8.12 46.53 14.19
CA LYS B 314 6.88 47.26 14.40
C LYS B 314 6.34 47.90 13.12
N GLU B 315 7.16 48.04 12.08
CA GLU B 315 6.71 48.57 10.81
C GLU B 315 6.06 47.52 9.93
N LEU B 316 6.25 46.23 10.24
CA LEU B 316 5.61 45.17 9.48
C LEU B 316 4.24 44.79 10.01
N VAL B 317 3.93 45.15 11.25
CA VAL B 317 2.60 44.86 11.80
C VAL B 317 1.58 45.96 11.45
N GLN B 318 2.04 47.16 11.10
CA GLN B 318 1.12 48.19 10.64
C GLN B 318 0.76 47.98 9.17
N PHE B 319 1.71 47.47 8.38
CA PHE B 319 1.42 47.16 6.98
C PHE B 319 0.36 46.09 6.86
N ALA B 320 0.44 45.05 7.70
CA ALA B 320 -0.55 43.98 7.67
C ALA B 320 -1.94 44.48 8.05
N GLN B 321 -2.02 45.40 9.02
CA GLN B 321 -3.30 45.98 9.38
C GLN B 321 -3.83 46.87 8.25
N ASP B 322 -2.94 47.62 7.60
CA ASP B 322 -3.37 48.47 6.49
C ASP B 322 -3.90 47.64 5.33
N THR B 323 -3.25 46.53 5.02
CA THR B 323 -3.71 45.67 3.93
C THR B 323 -4.96 44.89 4.28
N LEU B 324 -5.28 44.74 5.56
CA LEU B 324 -6.49 44.05 5.97
C LEU B 324 -7.73 44.91 5.90
N LYS B 325 -7.58 46.23 6.02
CA LYS B 325 -8.72 47.15 5.95
C LYS B 325 -9.35 47.20 4.57
N ASN B 326 -8.68 46.70 3.54
CA ASN B 326 -9.26 46.66 2.20
C ASN B 326 -10.31 45.57 2.05
N PHE B 327 -10.35 44.61 2.97
CA PHE B 327 -11.24 43.46 2.84
C PHE B 327 -12.32 43.40 3.92
N VAL B 328 -12.34 44.31 4.88
CA VAL B 328 -13.40 44.40 5.87
C VAL B 328 -14.17 45.68 5.60
N GLN B 329 -15.20 45.59 4.77
CA GLN B 329 -16.02 46.73 4.38
C GLN B 329 -15.19 47.92 3.88
N VAL C 2 36.87 33.95 11.66
CA VAL C 2 36.13 32.69 11.60
C VAL C 2 37.09 31.53 11.40
N LYS C 3 37.24 30.70 12.43
CA LYS C 3 38.11 29.54 12.39
C LYS C 3 37.28 28.26 12.46
N GLY C 4 37.48 27.38 11.50
CA GLY C 4 36.73 26.13 11.46
C GLY C 4 37.25 25.13 10.46
N SER C 5 36.33 24.36 9.86
CA SER C 5 36.70 23.35 8.88
C SER C 5 35.50 23.10 7.97
N VAL C 6 35.78 22.91 6.68
CA VAL C 6 34.74 22.72 5.68
C VAL C 6 34.90 21.32 5.09
N HIS C 7 33.83 20.53 5.17
CA HIS C 7 33.82 19.16 4.66
C HIS C 7 32.98 19.10 3.39
N LEU C 8 33.53 18.48 2.34
CA LEU C 8 32.94 18.47 1.01
C LEU C 8 33.09 17.10 0.39
N TRP C 9 32.27 16.84 -0.64
CA TRP C 9 32.51 15.71 -1.53
C TRP C 9 33.72 16.01 -2.39
N GLY C 10 34.62 15.05 -2.53
CA GLY C 10 35.76 15.24 -3.40
C GLY C 10 36.80 14.16 -3.23
N LYS C 11 37.91 14.34 -3.95
CA LYS C 11 39.02 13.40 -3.92
C LYS C 11 40.26 14.09 -4.47
N ASP C 12 41.37 13.97 -3.73
CA ASP C 12 42.69 14.50 -4.10
C ASP C 12 42.62 15.93 -4.64
N GLY C 13 41.97 16.80 -3.87
CA GLY C 13 42.02 18.22 -4.13
C GLY C 13 40.99 18.76 -5.11
N LYS C 14 40.07 17.93 -5.59
CA LYS C 14 39.01 18.38 -6.48
C LYS C 14 37.67 17.91 -5.93
N ALA C 15 36.61 18.63 -6.28
CA ALA C 15 35.26 18.29 -5.85
C ALA C 15 34.57 17.49 -6.94
N SER C 16 33.91 16.40 -6.54
CA SER C 16 33.27 15.51 -7.49
C SER C 16 32.03 16.18 -8.09
N LEU C 17 31.63 15.69 -9.27
CA LEU C 17 30.46 16.22 -9.96
C LEU C 17 29.16 15.84 -9.29
N ILE C 18 29.17 14.93 -8.32
CA ILE C 18 27.95 14.55 -7.63
C ILE C 18 27.35 15.73 -6.89
N SER C 19 28.18 16.49 -6.18
CA SER C 19 27.74 17.61 -5.39
C SER C 19 28.03 18.91 -6.13
N VAL C 20 26.96 19.66 -6.46
CA VAL C 20 27.12 20.96 -7.10
C VAL C 20 27.40 22.08 -6.10
N ASP C 21 27.31 21.78 -4.80
CA ASP C 21 27.60 22.77 -3.77
C ASP C 21 29.03 22.69 -3.26
N SER C 22 29.69 21.54 -3.40
CA SER C 22 31.11 21.46 -3.11
C SER C 22 31.93 22.09 -4.22
N ILE C 23 31.46 21.96 -5.47
CA ILE C 23 32.13 22.59 -6.60
C ILE C 23 32.06 24.10 -6.49
N ALA C 24 30.89 24.63 -6.12
CA ALA C 24 30.75 26.08 -5.99
C ALA C 24 31.41 26.62 -4.73
N LEU C 25 31.66 25.77 -3.73
CA LEU C 25 32.28 26.23 -2.49
C LEU C 25 33.79 26.28 -2.58
N VAL C 26 34.40 25.63 -3.58
CA VAL C 26 35.82 25.78 -3.79
C VAL C 26 36.12 26.91 -4.78
N TRP C 27 35.16 27.28 -5.64
CA TRP C 27 35.30 28.50 -6.41
C TRP C 27 35.10 29.74 -5.55
N PHE C 28 34.42 29.61 -4.42
CA PHE C 28 34.18 30.74 -3.52
C PHE C 28 35.46 31.11 -2.78
N ILE C 29 36.05 30.14 -2.07
CA ILE C 29 37.24 30.42 -1.26
C ILE C 29 38.40 30.84 -2.14
N LYS C 30 38.43 30.39 -3.40
CA LYS C 30 39.50 30.78 -4.30
C LYS C 30 39.25 32.12 -4.99
N LEU C 31 38.13 32.78 -4.72
CA LEU C 31 37.82 34.08 -5.31
C LEU C 31 37.75 35.19 -4.28
N CYS C 32 38.05 34.90 -3.02
CA CYS C 32 38.08 35.91 -1.97
C CYS C 32 39.49 36.48 -1.91
N THR C 33 39.76 37.50 -2.73
CA THR C 33 41.08 38.07 -2.84
C THR C 33 41.20 39.49 -2.30
N SER C 34 40.10 40.26 -2.29
CA SER C 34 40.15 41.62 -1.78
C SER C 34 40.35 41.61 -0.27
N GLU C 35 40.71 42.78 0.26
CA GLU C 35 40.98 42.89 1.70
C GLU C 35 39.75 42.56 2.52
N GLU C 36 38.59 43.07 2.11
CA GLU C 36 37.36 42.80 2.85
C GLU C 36 36.93 41.34 2.71
N ALA C 37 37.07 40.78 1.51
CA ALA C 37 36.56 39.43 1.26
C ALA C 37 37.48 38.37 1.85
N LYS C 38 38.79 38.63 1.87
CA LYS C 38 39.72 37.60 2.33
C LYS C 38 39.55 37.30 3.82
N SER C 39 39.21 38.31 4.62
CA SER C 39 38.96 38.08 6.04
C SER C 39 37.72 37.24 6.28
N MET C 40 36.81 37.19 5.31
CA MET C 40 35.61 36.36 5.46
C MET C 40 35.96 34.87 5.53
N VAL C 41 36.89 34.43 4.68
CA VAL C 41 37.22 33.01 4.58
C VAL C 41 38.56 32.67 5.22
N ALA C 42 39.31 33.66 5.68
CA ALA C 42 40.59 33.38 6.32
C ALA C 42 40.39 32.56 7.58
N GLY C 43 41.19 31.50 7.73
CA GLY C 43 41.10 30.62 8.88
C GLY C 43 40.39 29.30 8.61
N LEU C 44 39.75 29.14 7.46
CA LEU C 44 39.05 27.91 7.14
C LEU C 44 40.01 26.88 6.55
N GLN C 45 39.70 25.62 6.80
CA GLN C 45 40.49 24.49 6.30
C GLN C 45 39.58 23.55 5.54
N ILE C 46 39.99 23.17 4.34
CA ILE C 46 39.20 22.30 3.47
C ILE C 46 39.57 20.86 3.73
N VAL C 47 38.56 20.02 3.98
CA VAL C 47 38.75 18.59 4.19
C VAL C 47 37.78 17.85 3.26
N PHE C 48 38.30 16.89 2.52
CA PHE C 48 37.48 16.03 1.67
C PHE C 48 37.17 14.73 2.40
N SER C 49 36.34 14.85 3.43
CA SER C 49 36.06 13.71 4.31
C SER C 49 35.21 12.67 3.60
N ASN C 50 34.19 13.10 2.85
CA ASN C 50 33.30 12.22 2.09
C ASN C 50 32.47 11.31 2.99
N ASN C 51 32.24 11.72 4.24
CA ASN C 51 31.34 10.99 5.13
C ASN C 51 30.28 11.96 5.64
N THR C 52 29.01 11.57 5.54
CA THR C 52 27.90 12.43 5.90
C THR C 52 27.52 12.36 7.37
N ASP C 53 28.18 11.50 8.16
CA ASP C 53 27.86 11.39 9.58
C ASP C 53 28.29 12.61 10.38
N LEU C 54 29.14 13.47 9.82
CA LEU C 54 29.49 14.73 10.48
C LEU C 54 28.46 15.82 10.26
N SER C 55 27.61 15.67 9.25
CA SER C 55 26.63 16.69 8.92
C SER C 55 25.53 16.76 9.97
N SER C 56 25.01 17.98 10.18
CA SER C 56 23.89 18.17 11.08
C SER C 56 22.55 17.82 10.44
N ASP C 57 22.51 17.65 9.12
CA ASP C 57 21.27 17.29 8.45
C ASP C 57 21.48 16.27 7.34
N GLY C 58 22.63 15.59 7.31
CA GLY C 58 22.86 14.55 6.33
C GLY C 58 23.38 15.00 4.98
N LYS C 59 23.74 16.27 4.83
CA LYS C 59 24.28 16.80 3.58
C LYS C 59 25.72 17.21 3.81
N LEU C 60 26.60 16.89 2.85
CA LEU C 60 28.03 16.80 3.15
C LEU C 60 28.71 18.16 3.33
N PRO C 61 28.49 19.18 2.48
CA PRO C 61 29.25 20.42 2.68
C PRO C 61 28.88 21.10 3.98
N VAL C 62 29.76 20.99 4.97
CA VAL C 62 29.46 21.38 6.35
C VAL C 62 30.60 22.20 6.91
N LEU C 63 30.25 23.28 7.60
CA LEU C 63 31.20 24.14 8.30
C LEU C 63 31.02 23.96 9.79
N ILE C 64 32.12 23.63 10.48
CA ILE C 64 32.12 23.39 11.92
C ILE C 64 33.13 24.33 12.56
N LEU C 65 32.65 25.24 13.40
CA LEU C 65 33.49 26.30 13.95
C LEU C 65 34.11 25.93 15.29
N ASP C 66 34.73 24.75 15.35
CA ASP C 66 35.60 24.36 16.47
C ASP C 66 34.88 24.31 17.82
N ASN C 67 33.57 24.54 17.83
CA ASN C 67 32.83 24.51 19.08
C ASN C 67 31.46 23.85 18.97
N GLY C 68 31.20 23.14 17.87
CA GLY C 68 29.94 22.46 17.66
C GLY C 68 28.98 23.19 16.74
N THR C 69 29.21 24.47 16.47
CA THR C 69 28.36 25.20 15.54
C THR C 69 28.49 24.62 14.14
N LYS C 70 27.43 23.99 13.65
CA LYS C 70 27.42 23.36 12.35
C LYS C 70 26.50 24.12 11.41
N VAL C 71 27.01 24.50 10.25
CA VAL C 71 26.22 25.13 9.19
C VAL C 71 26.35 24.28 7.94
N SER C 72 25.23 23.86 7.38
CA SER C 72 25.22 22.92 6.28
C SER C 72 24.52 23.53 5.06
N GLY C 73 25.07 23.25 3.89
CA GLY C 73 24.55 23.76 2.64
C GLY C 73 25.30 25.00 2.19
N TYR C 74 25.44 25.13 0.86
CA TYR C 74 26.21 26.25 0.30
C TYR C 74 25.55 27.58 0.63
N VAL C 75 24.23 27.67 0.47
CA VAL C 75 23.53 28.93 0.72
C VAL C 75 23.66 29.32 2.19
N ASN C 76 23.44 28.37 3.09
CA ASN C 76 23.55 28.66 4.52
C ASN C 76 24.97 29.06 4.89
N ILE C 77 25.98 28.39 4.33
CA ILE C 77 27.36 28.71 4.67
C ILE C 77 27.73 30.11 4.20
N VAL C 78 27.37 30.45 2.96
CA VAL C 78 27.74 31.78 2.45
C VAL C 78 26.96 32.87 3.17
N GLN C 79 25.69 32.63 3.51
CA GLN C 79 24.94 33.62 4.26
C GLN C 79 25.49 33.80 5.67
N PHE C 80 25.93 32.71 6.32
CA PHE C 80 26.57 32.83 7.62
C PHE C 80 27.88 33.58 7.54
N LEU C 81 28.67 33.32 6.51
CA LEU C 81 29.96 34.00 6.37
C LEU C 81 29.78 35.48 6.05
N HIS C 82 28.74 35.84 5.29
CA HIS C 82 28.56 37.24 4.91
C HIS C 82 28.14 38.13 6.07
N LYS C 83 27.62 37.55 7.16
CA LYS C 83 27.22 38.34 8.32
C LYS C 83 28.32 38.44 9.36
N ASN C 84 29.50 37.90 9.09
CA ASN C 84 30.65 37.97 9.99
C ASN C 84 31.78 38.76 9.35
N ILE C 85 31.45 39.87 8.69
CA ILE C 85 32.41 40.72 8.01
C ILE C 85 32.79 41.86 8.96
N CYS C 86 34.08 42.19 9.01
CA CYS C 86 34.55 43.27 9.87
C CYS C 86 33.95 44.60 9.44
N THR C 87 33.84 44.83 8.12
CA THR C 87 33.31 46.07 7.55
C THR C 87 34.13 47.27 8.02
N SER C 88 35.40 47.24 7.64
CA SER C 88 36.35 48.30 8.01
C SER C 88 36.93 48.96 6.78
N ASP C 99 37.23 40.50 -8.39
CA ASP C 99 36.75 39.13 -8.29
C ASP C 99 35.40 39.06 -7.60
N LEU C 100 35.34 38.36 -6.48
CA LEU C 100 34.10 38.18 -5.73
C LEU C 100 33.76 39.49 -5.02
N ALA C 101 32.59 40.04 -5.33
CA ALA C 101 32.16 41.29 -4.75
C ALA C 101 31.19 41.05 -3.59
N ILE C 102 31.09 42.05 -2.72
CA ILE C 102 30.16 42.02 -1.59
C ILE C 102 29.03 42.99 -1.92
N VAL C 103 27.79 42.50 -1.89
CA VAL C 103 26.67 43.28 -2.37
C VAL C 103 26.28 44.34 -1.34
N ARG C 104 25.77 45.46 -1.83
CA ARG C 104 25.40 46.57 -0.98
C ARG C 104 24.11 46.26 -0.20
N LYS C 105 23.88 47.04 0.86
CA LYS C 105 22.74 46.79 1.73
C LYS C 105 21.42 46.88 0.98
N LYS C 106 21.33 47.77 0.00
CA LYS C 106 20.11 47.95 -0.76
C LYS C 106 19.81 46.78 -1.69
N ASP C 107 20.76 45.86 -1.88
CA ASP C 107 20.57 44.75 -2.81
C ASP C 107 20.89 43.41 -2.16
N ARG C 108 20.60 43.28 -0.86
CA ARG C 108 20.86 42.01 -0.17
C ARG C 108 19.67 41.06 -0.29
N LEU C 109 18.44 41.58 -0.20
CA LEU C 109 17.27 40.72 -0.31
C LEU C 109 17.17 40.09 -1.69
N LEU C 110 17.46 40.85 -2.74
CA LEU C 110 17.40 40.29 -4.09
C LEU C 110 18.48 39.25 -4.30
N GLU C 111 19.68 39.47 -3.75
CA GLU C 111 20.74 38.48 -3.86
C GLU C 111 20.36 37.18 -3.14
N TYR C 112 19.80 37.30 -1.93
CA TYR C 112 19.35 36.12 -1.21
C TYR C 112 18.23 35.41 -1.97
N SER C 113 17.32 36.18 -2.58
CA SER C 113 16.24 35.58 -3.35
C SER C 113 16.78 34.80 -4.54
N LEU C 114 17.74 35.37 -5.26
CA LEU C 114 18.33 34.68 -6.41
C LEU C 114 19.05 33.41 -5.98
N LEU C 115 19.83 33.50 -4.89
CA LEU C 115 20.55 32.33 -4.40
C LEU C 115 19.59 31.22 -4.00
N ASN C 116 18.55 31.56 -3.24
CA ASN C 116 17.57 30.57 -2.82
C ASN C 116 16.82 30.00 -4.02
N TYR C 117 16.52 30.83 -5.02
CA TYR C 117 15.82 30.35 -6.20
C TYR C 117 16.67 29.33 -6.94
N VAL C 118 17.95 29.62 -7.14
CA VAL C 118 18.84 28.66 -7.77
C VAL C 118 18.84 27.36 -6.97
N ASP C 119 18.99 27.47 -5.65
CA ASP C 119 19.11 26.28 -4.81
C ASP C 119 17.86 25.41 -4.89
N VAL C 120 16.68 26.02 -4.86
CA VAL C 120 15.45 25.22 -4.77
C VAL C 120 14.82 24.92 -6.12
N GLU C 121 15.28 25.53 -7.21
CA GLU C 121 14.70 25.27 -8.52
C GLU C 121 15.70 24.67 -9.49
N ILE C 122 16.87 25.30 -9.67
CA ILE C 122 17.77 24.84 -10.72
C ILE C 122 18.62 23.68 -10.22
N SER C 123 18.93 23.63 -8.92
CA SER C 123 19.69 22.50 -8.39
C SER C 123 18.87 21.23 -8.35
N ARG C 124 17.55 21.31 -8.50
CA ARG C 124 16.73 20.11 -8.60
C ARG C 124 16.91 19.42 -9.95
N LEU C 125 17.03 20.21 -11.02
CA LEU C 125 17.17 19.63 -12.35
C LEU C 125 18.49 18.90 -12.52
N THR C 126 19.55 19.36 -11.86
CA THR C 126 20.83 18.68 -11.95
C THR C 126 20.76 17.28 -11.34
N ASP C 127 20.00 17.12 -10.25
CA ASP C 127 19.82 15.79 -9.67
C ASP C 127 19.11 14.86 -10.64
N TYR C 128 18.15 15.39 -11.41
CA TYR C 128 17.48 14.58 -12.43
C TYR C 128 18.48 14.03 -13.44
N GLN C 129 19.33 14.90 -13.98
CA GLN C 129 20.34 14.46 -14.95
C GLN C 129 21.35 13.50 -14.32
N LEU C 130 21.64 13.65 -13.04
CA LEU C 130 22.63 12.80 -12.38
C LEU C 130 22.10 11.42 -12.05
N PHE C 131 20.83 11.31 -11.65
CA PHE C 131 20.31 10.03 -11.16
C PHE C 131 19.14 9.48 -11.96
N LEU C 132 18.18 10.30 -12.33
CA LEU C 132 16.97 9.82 -12.99
C LEU C 132 17.14 9.64 -14.49
N ASN C 133 18.23 10.15 -15.08
CA ASN C 133 18.54 9.92 -16.47
C ASN C 133 19.34 8.63 -16.58
N THR C 134 18.78 7.63 -17.26
CA THR C 134 19.38 6.31 -17.28
C THR C 134 20.75 6.33 -17.95
N LYS C 135 20.89 7.07 -19.06
CA LYS C 135 22.14 7.09 -19.79
C LYS C 135 23.28 7.65 -18.95
N ASN C 136 22.99 8.60 -18.06
CA ASN C 136 24.01 9.16 -17.19
C ASN C 136 24.22 8.31 -15.94
N TYR C 137 23.15 7.78 -15.35
CA TYR C 137 23.26 7.03 -14.11
C TYR C 137 23.98 5.71 -14.34
N ASN C 138 23.60 4.97 -15.38
CA ASN C 138 24.20 3.65 -15.62
C ASN C 138 25.61 3.75 -16.15
N GLU C 139 26.01 4.90 -16.69
CA GLU C 139 27.32 5.05 -17.32
C GLU C 139 28.31 5.83 -16.47
N TYR C 140 27.88 6.87 -15.77
CA TYR C 140 28.81 7.75 -15.07
C TYR C 140 28.59 7.81 -13.57
N THR C 141 27.34 7.94 -13.12
CA THR C 141 27.08 8.25 -11.72
C THR C 141 27.57 7.14 -10.79
N LYS C 142 27.24 5.89 -11.09
CA LYS C 142 27.53 4.79 -10.17
C LYS C 142 29.02 4.53 -10.02
N LYS C 143 29.84 4.89 -11.01
CA LYS C 143 31.25 4.57 -10.94
C LYS C 143 31.98 5.40 -9.89
N LEU C 144 31.46 6.57 -9.55
CA LEU C 144 32.17 7.47 -8.64
C LEU C 144 32.08 7.00 -7.18
N PHE C 145 30.97 6.37 -6.79
CA PHE C 145 30.79 6.01 -5.39
C PHE C 145 31.75 4.91 -4.95
N SER C 146 32.07 3.97 -5.85
CA SER C 146 33.02 2.91 -5.50
C SER C 146 34.40 3.48 -5.21
N LYS C 147 34.77 4.59 -5.86
CA LYS C 147 36.03 5.25 -5.57
C LYS C 147 35.94 6.21 -4.41
N LEU C 148 34.75 6.73 -4.10
CA LEU C 148 34.60 7.70 -3.02
C LEU C 148 34.44 7.07 -1.65
N LEU C 149 33.76 5.93 -1.56
CA LEU C 149 33.43 5.32 -0.28
C LEU C 149 34.26 4.06 -0.04
N TYR C 150 33.99 3.38 1.06
CA TYR C 150 34.68 2.16 1.44
C TYR C 150 33.88 0.93 1.03
N PHE C 151 34.60 -0.20 0.88
CA PHE C 151 34.05 -1.36 0.19
C PHE C 151 32.71 -1.85 0.72
N PRO C 152 32.50 -2.07 2.02
CA PRO C 152 31.16 -2.49 2.46
C PRO C 152 30.08 -1.46 2.19
N MET C 153 30.40 -0.17 2.28
CA MET C 153 29.42 0.90 2.07
C MET C 153 29.54 1.46 0.66
N TRP C 154 29.34 0.59 -0.33
CA TRP C 154 29.50 0.95 -1.73
C TRP C 154 28.20 1.03 -2.52
N TYR C 155 27.14 0.36 -2.07
CA TYR C 155 25.95 0.18 -2.89
C TYR C 155 24.71 0.90 -2.37
N ASN C 156 24.65 1.21 -1.08
CA ASN C 156 23.45 1.82 -0.53
C ASN C 156 23.30 3.28 -0.93
N THR C 157 24.41 4.03 -0.95
CA THR C 157 24.35 5.46 -1.23
C THR C 157 23.81 5.78 -2.61
N PRO C 158 24.23 5.12 -3.70
CA PRO C 158 23.61 5.43 -5.00
C PRO C 158 22.11 5.20 -5.03
N LEU C 159 21.62 4.12 -4.41
CA LEU C 159 20.19 3.85 -4.40
C LEU C 159 19.45 4.89 -3.55
N GLN C 160 20.03 5.27 -2.41
CA GLN C 160 19.42 6.31 -1.59
C GLN C 160 19.30 7.62 -2.35
N LEU C 161 20.38 8.03 -3.01
CA LEU C 161 20.36 9.29 -3.75
C LEU C 161 19.40 9.21 -4.93
N ARG C 162 19.32 8.05 -5.60
CA ARG C 162 18.38 7.90 -6.71
C ARG C 162 16.95 7.99 -6.24
N SER C 163 16.63 7.36 -5.09
CA SER C 163 15.29 7.47 -4.54
C SER C 163 14.97 8.90 -4.11
N GLN C 164 15.94 9.59 -3.51
CA GLN C 164 15.72 10.98 -3.11
C GLN C 164 15.51 11.87 -4.34
N ALA C 165 16.28 11.64 -5.41
CA ALA C 165 16.22 12.52 -6.57
C ALA C 165 14.91 12.40 -7.33
N ARG C 166 14.13 11.33 -7.11
CA ARG C 166 12.83 11.20 -7.75
C ARG C 166 11.69 11.71 -6.89
N GLU C 167 11.93 11.94 -5.60
CA GLU C 167 10.89 12.52 -4.74
C GLU C 167 10.73 14.01 -5.01
N ASN C 168 11.80 14.70 -5.36
CA ASN C 168 11.75 16.12 -5.66
C ASN C 168 11.29 16.42 -7.08
N CYS C 169 11.25 15.42 -7.96
CA CYS C 169 10.93 15.64 -9.36
C CYS C 169 9.63 14.96 -9.79
N GLU C 170 8.85 14.44 -8.84
CA GLU C 170 7.62 13.72 -9.17
C GLU C 170 6.66 14.58 -9.99
N GLU C 171 6.14 15.65 -9.38
CA GLU C 171 5.11 16.46 -10.03
C GLU C 171 5.63 17.23 -11.23
N ILE C 172 6.94 17.33 -11.42
CA ILE C 172 7.52 18.09 -12.50
C ILE C 172 7.81 17.21 -13.72
N ILE C 173 8.52 16.10 -13.52
CA ILE C 173 8.94 15.28 -14.65
C ILE C 173 8.46 13.84 -14.48
N GLY C 174 8.29 13.40 -13.24
CA GLY C 174 7.92 12.03 -12.98
C GLY C 174 9.07 11.06 -13.13
N LYS C 200 6.35 -19.36 -24.82
CA LYS C 200 7.71 -19.55 -24.31
C LYS C 200 8.59 -18.37 -24.72
N THR C 201 9.44 -18.59 -25.73
CA THR C 201 10.27 -17.51 -26.24
C THR C 201 9.43 -16.47 -26.99
N PHE C 202 8.30 -16.89 -27.56
CA PHE C 202 7.39 -15.93 -28.18
C PHE C 202 6.81 -14.98 -27.14
N LYS C 203 6.58 -15.47 -25.92
CA LYS C 203 6.16 -14.59 -24.84
C LYS C 203 7.25 -13.57 -24.52
N ILE C 204 8.52 -13.99 -24.57
CA ILE C 204 9.62 -13.05 -24.37
C ILE C 204 9.63 -12.00 -25.47
N ALA C 205 9.41 -12.43 -26.72
CA ALA C 205 9.36 -11.48 -27.83
C ALA C 205 8.21 -10.49 -27.65
N HIS C 206 7.07 -10.96 -27.17
CA HIS C 206 5.96 -10.07 -26.87
C HIS C 206 6.33 -9.07 -25.78
N LYS C 207 7.00 -9.54 -24.72
CA LYS C 207 7.44 -8.65 -23.65
C LYS C 207 8.51 -7.67 -24.10
N ASN C 208 9.21 -7.97 -25.20
CA ASN C 208 10.29 -7.10 -25.66
C ASN C 208 9.79 -5.72 -26.09
N LYS C 209 8.48 -5.55 -26.28
CA LYS C 209 7.93 -4.24 -26.60
C LYS C 209 8.10 -3.25 -25.46
N ILE C 210 8.44 -3.74 -24.25
CA ILE C 210 8.70 -2.86 -23.13
C ILE C 210 9.88 -1.94 -23.42
N LYS C 211 10.87 -2.42 -24.17
CA LYS C 211 12.00 -1.56 -24.54
C LYS C 211 11.55 -0.40 -25.40
N GLY C 212 10.68 -0.65 -26.39
CA GLY C 212 10.15 0.43 -27.19
C GLY C 212 9.30 1.39 -26.39
N LYS C 213 8.50 0.84 -25.47
CA LYS C 213 7.71 1.70 -24.59
C LYS C 213 8.61 2.59 -23.73
N GLN C 214 9.71 2.03 -23.23
CA GLN C 214 10.65 2.82 -22.44
C GLN C 214 11.32 3.89 -23.28
N GLU C 215 11.66 3.58 -24.53
CA GLU C 215 12.23 4.59 -25.42
C GLU C 215 11.24 5.72 -25.66
N LEU C 216 9.97 5.39 -25.90
CA LEU C 216 8.95 6.43 -26.08
C LEU C 216 8.79 7.27 -24.83
N GLN C 217 8.80 6.63 -23.66
CA GLN C 217 8.67 7.38 -22.40
C GLN C 217 9.88 8.30 -22.19
N GLN C 218 11.08 7.82 -22.51
CA GLN C 218 12.26 8.66 -22.39
C GLN C 218 12.22 9.84 -23.35
N VAL C 219 11.73 9.64 -24.57
CA VAL C 219 11.57 10.76 -25.49
C VAL C 219 10.55 11.75 -24.96
N LYS C 220 9.46 11.25 -24.37
CA LYS C 220 8.46 12.14 -23.78
C LYS C 220 9.04 12.94 -22.63
N TYR C 221 9.83 12.29 -21.77
CA TYR C 221 10.37 12.96 -20.58
C TYR C 221 11.40 14.02 -20.95
N ASN C 222 12.17 13.81 -22.03
CA ASN C 222 13.17 14.78 -22.43
C ASN C 222 12.55 16.09 -22.89
N LEU C 223 11.24 16.12 -23.14
CA LEU C 223 10.60 17.35 -23.57
C LEU C 223 10.15 18.20 -22.38
N GLN C 224 9.63 17.57 -21.33
CA GLN C 224 9.25 18.30 -20.13
C GLN C 224 10.47 18.93 -19.47
N PHE C 225 11.58 18.17 -19.40
CA PHE C 225 12.79 18.68 -18.79
C PHE C 225 13.32 19.90 -19.53
N ASP C 226 13.31 19.87 -20.87
CA ASP C 226 13.78 21.01 -21.64
C ASP C 226 12.95 22.25 -21.39
N ASN C 227 11.62 22.13 -21.40
CA ASN C 227 10.77 23.27 -21.12
C ASN C 227 10.96 23.82 -19.71
N ARG C 228 11.05 22.93 -18.72
CA ARG C 228 11.23 23.40 -17.35
C ARG C 228 12.58 24.11 -17.17
N LEU C 229 13.65 23.55 -17.75
CA LEU C 229 14.95 24.18 -17.67
C LEU C 229 14.94 25.53 -18.39
N GLN C 230 14.34 25.60 -19.57
CA GLN C 230 14.30 26.84 -20.32
C GLN C 230 13.52 27.91 -19.57
N SER C 231 12.45 27.54 -18.89
CA SER C 231 11.70 28.50 -18.09
C SER C 231 12.48 28.95 -16.86
N CYS C 232 13.10 28.01 -16.13
CA CYS C 232 13.82 28.37 -14.91
C CYS C 232 15.00 29.28 -15.20
N VAL C 233 15.83 28.91 -16.18
CA VAL C 233 17.01 29.73 -16.45
C VAL C 233 16.62 31.07 -17.07
N SER C 234 15.52 31.11 -17.83
CA SER C 234 15.07 32.39 -18.37
C SER C 234 14.58 33.31 -17.26
N ASN C 235 13.84 32.78 -16.29
CA ASN C 235 13.42 33.59 -15.14
C ASN C 235 14.63 34.08 -14.36
N TRP C 236 15.62 33.21 -14.15
CA TRP C 236 16.81 33.63 -13.40
C TRP C 236 17.57 34.72 -14.14
N LEU C 237 17.70 34.59 -15.46
CA LEU C 237 18.38 35.62 -16.23
C LEU C 237 17.61 36.94 -16.24
N ALA C 238 16.28 36.86 -16.28
CA ALA C 238 15.48 38.09 -16.23
C ALA C 238 15.60 38.79 -14.89
N ALA C 239 15.66 38.02 -13.80
CA ALA C 239 15.80 38.63 -12.48
C ALA C 239 17.22 39.12 -12.21
N ARG C 240 18.22 38.43 -12.76
CA ARG C 240 19.62 38.79 -12.48
C ARG C 240 19.99 40.15 -13.04
N LYS C 241 19.33 40.59 -14.12
CA LYS C 241 19.67 41.86 -14.73
C LYS C 241 19.33 43.05 -13.84
N LYS C 242 18.56 42.85 -12.78
CA LYS C 242 18.28 43.95 -11.85
C LYS C 242 19.50 44.33 -11.03
N LEU C 243 20.47 43.44 -10.90
CA LEU C 243 21.68 43.69 -10.14
C LEU C 243 22.80 44.15 -11.08
N ASP C 244 24.01 44.25 -10.55
CA ASP C 244 25.16 44.66 -11.35
C ASP C 244 25.73 43.45 -12.08
N ASP C 245 25.90 43.58 -13.39
CA ASP C 245 26.37 42.49 -14.23
C ASP C 245 27.88 42.50 -14.44
N SER C 246 28.61 43.44 -13.82
CA SER C 246 30.04 43.56 -13.99
C SER C 246 30.83 42.96 -12.82
N VAL C 247 30.16 42.22 -11.95
CA VAL C 247 30.80 41.62 -10.78
C VAL C 247 30.39 40.16 -10.69
N ILE C 248 31.06 39.43 -9.81
CA ILE C 248 30.78 38.02 -9.56
C ILE C 248 30.16 37.91 -8.17
N LEU C 249 28.92 37.44 -8.12
CA LEU C 249 28.19 37.28 -6.87
C LEU C 249 28.18 35.82 -6.45
N SER C 250 27.76 35.59 -5.20
CA SER C 250 27.70 34.23 -4.68
C SER C 250 26.68 33.38 -5.43
N SER C 251 25.63 34.01 -5.97
CA SER C 251 24.60 33.29 -6.71
C SER C 251 25.02 32.94 -8.12
N ASP C 252 26.08 33.57 -8.65
CA ASP C 252 26.60 33.20 -9.95
C ASP C 252 27.46 31.95 -9.88
N LEU C 253 28.12 31.71 -8.75
CA LEU C 253 28.97 30.53 -8.62
C LEU C 253 28.16 29.25 -8.50
N LEU C 254 26.88 29.34 -8.15
CA LEU C 254 26.04 28.16 -8.07
C LEU C 254 25.34 27.83 -9.38
N PHE C 255 24.86 28.84 -10.10
CA PHE C 255 24.30 28.63 -11.43
C PHE C 255 25.36 28.10 -12.39
N LEU C 256 26.56 28.67 -12.35
CA LEU C 256 27.63 28.18 -13.20
C LEU C 256 28.09 26.79 -12.77
N ALA C 257 28.04 26.48 -11.48
CA ALA C 257 28.35 25.12 -11.04
C ALA C 257 27.33 24.13 -11.58
N ASN C 258 26.05 24.50 -11.56
CA ASN C 258 25.02 23.63 -12.13
C ASN C 258 25.24 23.43 -13.62
N LEU C 259 25.56 24.50 -14.35
CA LEU C 259 25.83 24.36 -15.78
C LEU C 259 27.05 23.49 -16.04
N TYR C 260 28.11 23.66 -15.24
CA TYR C 260 29.32 22.86 -15.40
C TYR C 260 29.04 21.39 -15.17
N VAL C 261 28.25 21.06 -14.15
CA VAL C 261 27.91 19.67 -13.89
C VAL C 261 27.03 19.12 -15.01
N GLN C 262 26.04 19.89 -15.45
CA GLN C 262 25.08 19.41 -16.44
C GLN C 262 25.68 19.27 -17.83
N LEU C 263 26.70 20.06 -18.18
CA LEU C 263 27.31 20.03 -19.49
C LEU C 263 28.56 19.16 -19.54
N GLY C 264 28.88 18.48 -18.45
CA GLY C 264 30.03 17.59 -18.44
C GLY C 264 29.62 16.13 -18.39
N LEU C 265 28.33 15.88 -18.23
CA LEU C 265 27.78 14.54 -18.23
C LEU C 265 27.80 13.96 -19.64
N PRO C 266 27.77 12.63 -19.76
CA PRO C 266 27.79 12.02 -21.10
C PRO C 266 26.66 12.50 -22.00
N ASP C 267 25.47 12.77 -21.44
CA ASP C 267 24.33 13.24 -22.21
C ASP C 267 24.21 14.76 -22.19
N GLY C 268 25.32 15.47 -21.99
CA GLY C 268 25.28 16.92 -21.91
C GLY C 268 25.23 17.64 -23.23
N ASN C 269 25.52 16.94 -24.33
CA ASN C 269 25.52 17.59 -25.64
C ASN C 269 24.11 18.00 -26.05
N ARG C 270 23.11 17.18 -25.74
CA ARG C 270 21.73 17.56 -26.05
C ARG C 270 21.31 18.80 -25.27
N ILE C 271 21.68 18.87 -23.99
CA ILE C 271 21.36 20.04 -23.18
C ILE C 271 22.07 21.27 -23.73
N ARG C 272 23.34 21.13 -24.11
CA ARG C 272 24.09 22.26 -24.65
C ARG C 272 23.47 22.75 -25.95
N SER C 273 23.00 21.83 -26.79
CA SER C 273 22.34 22.22 -28.03
C SER C 273 21.01 22.91 -27.76
N LYS C 274 20.23 22.39 -26.81
CA LYS C 274 18.93 22.97 -26.54
C LYS C 274 19.04 24.37 -25.95
N LEU C 275 19.95 24.55 -24.97
CA LEU C 275 20.09 25.86 -24.36
C LEU C 275 20.62 26.89 -25.34
N GLU C 276 21.58 26.50 -26.19
CA GLU C 276 22.20 27.44 -27.10
C GLU C 276 21.20 27.99 -28.11
N GLN C 277 20.38 27.11 -28.69
CA GLN C 277 19.49 27.52 -29.77
C GLN C 277 18.41 28.48 -29.32
N THR C 278 18.14 28.58 -28.02
CA THR C 278 17.11 29.46 -27.51
C THR C 278 17.63 30.54 -26.58
N PHE C 279 18.91 30.54 -26.23
CA PHE C 279 19.46 31.57 -25.37
C PHE C 279 20.68 32.28 -25.94
N GLY C 280 21.22 31.83 -27.07
CA GLY C 280 22.31 32.56 -27.69
C GLY C 280 23.66 31.90 -27.58
N SER C 281 24.31 31.70 -28.72
CA SER C 281 25.64 31.11 -28.73
C SER C 281 26.63 31.99 -27.98
N GLU C 282 26.53 33.31 -28.15
CA GLU C 282 27.45 34.21 -27.45
C GLU C 282 27.27 34.12 -25.94
N LEU C 283 26.02 34.07 -25.47
CA LEU C 283 25.78 33.96 -24.03
C LEU C 283 26.30 32.63 -23.49
N LEU C 284 26.01 31.54 -24.18
CA LEU C 284 26.49 30.23 -23.73
C LEU C 284 28.01 30.17 -23.72
N ASN C 285 28.66 30.74 -24.75
CA ASN C 285 30.11 30.76 -24.80
C ASN C 285 30.69 31.62 -23.68
N SER C 286 30.07 32.76 -23.37
CA SER C 286 30.56 33.58 -22.26
C SER C 286 30.46 32.82 -20.94
N MET C 287 29.34 32.14 -20.71
CA MET C 287 29.20 31.37 -19.48
C MET C 287 30.22 30.24 -19.41
N SER C 288 30.45 29.56 -20.54
CA SER C 288 31.43 28.48 -20.56
C SER C 288 32.84 29.00 -20.34
N ASN C 289 33.16 30.18 -20.88
CA ASN C 289 34.47 30.79 -20.64
C ASN C 289 34.64 31.14 -19.17
N LYS C 290 33.60 31.68 -18.54
CA LYS C 290 33.67 31.95 -17.11
C LYS C 290 33.89 30.67 -16.32
N ILE C 291 33.20 29.59 -16.69
CA ILE C 291 33.36 28.32 -16.00
C ILE C 291 34.79 27.81 -16.16
N ASP C 292 35.34 27.90 -17.37
CA ASP C 292 36.71 27.44 -17.60
C ASP C 292 37.71 28.27 -16.82
N ASP C 293 37.50 29.59 -16.77
CA ASP C 293 38.39 30.44 -15.97
C ASP C 293 38.32 30.07 -14.50
N PHE C 294 37.12 29.80 -13.98
CA PHE C 294 36.99 29.37 -12.59
C PHE C 294 37.69 28.04 -12.36
N VAL C 295 37.59 27.11 -13.32
CA VAL C 295 38.22 25.80 -13.15
C VAL C 295 39.74 25.93 -13.14
N HIS C 296 40.30 26.72 -14.05
CA HIS C 296 41.76 26.86 -14.15
C HIS C 296 42.24 28.02 -13.29
N ARG C 297 42.26 27.78 -11.98
CA ARG C 297 42.75 28.75 -11.01
C ARG C 297 43.82 28.13 -10.13
N PRO C 298 44.84 28.91 -9.75
CA PRO C 298 45.84 28.39 -8.81
C PRO C 298 45.25 28.21 -7.43
N SER C 299 45.59 27.08 -6.80
CA SER C 299 45.09 26.76 -5.46
C SER C 299 46.03 27.35 -4.42
N ASN C 300 45.98 28.68 -4.29
CA ASN C 300 46.79 29.41 -3.33
C ASN C 300 46.02 29.71 -2.05
N ASN C 301 44.84 30.34 -2.17
CA ASN C 301 44.01 30.60 -1.00
C ASN C 301 43.50 29.30 -0.40
N LEU C 302 43.18 28.31 -1.24
CA LEU C 302 42.71 27.02 -0.74
C LEU C 302 43.83 26.30 0.00
N GLU C 303 43.46 25.62 1.09
CA GLU C 303 44.42 24.91 1.91
C GLU C 303 43.76 23.65 2.45
N GLN C 304 44.11 22.50 1.88
CA GLN C 304 43.51 21.23 2.26
C GLN C 304 44.08 20.75 3.60
N ARG C 305 43.41 19.77 4.18
CA ARG C 305 43.89 19.10 5.38
C ARG C 305 43.49 17.63 5.29
N ASP C 306 44.41 16.75 5.62
CA ASP C 306 44.10 15.33 5.53
C ASP C 306 43.11 14.95 6.63
N PRO C 307 42.07 14.17 6.30
CA PRO C 307 41.06 13.82 7.29
C PRO C 307 41.66 13.03 8.45
N GLN C 308 41.16 13.31 9.66
CA GLN C 308 41.56 12.58 10.84
C GLN C 308 40.69 11.33 11.00
N PHE C 309 41.16 10.42 11.86
CA PHE C 309 40.48 9.13 12.01
C PHE C 309 39.04 9.33 12.46
N ARG C 310 38.82 10.20 13.45
CA ARG C 310 37.47 10.46 13.95
C ARG C 310 36.55 11.00 12.86
N GLU C 311 37.12 11.53 11.77
CA GLU C 311 36.34 12.03 10.64
C GLU C 311 36.71 11.31 9.37
N GLN C 312 37.06 10.02 9.48
CA GLN C 312 37.37 9.23 8.30
C GLN C 312 36.13 8.67 7.62
N GLY C 313 35.27 8.00 8.39
CA GLY C 313 34.10 7.37 7.83
C GLY C 313 34.28 5.93 7.41
N ASN C 314 35.25 5.23 7.98
CA ASN C 314 35.52 3.84 7.61
C ASN C 314 34.52 2.92 8.32
N VAL C 315 34.81 1.61 8.28
CA VAL C 315 33.88 0.64 8.85
C VAL C 315 33.75 0.82 10.36
N VAL C 316 34.88 1.05 11.05
CA VAL C 316 34.84 1.19 12.50
C VAL C 316 34.03 2.40 12.90
N MET C 317 34.27 3.54 12.25
CA MET C 317 33.52 4.75 12.56
C MET C 317 32.05 4.61 12.19
N SER C 318 31.76 3.92 11.09
CA SER C 318 30.37 3.69 10.71
C SER C 318 29.64 2.86 11.76
N LEU C 319 30.29 1.80 12.25
CA LEU C 319 29.67 0.98 13.29
C LEU C 319 29.51 1.76 14.59
N TYR C 320 30.51 2.59 14.94
CA TYR C 320 30.40 3.42 16.14
C TYR C 320 29.23 4.40 16.02
N ASN C 321 29.08 5.03 14.86
CA ASN C 321 27.98 5.96 14.65
C ASN C 321 26.63 5.24 14.70
N LEU C 322 26.54 4.04 14.11
CA LEU C 322 25.31 3.27 14.19
C LEU C 322 24.97 2.90 15.62
N ALA C 323 25.97 2.53 16.41
CA ALA C 323 25.72 2.23 17.82
C ALA C 323 25.26 3.47 18.58
N CYS C 324 25.89 4.62 18.31
CA CYS C 324 25.53 5.83 19.05
C CYS C 324 24.16 6.36 18.64
N LYS C 325 23.74 6.14 17.39
CA LYS C 325 22.45 6.63 16.95
C LYS C 325 21.31 5.97 17.71
N TYR C 326 21.38 4.66 17.92
CA TYR C 326 20.36 3.95 18.67
C TYR C 326 20.42 4.20 20.17
N ILE C 327 21.62 4.35 20.73
CA ILE C 327 21.77 4.60 22.15
C ILE C 327 21.41 6.04 22.48
N HIS D 50 2.79 -48.57 -41.80
CA HIS D 50 2.88 -48.29 -40.39
C HIS D 50 3.41 -49.49 -39.61
N SER D 51 4.31 -50.25 -40.25
CA SER D 51 4.94 -51.41 -39.63
C SER D 51 6.39 -51.14 -39.26
N HIS D 52 7.17 -50.56 -40.16
CA HIS D 52 8.54 -50.20 -39.84
C HIS D 52 8.60 -49.14 -38.73
N ARG D 53 7.57 -48.28 -38.63
CA ARG D 53 7.51 -47.35 -37.51
C ARG D 53 7.42 -48.09 -36.19
N GLN D 54 6.61 -49.15 -36.13
CA GLN D 54 6.52 -49.96 -34.92
C GLN D 54 7.81 -50.73 -34.68
N SER D 55 8.46 -51.19 -35.75
CA SER D 55 9.72 -51.91 -35.59
C SER D 55 10.81 -51.02 -35.01
N LEU D 56 10.85 -49.76 -35.45
CA LEU D 56 11.83 -48.81 -34.93
C LEU D 56 11.63 -48.51 -33.45
N GLU D 57 10.43 -48.77 -32.92
CA GLU D 57 10.12 -48.56 -31.50
C GLU D 57 10.39 -47.10 -31.09
N LEU D 58 9.82 -46.18 -31.86
CA LEU D 58 9.97 -44.77 -31.56
C LEU D 58 9.35 -44.43 -30.21
N VAL D 59 10.09 -43.68 -29.40
CA VAL D 59 9.66 -43.31 -28.06
C VAL D 59 8.92 -41.98 -28.12
N ASN D 60 8.01 -41.79 -27.18
CA ASN D 60 7.24 -40.55 -27.13
C ASN D 60 8.11 -39.43 -26.57
N PRO D 61 8.32 -38.34 -27.30
CA PRO D 61 9.10 -37.22 -26.77
C PRO D 61 8.32 -36.44 -25.73
N GLY D 62 9.05 -35.62 -24.97
CA GLY D 62 8.46 -34.79 -23.95
C GLY D 62 7.74 -33.59 -24.53
N THR D 63 7.19 -32.77 -23.63
CA THR D 63 6.49 -31.58 -24.05
C THR D 63 7.46 -30.56 -24.66
N VAL D 64 6.97 -29.78 -25.61
CA VAL D 64 7.80 -28.80 -26.28
C VAL D 64 8.27 -27.72 -25.31
N GLU D 65 7.52 -27.50 -24.23
CA GLU D 65 7.88 -26.45 -23.28
C GLU D 65 8.95 -26.91 -22.29
N ASN D 66 9.22 -28.22 -22.21
CA ASN D 66 10.17 -28.76 -21.26
C ASN D 66 11.40 -29.36 -21.93
N LEU D 67 11.78 -28.82 -23.09
CA LEU D 67 12.99 -29.30 -23.76
C LEU D 67 14.23 -28.98 -22.94
N ASN D 68 14.30 -27.78 -22.36
CA ASN D 68 15.39 -27.38 -21.47
C ASN D 68 14.92 -27.21 -20.04
N LYS D 69 13.94 -28.03 -19.62
CA LYS D 69 13.39 -27.91 -18.27
C LYS D 69 14.45 -28.18 -17.21
N GLU D 70 15.30 -29.18 -17.42
CA GLU D 70 16.30 -29.55 -16.42
C GLU D 70 17.26 -28.40 -16.16
N VAL D 71 17.68 -27.68 -17.19
CA VAL D 71 18.58 -26.55 -17.02
C VAL D 71 17.84 -25.33 -16.49
N SER D 72 16.66 -25.03 -17.04
CA SER D 72 15.95 -23.81 -16.68
C SER D 72 15.48 -23.84 -15.23
N ARG D 73 14.92 -24.96 -14.78
CA ARG D 73 14.30 -25.05 -13.47
C ARG D 73 15.19 -25.72 -12.43
N ASP D 74 15.67 -26.94 -12.72
CA ASP D 74 16.42 -27.69 -11.71
C ASP D 74 17.78 -27.06 -11.44
N VAL D 75 18.51 -26.70 -12.50
CA VAL D 75 19.89 -26.26 -12.34
C VAL D 75 19.95 -24.78 -11.95
N PHE D 76 19.42 -23.91 -12.81
CA PHE D 76 19.53 -22.49 -12.58
C PHE D 76 18.60 -22.03 -11.45
N LEU D 77 19.07 -21.06 -10.68
CA LEU D 77 18.34 -20.52 -9.55
C LEU D 77 17.65 -19.20 -9.86
N SER D 78 17.60 -18.82 -11.14
CA SER D 78 16.94 -17.56 -11.49
C SER D 78 15.46 -17.59 -11.16
N GLN D 79 14.80 -18.73 -11.40
CA GLN D 79 13.38 -18.85 -11.08
C GLN D 79 13.13 -18.74 -9.58
N TYR D 80 14.00 -19.35 -8.77
CA TYR D 80 13.77 -19.43 -7.33
C TYR D 80 14.43 -18.30 -6.55
N PHE D 81 15.15 -17.41 -7.20
CA PHE D 81 15.80 -16.30 -6.50
C PHE D 81 14.78 -15.27 -6.06
N PHE D 82 15.05 -14.61 -4.94
CA PHE D 82 14.17 -13.58 -4.41
C PHE D 82 15.00 -12.62 -3.58
N THR D 83 14.33 -11.63 -2.99
CA THR D 83 14.98 -10.64 -2.13
C THR D 83 14.13 -10.40 -0.90
N GLY D 84 14.78 -9.92 0.17
CA GLY D 84 14.05 -9.58 1.37
C GLY D 84 13.72 -10.79 2.23
N LEU D 85 12.87 -10.57 3.22
CA LEU D 85 12.49 -11.59 4.17
C LEU D 85 11.18 -12.24 3.75
N ARG D 86 11.15 -13.57 3.73
CA ARG D 86 9.96 -14.31 3.32
C ARG D 86 9.68 -15.43 4.32
N ALA D 87 8.41 -15.64 4.63
CA ALA D 87 7.97 -16.74 5.47
C ALA D 87 6.79 -17.43 4.80
N ASP D 88 6.83 -18.76 4.79
CA ASP D 88 5.76 -19.56 4.19
C ASP D 88 5.24 -20.56 5.20
N LEU D 89 3.92 -20.70 5.26
CA LEU D 89 3.25 -21.68 6.11
C LEU D 89 2.36 -22.52 5.21
N ASN D 90 2.75 -23.78 5.00
CA ASN D 90 2.02 -24.69 4.12
C ASN D 90 1.36 -25.76 4.98
N LYS D 91 0.04 -25.88 4.87
CA LYS D 91 -0.74 -26.83 5.65
C LYS D 91 -1.47 -27.78 4.71
N ALA D 92 -1.29 -29.07 4.92
CA ALA D 92 -1.86 -30.11 4.07
C ALA D 92 -2.98 -30.82 4.81
N PHE D 93 -4.08 -31.10 4.10
CA PHE D 93 -5.26 -31.69 4.73
C PHE D 93 -5.48 -33.16 4.37
N SER D 94 -5.01 -33.61 3.21
CA SER D 94 -5.23 -34.99 2.79
C SER D 94 -4.11 -35.42 1.86
N MET D 95 -3.92 -36.73 1.76
CA MET D 95 -2.84 -37.31 0.96
C MET D 95 -3.34 -37.91 -0.35
N ASN D 96 -4.25 -38.88 -0.30
CA ASN D 96 -4.73 -39.48 -1.55
C ASN D 96 -5.47 -38.46 -2.40
N PRO D 97 -6.48 -37.73 -1.90
CA PRO D 97 -6.87 -36.49 -2.60
C PRO D 97 -5.97 -35.34 -2.16
N ALA D 98 -5.08 -34.89 -3.04
CA ALA D 98 -4.17 -33.82 -2.67
C ALA D 98 -4.94 -32.55 -2.36
N PHE D 99 -4.64 -31.92 -1.23
CA PHE D 99 -5.32 -30.69 -0.84
C PHE D 99 -4.46 -29.97 0.18
N GLN D 100 -4.13 -28.71 -0.09
CA GLN D 100 -3.31 -27.95 0.85
C GLN D 100 -3.52 -26.46 0.61
N THR D 101 -3.08 -25.69 1.61
CA THR D 101 -3.12 -24.23 1.57
C THR D 101 -1.75 -23.69 1.97
N SER D 102 -1.51 -22.43 1.62
CA SER D 102 -0.22 -21.81 1.90
C SER D 102 -0.42 -20.33 2.15
N HIS D 103 0.14 -19.85 3.26
CA HIS D 103 0.13 -18.44 3.62
C HIS D 103 1.55 -17.90 3.54
N THR D 104 1.74 -16.83 2.76
CA THR D 104 3.05 -16.24 2.54
C THR D 104 3.07 -14.83 3.10
N PHE D 105 4.05 -14.56 3.95
CA PHE D 105 4.23 -13.24 4.58
C PHE D 105 5.63 -12.75 4.26
N SER D 106 5.72 -11.65 3.52
CA SER D 106 6.99 -11.14 3.04
C SER D 106 7.16 -9.68 3.41
N ILE D 107 8.42 -9.25 3.48
CA ILE D 107 8.75 -7.88 3.87
C ILE D 107 10.12 -7.56 3.31
N GLY D 108 10.43 -6.26 3.22
CA GLY D 108 11.73 -5.81 2.79
C GLY D 108 11.96 -5.79 1.30
N SER D 109 10.96 -6.13 0.49
CA SER D 109 11.12 -6.15 -0.95
C SER D 109 9.78 -5.90 -1.62
N GLN D 110 9.83 -5.51 -2.89
CA GLN D 110 8.63 -5.18 -3.66
C GLN D 110 8.17 -6.29 -4.58
N ALA D 111 9.11 -7.11 -5.09
CA ALA D 111 8.72 -8.20 -5.99
C ALA D 111 7.83 -9.20 -5.28
N LEU D 112 8.15 -9.54 -4.03
CA LEU D 112 7.31 -10.43 -3.25
C LEU D 112 6.22 -9.63 -2.55
N PRO D 113 4.95 -9.96 -2.74
CA PRO D 113 3.88 -9.22 -2.06
C PRO D 113 3.93 -9.42 -0.56
N LYS D 114 3.36 -8.43 0.16
CA LYS D 114 3.40 -8.45 1.62
C LYS D 114 2.71 -9.69 2.17
N TYR D 115 1.55 -10.04 1.61
CA TYR D 115 0.84 -11.23 2.05
C TYR D 115 0.16 -11.89 0.86
N ALA D 116 0.14 -13.22 0.86
CA ALA D 116 -0.48 -13.99 -0.21
C ALA D 116 -1.06 -15.27 0.38
N PHE D 117 -2.11 -15.78 -0.28
CA PHE D 117 -2.78 -16.99 0.16
C PHE D 117 -3.12 -17.86 -1.04
N SER D 118 -2.68 -19.12 -1.01
CA SER D 118 -2.92 -20.04 -2.11
C SER D 118 -3.56 -21.31 -1.58
N ALA D 119 -4.35 -21.96 -2.42
CA ALA D 119 -5.00 -23.20 -2.06
C ALA D 119 -5.11 -24.10 -3.29
N LEU D 120 -4.64 -25.33 -3.17
CA LEU D 120 -4.62 -26.24 -4.31
C LEU D 120 -5.25 -27.58 -3.93
N PHE D 121 -5.94 -28.17 -4.91
CA PHE D 121 -6.55 -29.48 -4.81
C PHE D 121 -6.21 -30.26 -6.07
N ALA D 122 -6.08 -31.58 -5.92
CA ALA D 122 -5.68 -32.43 -7.05
C ALA D 122 -6.14 -33.86 -6.75
N ASN D 123 -7.15 -34.30 -7.49
CA ASN D 123 -7.57 -35.69 -7.46
C ASN D 123 -6.84 -36.46 -8.57
N ASP D 124 -7.32 -37.65 -8.89
CA ASP D 124 -6.63 -38.50 -9.86
C ASP D 124 -6.57 -37.84 -11.23
N ASN D 125 -7.64 -37.16 -11.66
CA ASN D 125 -7.70 -36.61 -13.01
C ASN D 125 -8.05 -35.13 -13.04
N LEU D 126 -8.00 -34.42 -11.91
CA LEU D 126 -8.27 -32.99 -11.87
C LEU D 126 -7.22 -32.27 -11.06
N PHE D 127 -6.93 -31.04 -11.45
CA PHE D 127 -6.03 -30.15 -10.71
C PHE D 127 -6.65 -28.76 -10.69
N ALA D 128 -6.78 -28.17 -9.51
CA ALA D 128 -7.38 -26.86 -9.35
C ALA D 128 -6.60 -26.07 -8.31
N GLN D 129 -5.98 -24.97 -8.75
CA GLN D 129 -5.20 -24.11 -7.88
C GLN D 129 -5.76 -22.70 -7.93
N GLY D 130 -5.88 -22.07 -6.76
CA GLY D 130 -6.34 -20.70 -6.68
C GLY D 130 -5.51 -19.88 -5.72
N ASN D 131 -4.99 -18.75 -6.19
CA ASN D 131 -4.10 -17.91 -5.40
C ASN D 131 -4.64 -16.48 -5.39
N ILE D 132 -4.57 -15.84 -4.22
CA ILE D 132 -4.98 -14.45 -4.04
C ILE D 132 -3.81 -13.69 -3.43
N ASP D 133 -3.42 -12.59 -4.09
CA ASP D 133 -2.37 -11.70 -3.64
C ASP D 133 -2.95 -10.33 -3.39
N ASN D 134 -2.24 -9.55 -2.55
CA ASN D 134 -2.69 -8.22 -2.15
C ASN D 134 -2.96 -7.35 -3.37
N ASP D 135 -3.70 -6.27 -3.14
CA ASP D 135 -4.28 -5.44 -4.19
C ASP D 135 -5.28 -6.22 -5.05
N LEU D 136 -5.82 -7.31 -4.50
CA LEU D 136 -6.88 -8.09 -5.11
C LEU D 136 -6.46 -8.64 -6.48
N SER D 137 -5.45 -9.51 -6.46
CA SER D 137 -5.01 -10.23 -7.66
C SER D 137 -5.36 -11.71 -7.49
N VAL D 138 -6.19 -12.23 -8.39
CA VAL D 138 -6.69 -13.60 -8.30
C VAL D 138 -6.20 -14.38 -9.51
N SER D 139 -5.63 -15.56 -9.25
CA SER D 139 -5.18 -16.46 -10.29
C SER D 139 -5.77 -17.85 -10.06
N GLY D 140 -6.20 -18.49 -11.15
CA GLY D 140 -6.78 -19.81 -11.05
C GLY D 140 -6.43 -20.71 -12.21
N ARG D 141 -5.93 -21.90 -11.89
CA ARG D 141 -5.53 -22.90 -12.89
C ARG D 141 -6.39 -24.15 -12.72
N LEU D 142 -6.95 -24.64 -13.82
CA LEU D 142 -7.77 -25.84 -13.78
C LEU D 142 -7.36 -26.76 -14.94
N ASN D 143 -6.83 -27.92 -14.60
CA ASN D 143 -6.37 -28.91 -15.58
C ASN D 143 -7.19 -30.19 -15.43
N TYR D 144 -7.67 -30.71 -16.55
CA TYR D 144 -8.42 -31.96 -16.57
C TYR D 144 -7.86 -32.87 -17.66
N GLY D 145 -7.62 -34.13 -17.32
CA GLY D 145 -7.18 -35.11 -18.29
C GLY D 145 -8.30 -36.03 -18.72
N TRP D 146 -8.83 -35.82 -19.93
CA TRP D 146 -9.86 -36.72 -20.46
C TRP D 146 -9.31 -38.12 -20.67
N ASP D 147 -8.01 -38.23 -20.95
CA ASP D 147 -7.36 -39.52 -21.14
C ASP D 147 -5.88 -39.34 -20.81
N LYS D 148 -5.13 -40.45 -20.88
CA LYS D 148 -3.70 -40.39 -20.62
C LYS D 148 -2.96 -39.51 -21.62
N LYS D 149 -3.54 -39.29 -22.80
CA LYS D 149 -2.90 -38.51 -23.85
C LYS D 149 -3.43 -37.09 -23.97
N ASN D 150 -4.73 -36.89 -23.72
CA ASN D 150 -5.38 -35.60 -23.94
C ASN D 150 -5.55 -34.86 -22.62
N ILE D 151 -5.03 -33.63 -22.57
CA ILE D 151 -5.12 -32.79 -21.38
C ILE D 151 -5.63 -31.42 -21.80
N SER D 152 -6.62 -30.91 -21.06
CA SER D 152 -7.18 -29.59 -21.31
C SER D 152 -7.01 -28.74 -20.06
N LYS D 153 -6.43 -27.54 -20.23
CA LYS D 153 -6.15 -26.67 -19.10
C LYS D 153 -6.67 -25.27 -19.38
N VAL D 154 -7.12 -24.60 -18.33
CA VAL D 154 -7.63 -23.24 -18.40
C VAL D 154 -7.02 -22.42 -17.27
N ASN D 155 -6.44 -21.28 -17.63
CA ASN D 155 -5.85 -20.35 -16.68
C ASN D 155 -6.63 -19.03 -16.76
N LEU D 156 -7.12 -18.58 -15.61
CA LEU D 156 -7.94 -17.37 -15.54
C LEU D 156 -7.34 -16.45 -14.47
N GLN D 157 -7.01 -15.22 -14.86
CA GLN D 157 -6.47 -14.25 -13.93
C GLN D 157 -7.30 -12.97 -13.96
N ILE D 158 -7.54 -12.42 -12.77
CA ILE D 158 -8.31 -11.20 -12.58
C ILE D 158 -7.48 -10.23 -11.75
N SER D 159 -7.44 -8.97 -12.19
CA SER D 159 -6.64 -7.95 -11.51
C SER D 159 -7.48 -6.86 -10.85
N ASP D 160 -8.80 -6.87 -11.03
CA ASP D 160 -9.71 -5.88 -10.45
C ASP D 160 -9.31 -4.46 -10.87
N GLY D 161 -9.44 -4.21 -12.18
CA GLY D 161 -9.01 -2.96 -12.76
C GLY D 161 -8.44 -3.17 -14.15
N GLN D 162 -8.26 -4.42 -14.53
CA GLN D 162 -7.81 -4.82 -15.85
C GLN D 162 -8.74 -5.88 -16.40
N PRO D 163 -8.85 -6.00 -17.72
CA PRO D 163 -9.70 -7.05 -18.29
C PRO D 163 -9.23 -8.43 -17.86
N THR D 164 -10.20 -9.31 -17.58
CA THR D 164 -9.89 -10.66 -17.15
C THR D 164 -9.19 -11.42 -18.28
N MET D 165 -8.13 -12.14 -17.93
CA MET D 165 -7.33 -12.87 -18.91
C MET D 165 -7.60 -14.36 -18.80
N CYS D 166 -7.92 -14.98 -19.93
CA CYS D 166 -8.22 -16.41 -19.99
C CYS D 166 -7.37 -17.06 -21.07
N GLN D 167 -6.75 -18.19 -20.72
CA GLN D 167 -5.93 -18.96 -21.64
C GLN D 167 -6.37 -20.41 -21.61
N LEU D 168 -6.65 -20.97 -22.79
CA LEU D 168 -7.11 -22.35 -22.92
C LEU D 168 -6.10 -23.14 -23.73
N GLU D 169 -5.61 -24.24 -23.17
CA GLU D 169 -4.59 -25.05 -23.82
C GLU D 169 -5.02 -26.50 -23.90
N GLN D 170 -4.73 -27.14 -25.03
CA GLN D 170 -5.02 -28.54 -25.27
C GLN D 170 -3.73 -29.23 -25.69
N ASP D 171 -3.42 -30.35 -25.05
CA ASP D 171 -2.18 -31.08 -25.31
C ASP D 171 -2.51 -32.54 -25.58
N TYR D 172 -1.87 -33.10 -26.61
CA TYR D 172 -2.04 -34.48 -27.00
C TYR D 172 -0.66 -35.13 -27.14
N GLN D 173 -0.48 -36.26 -26.47
CA GLN D 173 0.79 -36.99 -26.45
C GLN D 173 0.56 -38.34 -27.13
N ALA D 174 1.00 -38.44 -28.38
CA ALA D 174 0.83 -39.67 -29.15
C ALA D 174 1.96 -40.65 -28.80
N SER D 175 2.05 -41.75 -29.56
CA SER D 175 3.07 -42.74 -29.29
C SER D 175 4.46 -42.22 -29.62
N ASP D 176 4.57 -41.35 -30.63
CA ASP D 176 5.88 -40.85 -31.03
C ASP D 176 5.89 -39.36 -31.34
N PHE D 177 4.82 -38.62 -31.05
CA PHE D 177 4.81 -37.19 -31.29
C PHE D 177 3.86 -36.51 -30.32
N SER D 178 4.04 -35.20 -30.16
CA SER D 178 3.25 -34.39 -29.24
C SER D 178 2.77 -33.14 -29.96
N VAL D 179 1.50 -32.80 -29.75
CA VAL D 179 0.88 -31.63 -30.38
C VAL D 179 0.18 -30.81 -29.30
N ASN D 180 0.50 -29.52 -29.23
CA ASN D 180 -0.14 -28.64 -28.25
C ASN D 180 -0.65 -27.39 -28.94
N VAL D 181 -1.82 -26.93 -28.52
CA VAL D 181 -2.43 -25.70 -29.06
C VAL D 181 -2.96 -24.89 -27.90
N LYS D 182 -2.50 -23.65 -27.76
CA LYS D 182 -2.96 -22.76 -26.70
C LYS D 182 -3.48 -21.47 -27.31
N THR D 183 -4.62 -21.00 -26.80
CA THR D 183 -5.29 -19.79 -27.26
C THR D 183 -5.44 -18.83 -26.11
N LEU D 184 -5.10 -17.56 -26.35
CA LEU D 184 -5.20 -16.49 -25.37
C LEU D 184 -6.12 -15.40 -25.92
N ASN D 185 -7.13 -15.03 -25.13
CA ASN D 185 -8.12 -14.02 -25.46
C ASN D 185 -8.78 -14.30 -26.81
N PRO D 186 -9.58 -15.36 -26.92
CA PRO D 186 -10.30 -15.61 -28.18
C PRO D 186 -11.35 -14.54 -28.43
N SER D 187 -11.54 -14.22 -29.71
CA SER D 187 -12.52 -13.22 -30.10
C SER D 187 -12.86 -13.39 -31.57
N PHE D 188 -14.07 -13.00 -31.95
CA PHE D 188 -14.53 -13.06 -33.33
C PHE D 188 -15.07 -11.69 -33.73
N SER D 189 -14.66 -11.22 -34.92
CA SER D 189 -15.14 -9.95 -35.43
C SER D 189 -16.37 -10.20 -36.30
N GLU D 190 -16.83 -9.16 -37.01
CA GLU D 190 -18.00 -9.29 -37.86
C GLU D 190 -17.72 -10.12 -39.11
N LYS D 191 -16.44 -10.30 -39.46
CA LYS D 191 -16.06 -11.09 -40.62
C LYS D 191 -15.80 -12.55 -40.28
N GLY D 192 -15.98 -12.96 -39.02
CA GLY D 192 -15.73 -14.33 -38.63
C GLY D 192 -14.27 -14.71 -38.59
N GLU D 193 -13.37 -13.75 -38.39
CA GLU D 193 -11.93 -14.02 -38.38
C GLU D 193 -11.43 -14.17 -36.96
N PHE D 194 -10.38 -14.97 -36.80
CA PHE D 194 -9.80 -15.20 -35.49
C PHE D 194 -9.17 -13.93 -34.93
N THR D 195 -9.33 -13.72 -33.63
CA THR D 195 -8.76 -12.57 -32.95
C THR D 195 -8.23 -13.03 -31.59
N GLY D 196 -6.93 -12.84 -31.37
CA GLY D 196 -6.28 -13.25 -30.14
C GLY D 196 -4.91 -13.78 -30.43
N VAL D 197 -4.42 -14.64 -29.54
CA VAL D 197 -3.10 -15.27 -29.68
C VAL D 197 -3.30 -16.76 -29.80
N ALA D 198 -2.70 -17.36 -30.84
CA ALA D 198 -2.78 -18.79 -31.05
C ALA D 198 -1.37 -19.34 -31.22
N VAL D 199 -0.99 -20.30 -30.36
CA VAL D 199 0.32 -20.93 -30.43
C VAL D 199 0.11 -22.42 -30.63
N ALA D 200 0.62 -22.95 -31.74
CA ALA D 200 0.49 -24.37 -32.06
C ALA D 200 1.89 -24.94 -32.25
N SER D 201 2.21 -25.97 -31.46
CA SER D 201 3.54 -26.57 -31.49
C SER D 201 3.42 -28.07 -31.73
N PHE D 202 4.31 -28.58 -32.58
CA PHE D 202 4.39 -30.00 -32.89
C PHE D 202 5.82 -30.47 -32.67
N LEU D 203 5.97 -31.68 -32.15
CA LEU D 203 7.28 -32.24 -31.87
C LEU D 203 7.26 -33.74 -32.15
N GLN D 204 8.22 -34.21 -32.95
CA GLN D 204 8.32 -35.63 -33.26
C GLN D 204 9.76 -36.08 -33.13
N SER D 205 9.95 -37.29 -32.62
CA SER D 205 11.28 -37.88 -32.46
C SER D 205 11.60 -38.71 -33.69
N VAL D 206 12.57 -38.25 -34.48
CA VAL D 206 12.99 -39.00 -35.67
C VAL D 206 13.67 -40.30 -35.26
N THR D 207 14.47 -40.26 -34.21
CA THR D 207 15.14 -41.42 -33.65
C THR D 207 14.98 -41.36 -32.14
N PRO D 208 15.05 -42.50 -31.45
CA PRO D 208 14.92 -42.49 -29.99
C PRO D 208 15.89 -41.57 -29.26
N GLN D 209 16.85 -40.96 -29.95
CA GLN D 209 17.81 -40.05 -29.34
C GLN D 209 17.60 -38.60 -29.72
N LEU D 210 16.99 -38.32 -30.86
CA LEU D 210 16.76 -36.96 -31.34
C LEU D 210 15.28 -36.64 -31.38
N ALA D 211 14.98 -35.35 -31.37
CA ALA D 211 13.59 -34.88 -31.47
C ALA D 211 13.61 -33.51 -32.15
N LEU D 212 12.80 -33.36 -33.20
CA LEU D 212 12.69 -32.12 -33.95
C LEU D 212 11.25 -31.63 -33.91
N GLY D 213 11.07 -30.32 -33.86
CA GLY D 213 9.73 -29.78 -33.80
C GLY D 213 9.69 -28.33 -34.20
N LEU D 214 8.46 -27.84 -34.36
CA LEU D 214 8.22 -26.45 -34.74
C LEU D 214 7.13 -25.85 -33.85
N GLU D 215 7.18 -24.53 -33.72
CA GLU D 215 6.18 -23.77 -32.99
C GLU D 215 5.75 -22.58 -33.84
N THR D 216 4.44 -22.41 -34.00
CA THR D 216 3.87 -21.35 -34.82
C THR D 216 2.99 -20.46 -33.97
N LEU D 217 3.24 -19.16 -34.02
CA LEU D 217 2.49 -18.17 -33.27
C LEU D 217 1.78 -17.22 -34.23
N TYR D 218 0.49 -17.01 -34.00
CA TYR D 218 -0.30 -16.05 -34.74
C TYR D 218 -0.94 -15.10 -33.73
N SER D 219 -0.62 -13.81 -33.83
CA SER D 219 -1.03 -12.83 -32.83
C SER D 219 -1.76 -11.69 -33.52
N ARG D 220 -3.09 -11.65 -33.37
CA ARG D 220 -3.92 -10.54 -33.83
C ARG D 220 -4.53 -9.88 -32.60
N THR D 221 -4.17 -8.60 -32.37
CA THR D 221 -4.53 -7.95 -31.13
C THR D 221 -5.92 -7.30 -31.21
N ASP D 222 -6.11 -6.39 -32.17
CA ASP D 222 -7.34 -5.62 -32.25
C ASP D 222 -8.34 -6.18 -33.24
N GLY D 223 -7.89 -6.91 -34.26
CA GLY D 223 -8.74 -7.46 -35.28
C GLY D 223 -8.89 -6.59 -36.51
N SER D 224 -8.56 -5.30 -36.41
CA SER D 224 -8.59 -4.43 -37.59
C SER D 224 -7.45 -4.76 -38.54
N ALA D 225 -6.27 -5.04 -38.00
CA ALA D 225 -5.10 -5.38 -38.78
C ALA D 225 -4.73 -6.85 -38.58
N PRO D 226 -4.19 -7.51 -39.61
CA PRO D 226 -3.78 -8.90 -39.45
C PRO D 226 -2.65 -9.05 -38.44
N GLY D 227 -2.68 -10.17 -37.71
CA GLY D 227 -1.67 -10.40 -36.70
C GLY D 227 -0.35 -10.84 -37.29
N ASP D 228 0.67 -10.83 -36.43
CA ASP D 228 2.00 -11.27 -36.83
C ASP D 228 2.13 -12.78 -36.68
N ALA D 229 2.94 -13.38 -37.55
CA ALA D 229 3.18 -14.81 -37.56
C ALA D 229 4.65 -15.08 -37.30
N GLY D 230 4.92 -16.02 -36.40
CA GLY D 230 6.29 -16.38 -36.05
C GLY D 230 6.51 -17.88 -36.01
N VAL D 231 7.63 -18.34 -36.57
CA VAL D 231 7.97 -19.75 -36.63
C VAL D 231 9.27 -19.97 -35.88
N SER D 232 9.28 -20.97 -34.99
CA SER D 232 10.46 -21.32 -34.22
C SER D 232 10.78 -22.80 -34.39
N TYR D 233 12.06 -23.11 -34.52
CA TYR D 233 12.53 -24.48 -34.68
C TYR D 233 13.16 -24.96 -33.37
N LEU D 234 12.80 -26.19 -32.98
CA LEU D 234 13.26 -26.78 -31.72
C LEU D 234 13.93 -28.11 -32.01
N THR D 235 15.09 -28.33 -31.38
CA THR D 235 15.81 -29.60 -31.51
C THR D 235 16.28 -30.05 -30.14
N ARG D 236 16.19 -31.35 -29.89
CA ARG D 236 16.58 -31.93 -28.61
C ARG D 236 17.33 -33.23 -28.85
N TYR D 237 18.40 -33.46 -28.08
CA TYR D 237 19.17 -34.68 -28.15
C TYR D 237 19.40 -35.21 -26.74
N VAL D 238 19.20 -36.52 -26.56
CA VAL D 238 19.40 -37.20 -25.29
C VAL D 238 20.41 -38.31 -25.51
N SER D 239 21.42 -38.37 -24.63
CA SER D 239 22.46 -39.38 -24.77
C SER D 239 21.91 -40.77 -24.45
N LYS D 240 22.63 -41.79 -24.92
CA LYS D 240 22.21 -43.16 -24.68
C LYS D 240 22.21 -43.50 -23.20
N LYS D 241 23.22 -43.04 -22.46
CA LYS D 241 23.36 -43.32 -21.05
C LYS D 241 22.60 -42.34 -20.16
N GLN D 242 21.87 -41.39 -20.77
CA GLN D 242 21.13 -40.36 -20.05
C GLN D 242 22.03 -39.49 -19.19
N ASP D 243 23.34 -39.48 -19.48
CA ASP D 243 24.27 -38.70 -18.68
C ASP D 243 24.16 -37.21 -18.98
N TRP D 244 24.05 -36.85 -20.25
CA TRP D 244 23.97 -35.44 -20.64
C TRP D 244 22.98 -35.29 -21.79
N ILE D 245 22.33 -34.13 -21.83
CA ILE D 245 21.36 -33.81 -22.88
C ILE D 245 21.69 -32.44 -23.45
N PHE D 246 21.25 -32.22 -24.68
CA PHE D 246 21.49 -30.97 -25.40
C PHE D 246 20.18 -30.48 -26.01
N SER D 247 20.02 -29.15 -26.07
CA SER D 247 18.81 -28.55 -26.60
C SER D 247 19.16 -27.29 -27.38
N GLY D 248 18.47 -27.09 -28.50
CA GLY D 248 18.67 -25.91 -29.32
C GLY D 248 17.35 -25.36 -29.82
N GLN D 249 17.31 -24.04 -29.97
CA GLN D 249 16.11 -23.35 -30.41
C GLN D 249 16.49 -22.16 -31.28
N LEU D 250 15.84 -22.04 -32.43
CA LEU D 250 16.01 -20.90 -33.32
C LEU D 250 14.68 -20.19 -33.46
N GLN D 251 14.64 -18.92 -33.08
CA GLN D 251 13.41 -18.14 -33.13
C GLN D 251 13.23 -17.49 -34.49
N ALA D 252 12.08 -16.83 -34.66
CA ALA D 252 11.79 -16.16 -35.93
C ALA D 252 12.66 -14.93 -36.14
N ASN D 253 13.00 -14.23 -35.07
CA ASN D 253 13.81 -13.01 -35.16
C ASN D 253 15.31 -13.29 -35.14
N GLY D 254 15.72 -14.53 -35.37
CA GLY D 254 17.12 -14.88 -35.37
C GLY D 254 17.71 -15.20 -34.02
N ALA D 255 16.91 -15.15 -32.96
CA ALA D 255 17.41 -15.47 -31.63
C ALA D 255 17.76 -16.95 -31.52
N LEU D 256 18.81 -17.24 -30.76
CA LEU D 256 19.34 -18.58 -30.61
C LEU D 256 19.40 -18.95 -29.13
N ILE D 257 18.99 -20.17 -28.81
CA ILE D 257 19.09 -20.72 -27.46
C ILE D 257 19.81 -22.05 -27.56
N ALA D 258 20.87 -22.23 -26.78
CA ALA D 258 21.64 -23.47 -26.79
C ALA D 258 21.97 -23.87 -25.37
N SER D 259 21.47 -25.02 -24.93
CA SER D 259 21.63 -25.45 -23.56
C SER D 259 22.15 -26.87 -23.49
N LEU D 260 22.95 -27.14 -22.46
CA LEU D 260 23.49 -28.47 -22.21
C LEU D 260 23.37 -28.78 -20.73
N TRP D 261 22.88 -29.99 -20.42
CA TRP D 261 22.66 -30.43 -19.06
C TRP D 261 23.44 -31.71 -18.80
N ARG D 262 24.06 -31.79 -17.63
CA ARG D 262 24.90 -32.93 -17.24
C ARG D 262 24.56 -33.31 -15.81
N LYS D 263 24.61 -34.60 -15.51
CA LYS D 263 24.36 -35.13 -14.17
C LYS D 263 25.55 -36.00 -13.77
N VAL D 264 26.40 -35.48 -12.89
CA VAL D 264 27.60 -36.23 -12.52
C VAL D 264 27.24 -37.44 -11.67
N ALA D 265 26.36 -37.25 -10.69
CA ALA D 265 25.90 -38.33 -9.83
C ALA D 265 24.48 -37.99 -9.36
N GLN D 266 23.98 -38.78 -8.42
CA GLN D 266 22.65 -38.53 -7.88
C GLN D 266 22.57 -37.26 -7.05
N ASN D 267 23.72 -36.68 -6.69
CA ASN D 267 23.75 -35.50 -5.84
C ASN D 267 24.48 -34.32 -6.46
N VAL D 268 24.75 -34.34 -7.77
CA VAL D 268 25.46 -33.24 -8.41
C VAL D 268 25.03 -33.14 -9.87
N GLU D 269 24.57 -31.95 -10.25
CA GLU D 269 24.15 -31.67 -11.62
C GLU D 269 24.72 -30.32 -12.04
N ALA D 270 24.92 -30.17 -13.36
CA ALA D 270 25.47 -28.94 -13.92
C ALA D 270 24.73 -28.61 -15.21
N GLY D 271 24.78 -27.35 -15.58
CA GLY D 271 24.14 -26.89 -16.80
C GLY D 271 24.82 -25.66 -17.34
N ILE D 272 24.80 -25.53 -18.68
CA ILE D 272 25.37 -24.37 -19.34
C ILE D 272 24.40 -23.89 -20.42
N GLU D 273 24.12 -22.59 -20.42
CA GLU D 273 23.16 -22.00 -21.34
C GLU D 273 23.80 -20.84 -22.08
N THR D 274 23.47 -20.70 -23.36
CA THR D 274 23.95 -19.61 -24.21
C THR D 274 22.77 -19.05 -24.98
N THR D 275 22.50 -17.76 -24.79
CA THR D 275 21.40 -17.07 -25.43
C THR D 275 21.93 -15.96 -26.33
N LEU D 276 21.31 -15.81 -27.49
CA LEU D 276 21.70 -14.79 -28.46
C LEU D 276 20.44 -14.27 -29.15
N GLN D 277 20.57 -13.09 -29.76
CA GLN D 277 19.47 -12.51 -30.52
C GLN D 277 19.94 -12.02 -31.87
N PRO D 296 23.44 -5.14 -37.29
CA PRO D 296 22.22 -5.28 -36.47
C PRO D 296 22.48 -5.02 -34.99
N THR D 297 21.43 -5.09 -34.18
CA THR D 297 21.53 -4.89 -32.74
C THR D 297 21.16 -6.20 -32.05
N VAL D 298 22.16 -6.94 -31.60
CA VAL D 298 21.95 -8.22 -30.93
C VAL D 298 22.72 -8.21 -29.61
N GLU D 299 22.30 -9.07 -28.69
CA GLU D 299 22.94 -9.22 -27.39
C GLU D 299 23.10 -10.70 -27.08
N GLY D 300 24.10 -11.00 -26.27
CA GLY D 300 24.40 -12.38 -25.91
C GLY D 300 24.60 -12.54 -24.42
N SER D 301 24.37 -13.77 -23.96
CA SER D 301 24.53 -14.10 -22.55
C SER D 301 24.95 -15.56 -22.42
N THR D 302 25.82 -15.82 -21.44
CA THR D 302 26.27 -17.16 -21.12
C THR D 302 26.14 -17.39 -19.62
N THR D 303 25.52 -18.51 -19.25
CA THR D 303 25.27 -18.82 -17.85
C THR D 303 25.72 -20.24 -17.54
N ILE D 304 26.36 -20.41 -16.38
CA ILE D 304 26.77 -21.72 -15.89
C ILE D 304 26.17 -21.93 -14.51
N GLY D 305 25.57 -23.09 -14.30
CA GLY D 305 24.91 -23.38 -13.04
C GLY D 305 25.27 -24.76 -12.53
N ALA D 306 25.33 -24.88 -11.21
CA ALA D 306 25.64 -26.13 -10.54
C ALA D 306 24.69 -26.32 -9.37
N LYS D 307 24.24 -27.56 -9.17
CA LYS D 307 23.30 -27.90 -8.11
C LYS D 307 23.77 -29.15 -7.38
N TYR D 308 23.79 -29.08 -6.05
CA TYR D 308 24.05 -30.22 -5.19
C TYR D 308 22.77 -30.55 -4.42
N GLU D 309 22.29 -31.78 -4.58
CA GLU D 309 21.09 -32.26 -3.89
C GLU D 309 21.51 -33.25 -2.81
N TYR D 310 21.43 -32.82 -1.56
CA TYR D 310 21.75 -33.67 -0.42
C TYR D 310 20.51 -33.91 0.41
N ARG D 311 20.56 -34.98 1.22
CA ARG D 311 19.44 -35.32 2.09
C ARG D 311 19.21 -34.28 3.18
N GLN D 312 20.22 -33.47 3.49
CA GLN D 312 20.09 -32.45 4.52
C GLN D 312 19.88 -31.04 3.97
N SER D 313 20.43 -30.74 2.79
CA SER D 313 20.34 -29.40 2.24
C SER D 313 20.52 -29.46 0.73
N VAL D 314 20.17 -28.37 0.07
CA VAL D 314 20.29 -28.22 -1.38
C VAL D 314 21.08 -26.94 -1.66
N TYR D 315 22.10 -27.04 -2.50
CA TYR D 315 22.94 -25.91 -2.86
C TYR D 315 22.80 -25.64 -4.36
N ARG D 316 22.75 -24.36 -4.72
CA ARG D 316 22.72 -23.94 -6.11
C ARG D 316 23.64 -22.73 -6.30
N GLY D 317 24.46 -22.78 -7.33
CA GLY D 317 25.31 -21.65 -7.69
C GLY D 317 25.21 -21.38 -9.18
N THR D 318 25.36 -20.11 -9.53
CA THR D 318 25.32 -19.72 -10.94
C THR D 318 26.25 -18.55 -11.19
N LEU D 319 26.82 -18.51 -12.39
CA LEU D 319 27.75 -17.47 -12.80
C LEU D 319 27.42 -17.06 -14.23
N ASP D 320 27.44 -15.76 -14.51
CA ASP D 320 27.15 -15.26 -15.85
C ASP D 320 28.42 -14.70 -16.49
N SER D 321 28.42 -14.67 -17.82
CA SER D 321 29.56 -14.16 -18.58
C SER D 321 29.78 -12.67 -18.36
N ASN D 322 28.81 -11.95 -17.79
CA ASN D 322 28.94 -10.53 -17.54
C ASN D 322 29.68 -10.23 -16.24
N GLY D 323 30.10 -11.25 -15.51
CA GLY D 323 30.83 -11.05 -14.27
C GLY D 323 30.00 -11.06 -13.00
N LYS D 324 28.76 -11.51 -13.07
CA LYS D 324 27.89 -11.58 -11.90
C LYS D 324 27.74 -13.03 -11.45
N VAL D 325 27.52 -13.20 -10.14
CA VAL D 325 27.37 -14.51 -9.53
C VAL D 325 26.15 -14.50 -8.63
N ALA D 326 25.65 -15.70 -8.34
CA ALA D 326 24.52 -15.83 -7.44
C ALA D 326 24.55 -17.21 -6.77
N CYS D 327 24.08 -17.24 -5.53
CA CYS D 327 24.04 -18.46 -4.73
C CYS D 327 22.68 -18.58 -4.06
N PHE D 328 22.25 -19.82 -3.85
CA PHE D 328 20.94 -20.10 -3.26
C PHE D 328 21.01 -21.43 -2.53
N LEU D 329 20.83 -21.41 -1.21
CA LEU D 329 20.88 -22.61 -0.40
C LEU D 329 19.57 -22.80 0.34
N GLU D 330 19.12 -24.06 0.42
CA GLU D 330 17.95 -24.46 1.19
C GLU D 330 18.42 -25.47 2.24
N ARG D 331 18.36 -25.07 3.51
CA ARG D 331 18.85 -25.89 4.61
C ARG D 331 17.66 -26.41 5.41
N LYS D 332 17.50 -27.72 5.44
CA LYS D 332 16.45 -28.36 6.23
C LYS D 332 17.04 -28.86 7.54
N VAL D 333 16.77 -28.14 8.62
CA VAL D 333 17.28 -28.51 9.93
C VAL D 333 16.24 -29.23 10.78
N LEU D 334 14.96 -29.02 10.51
CA LEU D 334 13.86 -29.65 11.24
C LEU D 334 12.91 -30.29 10.25
N PRO D 335 12.13 -31.28 10.67
CA PRO D 335 11.16 -31.90 9.76
C PRO D 335 10.12 -30.94 9.24
N THR D 336 9.86 -29.84 9.96
CA THR D 336 8.89 -28.83 9.53
C THR D 336 9.59 -27.56 9.03
N LEU D 337 10.47 -26.98 9.83
CA LEU D 337 11.14 -25.74 9.44
C LEU D 337 12.26 -26.02 8.44
N SER D 338 12.39 -25.13 7.46
CA SER D 338 13.46 -25.19 6.48
C SER D 338 13.83 -23.77 6.08
N VAL D 339 15.08 -23.39 6.32
CA VAL D 339 15.52 -22.03 6.03
C VAL D 339 16.07 -21.98 4.60
N LEU D 340 16.14 -20.78 4.05
CA LEU D 340 16.63 -20.59 2.69
C LEU D 340 17.31 -19.23 2.59
N PHE D 341 18.45 -19.20 1.92
CA PHE D 341 19.22 -17.98 1.74
C PHE D 341 19.59 -17.85 0.27
N CYS D 342 19.67 -16.61 -0.20
CA CYS D 342 20.02 -16.35 -1.59
C CYS D 342 20.72 -15.00 -1.69
N GLY D 343 21.71 -14.93 -2.57
CA GLY D 343 22.46 -13.70 -2.77
C GLY D 343 23.07 -13.58 -4.14
N GLU D 344 22.87 -12.43 -4.78
CA GLU D 344 23.41 -12.15 -6.11
C GLU D 344 24.31 -10.93 -6.03
N ILE D 345 25.49 -11.02 -6.65
CA ILE D 345 26.48 -9.95 -6.63
C ILE D 345 26.93 -9.69 -8.06
N ASP D 346 26.91 -8.42 -8.47
CA ASP D 346 27.40 -7.98 -9.78
C ASP D 346 28.45 -6.91 -9.52
N HIS D 347 29.73 -7.29 -9.62
CA HIS D 347 30.81 -6.37 -9.32
C HIS D 347 30.99 -5.33 -10.42
N PHE D 348 30.76 -5.72 -11.68
CA PHE D 348 30.95 -4.79 -12.79
C PHE D 348 29.95 -3.64 -12.74
N LYS D 349 28.69 -3.94 -12.43
CA LYS D 349 27.63 -2.93 -12.42
C LYS D 349 27.29 -2.44 -11.02
N ASN D 350 27.95 -2.96 -9.98
CA ASN D 350 27.72 -2.54 -8.60
C ASN D 350 26.25 -2.71 -8.21
N ASP D 351 25.77 -3.96 -8.26
CA ASP D 351 24.39 -4.29 -7.95
C ASP D 351 24.37 -5.61 -7.20
N THR D 352 23.96 -5.58 -5.93
CA THR D 352 23.91 -6.77 -5.10
C THR D 352 22.55 -6.85 -4.41
N LYS D 353 21.96 -8.04 -4.43
CA LYS D 353 20.66 -8.28 -3.81
C LYS D 353 20.74 -9.50 -2.90
N ILE D 354 19.95 -9.47 -1.82
CA ILE D 354 19.97 -10.52 -0.81
C ILE D 354 18.54 -10.93 -0.48
N GLY D 355 18.40 -12.16 0.03
CA GLY D 355 17.11 -12.66 0.45
C GLY D 355 17.19 -13.82 1.42
N CYS D 356 16.37 -13.77 2.46
CA CYS D 356 16.28 -14.85 3.44
C CYS D 356 14.81 -15.24 3.60
N GLY D 357 14.59 -16.51 3.90
CA GLY D 357 13.24 -16.99 4.03
C GLY D 357 13.18 -18.28 4.82
N LEU D 358 11.95 -18.64 5.18
CA LEU D 358 11.70 -19.85 5.96
C LEU D 358 10.41 -20.50 5.48
N GLN D 359 10.35 -21.83 5.65
CA GLN D 359 9.19 -22.63 5.26
C GLN D 359 8.81 -23.52 6.43
N PHE D 360 7.54 -23.48 6.82
CA PHE D 360 7.02 -24.29 7.91
C PHE D 360 5.81 -25.07 7.43
N GLU D 361 5.80 -26.37 7.69
CA GLU D 361 4.77 -27.27 7.18
C GLU D 361 3.96 -27.84 8.33
N THR D 362 2.64 -27.89 8.14
CA THR D 362 1.70 -28.38 9.14
C THR D 362 0.69 -29.30 8.48
N ALA D 363 0.12 -30.20 9.28
CA ALA D 363 -0.92 -31.10 8.80
C ALA D 363 -2.28 -30.63 9.30
N GLY D 364 -3.22 -30.48 8.37
CA GLY D 364 -4.54 -29.97 8.69
C GLY D 364 -5.36 -30.85 9.61
N ASN D 365 -5.38 -32.15 9.33
CA ASN D 365 -6.20 -33.07 10.10
C ASN D 365 -5.34 -33.87 11.09
N GLN D 366 -6.03 -34.46 12.08
CA GLN D 366 -5.35 -35.15 13.16
C GLN D 366 -4.61 -36.39 12.67
N GLU D 367 -5.16 -37.09 11.66
CA GLU D 367 -4.49 -38.28 11.14
C GLU D 367 -3.11 -37.94 10.58
N LEU D 368 -3.06 -36.96 9.69
CA LEU D 368 -1.77 -36.56 9.12
C LEU D 368 -0.88 -35.90 10.16
N LEU D 369 -1.46 -35.20 11.14
CA LEU D 369 -0.67 -34.64 12.22
C LEU D 369 0.04 -35.74 13.01
N MET D 370 -0.69 -36.80 13.35
CA MET D 370 -0.08 -37.93 14.04
C MET D 370 0.96 -38.62 13.17
N LEU D 371 0.68 -38.76 11.87
CA LEU D 371 1.64 -39.39 10.98
C LEU D 371 2.94 -38.59 10.90
N GLN D 372 2.83 -37.25 10.86
CA GLN D 372 4.01 -36.42 10.80
C GLN D 372 4.76 -36.42 12.13
N GLN D 373 4.04 -36.43 13.25
CA GLN D 373 4.69 -36.48 14.56
C GLN D 373 5.43 -37.80 14.74
N GLY D 374 4.83 -38.91 14.31
CA GLY D 374 5.46 -40.22 14.45
C GLY D 374 4.69 -41.15 15.36
N GLU E 15 0.01 -3.60 -48.97
CA GLU E 15 0.53 -3.47 -47.61
C GLU E 15 -0.33 -4.26 -46.63
N LYS E 16 -1.59 -3.85 -46.47
CA LYS E 16 -2.50 -4.54 -45.57
C LYS E 16 -2.83 -5.94 -46.10
N ARG E 17 -3.43 -6.01 -47.28
CA ARG E 17 -3.70 -7.31 -47.90
C ARG E 17 -2.39 -8.04 -48.20
N ALA E 18 -1.33 -7.30 -48.50
CA ALA E 18 -0.02 -7.91 -48.69
C ALA E 18 0.46 -8.58 -47.41
N HIS E 19 0.25 -7.92 -46.25
CA HIS E 19 0.62 -8.53 -44.98
C HIS E 19 -0.23 -9.76 -44.70
N GLN E 20 -1.53 -9.70 -45.03
CA GLN E 20 -2.39 -10.87 -44.86
C GLN E 20 -1.90 -12.04 -45.70
N GLU E 21 -1.54 -11.77 -46.95
CA GLU E 21 -1.01 -12.81 -47.84
C GLU E 21 0.31 -13.36 -47.33
N GLN E 22 1.18 -12.50 -46.81
CA GLN E 22 2.45 -12.97 -46.25
C GLN E 22 2.21 -13.89 -45.05
N THR E 23 1.27 -13.52 -44.18
CA THR E 23 0.94 -14.37 -43.04
C THR E 23 0.38 -15.71 -43.50
N GLU E 24 -0.49 -15.69 -44.51
CA GLU E 24 -1.04 -16.93 -45.04
C GLU E 24 0.07 -17.81 -45.63
N LYS E 25 1.01 -17.20 -46.36
CA LYS E 25 2.12 -17.96 -46.91
C LYS E 25 2.99 -18.57 -45.81
N THR E 26 3.24 -17.80 -44.75
CA THR E 26 4.03 -18.32 -43.64
C THR E 26 3.34 -19.49 -42.96
N LEU E 27 2.02 -19.39 -42.74
CA LEU E 27 1.33 -20.50 -42.10
C LEU E 27 1.26 -21.73 -43.01
N LYS E 28 1.10 -21.52 -44.32
CA LYS E 28 1.12 -22.65 -45.25
C LYS E 28 2.49 -23.32 -45.27
N GLN E 29 3.57 -22.52 -45.24
CA GLN E 29 4.91 -23.10 -45.18
C GLN E 29 5.11 -23.86 -43.88
N ALA E 30 4.56 -23.35 -42.77
CA ALA E 30 4.64 -24.06 -41.51
C ALA E 30 3.93 -25.40 -41.58
N ALA E 31 2.75 -25.42 -42.21
CA ALA E 31 2.03 -26.68 -42.39
C ALA E 31 2.82 -27.65 -43.26
N TYR E 32 3.45 -27.14 -44.32
CA TYR E 32 4.27 -27.99 -45.19
C TYR E 32 5.45 -28.58 -44.42
N VAL E 33 6.10 -27.77 -43.58
CA VAL E 33 7.22 -28.27 -42.79
C VAL E 33 6.73 -29.28 -41.77
N ALA E 34 5.53 -29.08 -41.22
CA ALA E 34 4.96 -30.07 -40.31
C ALA E 34 4.72 -31.39 -41.02
N ALA E 35 4.20 -31.35 -42.24
CA ALA E 35 4.02 -32.57 -43.01
C ALA E 35 5.35 -33.24 -43.32
N PHE E 36 6.37 -32.43 -43.64
CA PHE E 36 7.71 -32.97 -43.89
C PHE E 36 8.26 -33.65 -42.66
N LEU E 37 8.08 -33.05 -41.49
CA LEU E 37 8.50 -33.70 -40.25
C LEU E 37 7.74 -34.99 -40.00
N TRP E 38 6.43 -34.99 -40.32
CA TRP E 38 5.63 -36.20 -40.14
C TRP E 38 6.14 -37.34 -41.02
N VAL E 39 6.51 -37.03 -42.27
CA VAL E 39 7.03 -38.06 -43.17
C VAL E 39 8.51 -38.33 -42.97
N SER E 40 9.20 -37.51 -42.17
CA SER E 40 10.63 -37.68 -41.98
C SER E 40 11.06 -39.03 -41.40
N PRO E 41 10.40 -39.60 -40.38
CA PRO E 41 10.91 -40.87 -39.83
C PRO E 41 11.03 -41.98 -40.86
N MET E 42 10.05 -42.12 -41.75
CA MET E 42 10.13 -43.15 -42.78
C MET E 42 11.26 -42.87 -43.75
N ILE E 43 11.46 -41.59 -44.11
CA ILE E 43 12.56 -41.24 -45.01
C ILE E 43 13.89 -41.58 -44.39
N TRP E 44 14.07 -41.26 -43.10
CA TRP E 44 15.33 -41.56 -42.44
C TRP E 44 15.53 -43.06 -42.26
N HIS E 45 14.45 -43.81 -42.01
CA HIS E 45 14.56 -45.26 -41.94
C HIS E 45 15.00 -45.84 -43.29
N LEU E 46 14.44 -45.33 -44.38
CA LEU E 46 14.86 -45.79 -45.71
C LEU E 46 16.31 -45.41 -45.99
N VAL E 47 16.74 -44.22 -45.56
CA VAL E 47 18.12 -43.81 -45.75
C VAL E 47 19.06 -44.73 -44.98
N LYS E 48 18.71 -45.05 -43.73
CA LYS E 48 19.53 -45.96 -42.93
C LYS E 48 19.57 -47.35 -43.56
N LYS E 49 18.45 -47.82 -44.09
CA LYS E 49 18.43 -49.12 -44.76
C LYS E 49 19.33 -49.11 -45.99
N GLN E 50 19.29 -48.02 -46.77
CA GLN E 50 20.15 -47.91 -47.95
C GLN E 50 21.62 -47.88 -47.54
N TRP E 51 21.96 -47.14 -46.49
CA TRP E 51 23.34 -47.06 -46.02
C TRP E 51 23.58 -48.02 -44.86
N PHE F 28 40.52 -7.77 -34.79
CA PHE F 28 39.73 -6.62 -34.36
C PHE F 28 38.52 -6.42 -35.27
N LYS F 29 37.35 -6.85 -34.78
CA LYS F 29 36.10 -6.70 -35.52
C LYS F 29 35.11 -5.80 -34.82
N GLU F 30 34.83 -6.04 -33.54
CA GLU F 30 33.87 -5.24 -32.76
C GLU F 30 32.51 -5.18 -33.45
N SER F 31 32.02 -6.34 -33.86
CA SER F 31 30.78 -6.46 -34.62
C SER F 31 29.84 -7.44 -33.93
N PRO F 32 28.53 -7.35 -34.23
CA PRO F 32 27.60 -8.35 -33.70
C PRO F 32 27.97 -9.78 -34.09
N LEU F 33 28.46 -9.98 -35.31
CA LEU F 33 28.95 -11.30 -35.69
C LEU F 33 30.14 -11.71 -34.83
N TYR F 34 31.03 -10.76 -34.54
CA TYR F 34 32.18 -11.05 -33.68
C TYR F 34 31.74 -11.46 -32.28
N THR F 35 30.76 -10.75 -31.71
CA THR F 35 30.32 -11.11 -30.36
C THR F 35 29.53 -12.42 -30.35
N ILE F 36 28.81 -12.72 -31.43
CA ILE F 36 28.15 -14.02 -31.54
C ILE F 36 29.19 -15.13 -31.58
N ALA F 37 30.25 -14.94 -32.37
CA ALA F 37 31.32 -15.93 -32.43
C ALA F 37 32.01 -16.09 -31.08
N LEU F 38 32.22 -14.98 -30.37
CA LEU F 38 32.83 -15.05 -29.05
C LEU F 38 31.95 -15.80 -28.06
N ASN F 39 30.63 -15.56 -28.10
CA ASN F 39 29.72 -16.29 -27.23
C ASN F 39 29.70 -17.77 -27.56
N GLY F 40 29.74 -18.10 -28.86
CA GLY F 40 29.83 -19.51 -29.24
C GLY F 40 31.11 -20.15 -28.77
N ALA F 41 32.23 -19.42 -28.85
CA ALA F 41 33.49 -19.94 -28.34
C ALA F 41 33.43 -20.17 -26.84
N PHE F 42 32.80 -19.25 -26.10
CA PHE F 42 32.60 -19.45 -24.67
C PHE F 42 31.77 -20.70 -24.41
N PHE F 43 30.70 -20.88 -25.18
CA PHE F 43 29.84 -22.04 -24.98
C PHE F 43 30.59 -23.35 -25.25
N VAL F 44 31.35 -23.40 -26.35
CA VAL F 44 32.06 -24.63 -26.66
C VAL F 44 33.17 -24.90 -25.65
N ALA F 45 33.84 -23.84 -25.15
CA ALA F 45 34.83 -24.03 -24.10
C ALA F 45 34.18 -24.57 -22.83
N GLY F 46 33.01 -24.05 -22.47
CA GLY F 46 32.30 -24.57 -21.31
C GLY F 46 31.88 -26.02 -21.49
N VAL F 47 31.42 -26.37 -22.69
CA VAL F 47 31.04 -27.76 -22.97
C VAL F 47 32.25 -28.68 -22.86
N ALA F 48 33.40 -28.24 -23.39
CA ALA F 48 34.62 -29.03 -23.27
C ALA F 48 35.03 -29.20 -21.81
N PHE F 49 34.90 -28.13 -21.02
CA PHE F 49 35.21 -28.23 -19.60
C PHE F 49 34.28 -29.22 -18.90
N ILE F 50 32.99 -29.18 -19.23
CA ILE F 50 32.04 -30.11 -18.62
C ILE F 50 32.40 -31.55 -18.99
N GLN F 51 32.72 -31.79 -20.26
CA GLN F 51 33.09 -33.13 -20.71
C GLN F 51 34.42 -33.59 -20.13
N SER F 52 35.30 -32.67 -19.75
CA SER F 52 36.60 -33.02 -19.22
C SER F 52 36.46 -33.64 -17.82
N PRO F 53 37.43 -34.46 -17.41
CA PRO F 53 37.38 -35.03 -16.06
C PRO F 53 37.50 -34.00 -14.95
N LEU F 54 37.90 -32.78 -15.27
CA LEU F 54 37.97 -31.72 -14.25
C LEU F 54 36.58 -31.46 -13.65
N MET F 55 35.55 -31.41 -14.50
CA MET F 55 34.20 -31.21 -14.00
C MET F 55 33.75 -32.39 -13.13
N ASP F 56 34.11 -33.62 -13.53
CA ASP F 56 33.76 -34.78 -12.73
C ASP F 56 34.44 -34.73 -11.36
N MET F 57 35.70 -34.32 -11.33
CA MET F 57 36.40 -34.18 -10.05
C MET F 57 35.89 -32.99 -9.25
N LEU F 58 35.24 -32.02 -9.89
CA LEU F 58 34.67 -30.90 -9.16
C LEU F 58 33.57 -31.36 -8.21
N ALA F 59 32.93 -32.48 -8.51
CA ALA F 59 31.89 -33.03 -7.65
C ALA F 59 32.50 -33.74 -6.46
N PRO F 60 32.10 -33.40 -5.23
CA PRO F 60 32.65 -34.09 -4.06
C PRO F 60 32.20 -35.54 -3.99
N GLN F 61 32.96 -36.32 -3.23
CA GLN F 61 32.67 -37.75 -3.11
C GLN F 61 31.30 -38.00 -2.49
N LEU F 62 30.95 -37.22 -1.46
CA LEU F 62 29.66 -37.37 -0.80
C LEU F 62 28.53 -36.86 -1.68
#